data_4F52
#
_entry.id   4F52
#
_cell.length_a   53.333
_cell.length_b   193.932
_cell.length_c   142.075
_cell.angle_alpha   90.00
_cell.angle_beta   98.81
_cell.angle_gamma   90.00
#
_symmetry.space_group_name_H-M   'P 1 21 1'
#
loop_
_entity.id
_entity.type
_entity.pdbx_description
1 polymer Cullin-1
2 polymer 'E3 ubiquitin-protein ligase RBX1'
3 polymer Glomulin
4 non-polymer 'ZINC ION'
#
loop_
_entity_poly.entity_id
_entity_poly.type
_entity_poly.pdbx_seq_one_letter_code
_entity_poly.pdbx_strand_id
1 'polypeptide(L)'
;GSMAQSSSKSPEELARYCDSLLKKSSKNPEEAELEDTLNQVMEKFKKIEDKDVFQKFYAKMLAKRLVHQNSASDDAEASM
ISKLKQACGFEYTSKLQRMFQDIGVSKDLNEQFKKHLTNSEPLDLDFSIQVLSSGSWPFQQSCTFALPSELERSYQRFTA
FYASRHSGRKLTWLYQLSKGELVTNCFKNRYTLQASTFQMAILLQYNTEDAYTVQQLTDSTQIKMDILAQVLQILLKSKL
LVLEDENANVDEVELKPDTLIKLYLGYKNKKLRVNINVPMKT
;
A,C
2 'polypeptide(L)'
;GSMDVDTPSGTNSGAGKKRFEVKKWNAVALWAWDIVVDNCAICRNHIMDLCIECQANQASATSEECTVAWGVCNHAFHFH
CISRWLKTRQVCPLDNREWEFQKYGH
;
B,D
3 'polypeptide(L)'
;GSMAVEELQSIIKRCQILEEQDFKEEDFGLFQLAGQRCIEEGHTDQLLEIIQNEKNKVIIKNMGWNLVGPVVRCLLCKDK
EDSKRKVYFLIFDLLVKLCNPKELLLGLLELIEEPSGKQISQSILLLLQPLQTVIQKLHNKAYSIGLALSTLWNQLSLLP
VPYSKEQIQMDDYGLCQCCKALIEFTKPFVEEVIDNKENSLENEKLKDELLKFCFKSLKCPLLTAQFFEQSEEGGNDPFR
YFASEIIGFLSAIGHPFPKMIFNHGRKKRTWNYLEFEEEENKQLADSMASLAYLVFVQGIHIDQLPMVLSPLYLLQFNMG
HIEVFLQRTEESVISKGLELLENSLLRIEDNSLLYQYLEIKSFLTVPQGLVKVMTLCPIETLRKKSLAMLQLYINKLDSQ
GKYTLFRCLLNTSNHSGVEAFIIQNIKNQIDMSLKRTRNNKWFTGPQLISLLDLVLFLPEGAETDLLQNSDRIMASLNLL
RYLVIKDNENDNQTGLWTELGNIENNFLKPLHIGLNMSKAHYEAEIKNSQEAQKSKDLCSITVSGEEIPNMPPEMQLKVL
HSALFTFDLIESVLARVEELIEIKTKSTSEENIGIK
;
E,F
#
loop_
_chem_comp.id
_chem_comp.type
_chem_comp.name
_chem_comp.formula
ZN non-polymer 'ZINC ION' 'Zn 2'
#
# COMPACT_ATOMS: atom_id res chain seq x y z
N GLU A 12 -4.00 -42.82 5.34
CA GLU A 12 -3.52 -41.46 5.16
C GLU A 12 -4.54 -40.43 5.66
N GLU A 13 -5.61 -40.23 4.89
CA GLU A 13 -6.64 -39.24 5.25
C GLU A 13 -7.18 -39.49 6.65
N LEU A 14 -7.13 -40.74 7.09
CA LEU A 14 -7.52 -41.11 8.45
C LEU A 14 -6.76 -40.24 9.45
N ALA A 15 -5.56 -39.81 9.06
CA ALA A 15 -4.74 -38.90 9.86
C ALA A 15 -5.16 -37.45 9.62
N ARG A 16 -5.06 -37.02 8.36
CA ARG A 16 -5.33 -35.64 7.98
C ARG A 16 -6.61 -35.12 8.61
N TYR A 17 -7.63 -35.96 8.66
CA TYR A 17 -8.92 -35.56 9.22
C TYR A 17 -8.75 -34.94 10.61
N CYS A 18 -7.91 -35.56 11.43
CA CYS A 18 -7.67 -35.12 12.80
C CYS A 18 -7.05 -33.72 12.87
N ASP A 19 -6.10 -33.44 11.98
CA ASP A 19 -5.45 -32.13 11.95
C ASP A 19 -6.37 -31.06 11.34
N SER A 20 -7.20 -31.45 10.37
CA SER A 20 -8.17 -30.54 9.75
C SER A 20 -9.27 -30.14 10.73
N LEU A 21 -9.61 -31.06 11.63
CA LEU A 21 -10.56 -30.79 12.69
C LEU A 21 -9.91 -29.99 13.82
N LEU A 22 -8.64 -30.26 14.06
CA LEU A 22 -7.93 -29.68 15.20
C LEU A 22 -7.16 -28.39 14.89
N LYS A 23 -7.18 -27.99 13.61
CA LYS A 23 -6.46 -26.80 13.15
C LYS A 23 -6.94 -25.54 13.85
N LEU A 34 -16.59 -32.55 21.89
CA LEU A 34 -15.23 -32.02 21.75
C LEU A 34 -14.18 -33.14 21.81
N GLU A 35 -13.76 -33.51 23.03
CA GLU A 35 -12.97 -34.73 23.20
C GLU A 35 -13.86 -35.88 22.79
N ASP A 36 -15.16 -35.64 22.83
CA ASP A 36 -16.14 -36.54 22.25
C ASP A 36 -15.79 -36.77 20.78
N THR A 37 -15.84 -35.71 20.00
CA THR A 37 -15.53 -35.78 18.56
C THR A 37 -14.12 -36.29 18.32
N LEU A 38 -13.31 -36.37 19.38
CA LEU A 38 -11.99 -36.99 19.35
C LEU A 38 -12.10 -38.50 19.42
N ASN A 39 -12.66 -38.97 20.53
CA ASN A 39 -12.93 -40.39 20.73
C ASN A 39 -13.70 -40.99 19.55
N GLN A 40 -14.55 -40.19 18.93
CA GLN A 40 -15.34 -40.65 17.77
C GLN A 40 -14.42 -41.01 16.60
N VAL A 41 -13.21 -40.44 16.59
CA VAL A 41 -12.13 -40.92 15.74
C VAL A 41 -11.40 -42.10 16.39
N MET A 42 -11.20 -42.00 17.71
CA MET A 42 -10.45 -43.00 18.47
C MET A 42 -11.03 -44.41 18.33
N GLU A 43 -12.31 -44.51 17.99
CA GLU A 43 -12.90 -45.82 17.67
C GLU A 43 -12.36 -46.31 16.32
N LYS A 44 -12.39 -45.44 15.32
CA LYS A 44 -11.90 -45.80 14.00
C LYS A 44 -10.39 -46.01 14.00
N PHE A 45 -9.75 -45.60 15.09
CA PHE A 45 -8.30 -45.74 15.23
C PHE A 45 -7.89 -47.21 15.22
N LYS A 46 -8.67 -48.05 15.88
CA LYS A 46 -8.39 -49.47 15.96
C LYS A 46 -8.45 -50.11 14.57
N LYS A 47 -9.43 -49.71 13.77
CA LYS A 47 -9.60 -50.24 12.43
C LYS A 47 -9.48 -51.75 12.42
N ASP A 50 -1.79 -50.84 10.72
CA ASP A 50 -0.69 -50.13 10.06
C ASP A 50 -0.47 -48.74 10.67
N LYS A 51 -0.63 -48.66 11.99
CA LYS A 51 -0.60 -47.40 12.74
C LYS A 51 0.71 -46.61 12.66
N ASP A 52 1.80 -47.22 12.19
CA ASP A 52 3.09 -46.54 12.17
C ASP A 52 3.13 -45.47 11.07
N VAL A 53 3.00 -45.91 9.82
CA VAL A 53 2.96 -44.99 8.70
C VAL A 53 1.88 -43.92 8.93
N PHE A 54 0.88 -44.27 9.76
CA PHE A 54 -0.11 -43.29 10.22
C PHE A 54 0.50 -42.25 11.17
N GLN A 55 1.30 -42.74 12.12
CA GLN A 55 1.94 -41.88 13.11
C GLN A 55 2.97 -40.95 12.47
N LYS A 56 3.55 -41.35 11.33
CA LYS A 56 4.41 -40.46 10.54
C LYS A 56 3.64 -39.21 10.12
N PHE A 57 2.61 -39.44 9.31
CA PHE A 57 1.72 -38.40 8.84
C PHE A 57 1.18 -37.55 9.98
N TYR A 58 0.62 -38.19 11.00
CA TYR A 58 0.07 -37.47 12.16
C TYR A 58 1.13 -36.59 12.81
N ALA A 59 2.34 -37.13 12.94
CA ALA A 59 3.48 -36.37 13.42
C ALA A 59 3.60 -35.10 12.59
N LYS A 60 3.86 -35.25 11.29
CA LYS A 60 4.01 -34.09 10.42
C LYS A 60 2.89 -33.08 10.67
N MET A 61 1.65 -33.56 10.66
CA MET A 61 0.48 -32.72 10.91
C MET A 61 0.76 -31.89 12.17
N LEU A 62 0.95 -32.58 13.29
CA LEU A 62 1.23 -31.93 14.57
C LEU A 62 2.35 -30.89 14.50
N ALA A 63 3.49 -31.28 13.93
CA ALA A 63 4.66 -30.42 13.78
C ALA A 63 4.31 -29.06 13.12
N LYS A 64 3.62 -29.15 11.99
CA LYS A 64 3.19 -27.95 11.29
C LYS A 64 2.27 -27.16 12.21
N ARG A 65 1.27 -27.82 12.78
CA ARG A 65 0.33 -27.15 13.68
C ARG A 65 1.06 -26.45 14.83
N LEU A 66 2.29 -26.85 15.06
CA LEU A 66 3.03 -26.35 16.21
C LEU A 66 3.86 -25.14 15.87
N VAL A 67 4.86 -25.31 15.01
CA VAL A 67 5.75 -24.20 14.67
C VAL A 67 5.03 -22.94 14.16
N HIS A 68 3.87 -23.14 13.55
CA HIS A 68 3.08 -22.03 12.99
C HIS A 68 2.16 -21.46 14.06
N GLN A 69 2.32 -21.94 15.28
CA GLN A 69 1.41 -21.62 16.38
C GLN A 69 0.02 -22.07 16.01
N ASN A 70 -0.96 -21.20 16.15
CA ASN A 70 -2.33 -21.61 15.90
C ASN A 70 -2.62 -22.95 16.60
N SER A 71 -3.23 -23.89 15.88
CA SER A 71 -3.65 -25.19 16.42
C SER A 71 -4.72 -25.17 17.53
N ALA A 72 -5.80 -24.41 17.33
CA ALA A 72 -6.98 -24.43 18.20
C ALA A 72 -6.65 -24.45 19.70
N SER A 73 -7.17 -25.47 20.39
CA SER A 73 -6.98 -25.67 21.83
C SER A 73 -5.84 -26.65 22.16
N ASP A 74 -4.84 -26.14 22.88
CA ASP A 74 -3.61 -26.86 23.20
C ASP A 74 -3.85 -28.00 24.21
N ASP A 75 -4.64 -27.70 25.24
CA ASP A 75 -5.01 -28.70 26.24
C ASP A 75 -5.67 -29.92 25.58
N ALA A 76 -6.36 -29.67 24.47
CA ALA A 76 -7.06 -30.71 23.69
C ALA A 76 -6.07 -31.57 22.91
N GLU A 77 -5.03 -30.94 22.38
CA GLU A 77 -3.96 -31.65 21.72
C GLU A 77 -3.31 -32.58 22.74
N ALA A 78 -3.04 -32.05 23.94
CA ALA A 78 -2.44 -32.86 25.01
C ALA A 78 -3.35 -34.02 25.44
N SER A 79 -4.66 -33.78 25.52
CA SER A 79 -5.57 -34.87 25.85
C SER A 79 -5.55 -35.93 24.76
N MET A 80 -5.39 -35.51 23.51
CA MET A 80 -5.28 -36.47 22.39
C MET A 80 -4.04 -37.32 22.55
N ILE A 81 -2.90 -36.65 22.73
CA ILE A 81 -1.66 -37.34 23.03
C ILE A 81 -1.90 -38.37 24.13
N SER A 82 -2.14 -37.90 25.35
CA SER A 82 -2.28 -38.80 26.50
C SER A 82 -3.32 -39.89 26.24
N LYS A 83 -4.27 -39.63 25.34
CA LYS A 83 -5.25 -40.66 24.95
C LYS A 83 -4.56 -41.74 24.12
N LEU A 84 -3.65 -41.32 23.23
CA LEU A 84 -2.84 -42.25 22.45
C LEU A 84 -1.81 -42.99 23.31
N LYS A 85 -1.34 -42.31 24.35
CA LYS A 85 -0.34 -42.83 25.27
C LYS A 85 -0.69 -44.22 25.77
N GLN A 86 -1.73 -44.32 26.57
CA GLN A 86 -2.13 -45.61 27.13
C GLN A 86 -2.46 -46.61 26.02
N ALA A 87 -3.09 -46.11 24.96
CA ALA A 87 -3.50 -46.94 23.82
C ALA A 87 -2.35 -47.71 23.17
N CYS A 88 -1.43 -46.99 22.52
CA CYS A 88 -0.32 -47.62 21.80
C CYS A 88 1.01 -47.69 22.58
N GLY A 89 0.99 -47.27 23.83
CA GLY A 89 2.20 -47.31 24.65
C GLY A 89 3.15 -46.16 24.43
N PHE A 90 4.21 -46.15 25.22
CA PHE A 90 5.20 -45.06 25.30
C PHE A 90 5.82 -44.57 23.99
N GLU A 91 6.61 -45.43 23.35
CA GLU A 91 7.43 -45.04 22.20
C GLU A 91 6.62 -44.50 21.01
N TYR A 92 5.40 -44.98 20.87
CA TYR A 92 4.53 -44.48 19.81
C TYR A 92 4.35 -42.97 19.98
N THR A 93 3.92 -42.55 21.17
CA THR A 93 3.81 -41.14 21.50
C THR A 93 5.12 -40.37 21.51
N SER A 94 6.14 -40.93 22.15
CA SER A 94 7.17 -40.11 22.81
C SER A 94 7.66 -38.90 22.01
N LYS A 95 7.84 -39.05 20.70
CA LYS A 95 8.24 -37.92 19.84
C LYS A 95 7.20 -36.76 19.91
N LEU A 96 5.93 -37.15 19.91
CA LEU A 96 4.84 -36.22 20.14
C LEU A 96 5.12 -35.40 21.41
N GLN A 97 5.21 -36.11 22.53
CA GLN A 97 5.46 -35.48 23.82
C GLN A 97 6.65 -34.54 23.77
N ARG A 98 7.65 -34.93 23.00
CA ARG A 98 8.87 -34.14 22.92
C ARG A 98 8.64 -32.86 22.17
N MET A 99 7.83 -32.91 21.13
CA MET A 99 7.46 -31.68 20.41
C MET A 99 6.68 -30.70 21.29
N PHE A 100 5.61 -31.18 21.93
CA PHE A 100 4.88 -30.38 22.92
C PHE A 100 5.85 -29.68 23.89
N GLN A 101 6.49 -30.50 24.73
CA GLN A 101 7.25 -29.94 25.83
C GLN A 101 8.39 -29.10 25.27
N ASP A 102 8.74 -29.38 24.02
CA ASP A 102 9.69 -28.52 23.33
C ASP A 102 9.07 -27.14 23.14
N ILE A 103 7.78 -27.10 22.80
CA ILE A 103 7.06 -25.82 22.66
C ILE A 103 7.02 -25.01 23.97
N GLY A 104 6.61 -25.68 25.06
CA GLY A 104 6.63 -25.03 26.37
C GLY A 104 8.02 -24.56 26.74
N VAL A 105 8.97 -25.47 26.65
CA VAL A 105 10.37 -25.14 26.84
C VAL A 105 10.77 -23.88 26.06
N SER A 106 10.30 -23.74 24.82
CA SER A 106 10.58 -22.53 24.04
C SER A 106 9.92 -21.28 24.63
N LYS A 107 8.68 -21.43 25.12
CA LYS A 107 8.00 -20.31 25.77
C LYS A 107 8.80 -19.81 26.97
N ASP A 108 9.30 -20.74 27.76
CA ASP A 108 10.01 -20.34 28.96
C ASP A 108 11.37 -19.77 28.56
N LEU A 109 11.90 -20.31 27.46
CA LEU A 109 13.17 -19.85 26.92
C LEU A 109 13.10 -18.39 26.51
N ASN A 110 12.09 -18.07 25.70
CA ASN A 110 11.82 -16.71 25.28
C ASN A 110 11.63 -15.80 26.48
N GLU A 111 10.75 -16.19 27.43
CA GLU A 111 10.62 -15.43 28.68
C GLU A 111 11.99 -15.06 29.26
N GLN A 112 12.76 -16.09 29.61
CA GLN A 112 14.10 -15.88 30.16
C GLN A 112 14.96 -14.94 29.30
N PHE A 113 14.93 -15.12 27.99
CA PHE A 113 15.74 -14.27 27.11
C PHE A 113 15.32 -12.81 27.18
N LYS A 114 14.01 -12.57 27.26
CA LYS A 114 13.50 -11.19 27.30
C LYS A 114 13.95 -10.58 28.59
N LYS A 115 14.04 -11.41 29.63
CA LYS A 115 14.47 -10.94 30.94
C LYS A 115 15.98 -10.66 31.00
N HIS A 116 16.76 -11.54 30.39
CA HIS A 116 18.22 -11.42 30.28
C HIS A 116 18.67 -10.23 29.43
N LEU A 117 17.85 -9.83 28.46
CA LEU A 117 18.28 -8.70 27.66
C LEU A 117 17.98 -7.43 28.41
N THR A 118 17.06 -7.54 29.37
CA THR A 118 16.42 -6.41 30.02
C THR A 118 17.42 -5.44 30.63
N ASN A 119 18.66 -5.85 30.81
CA ASN A 119 19.64 -4.89 31.29
C ASN A 119 20.53 -4.23 30.24
N SER A 120 20.36 -4.66 29.00
CA SER A 120 21.23 -4.24 27.93
C SER A 120 20.45 -3.35 26.97
N GLU A 121 21.12 -2.90 25.90
CA GLU A 121 20.39 -2.22 24.84
C GLU A 121 19.40 -3.23 24.26
N PRO A 122 18.16 -2.78 24.02
CA PRO A 122 17.09 -3.67 23.54
C PRO A 122 17.31 -4.01 22.07
N LEU A 123 16.65 -5.06 21.60
CA LEU A 123 16.61 -5.29 20.17
C LEU A 123 15.55 -4.39 19.54
N ASP A 124 15.95 -3.68 18.50
CA ASP A 124 15.06 -2.78 17.78
C ASP A 124 13.90 -3.55 17.12
N LEU A 125 14.14 -4.80 16.77
CA LEU A 125 13.05 -5.63 16.32
C LEU A 125 12.41 -6.42 17.46
N ASP A 126 11.32 -7.10 17.16
CA ASP A 126 10.56 -7.89 18.12
C ASP A 126 10.85 -9.40 17.84
N PHE A 127 11.58 -10.00 18.77
CA PHE A 127 12.23 -11.31 18.56
C PHE A 127 11.56 -12.49 19.24
N SER A 128 11.37 -13.59 18.53
CA SER A 128 11.03 -14.87 19.16
C SER A 128 11.78 -16.02 18.53
N ILE A 129 11.96 -17.09 19.29
CA ILE A 129 12.52 -18.30 18.72
C ILE A 129 11.89 -19.54 19.33
N GLN A 130 11.51 -20.50 18.50
CA GLN A 130 11.17 -21.80 19.05
C GLN A 130 12.41 -22.68 18.86
N VAL A 131 12.96 -23.23 19.95
CA VAL A 131 14.05 -24.20 19.80
C VAL A 131 13.49 -25.62 19.88
N LEU A 132 13.85 -26.47 18.92
CA LEU A 132 13.29 -27.84 18.88
C LEU A 132 14.33 -28.99 19.00
N SER A 133 13.90 -30.12 19.56
CA SER A 133 14.83 -31.25 19.69
C SER A 133 14.99 -31.88 18.31
N SER A 134 16.21 -31.75 17.79
CA SER A 134 16.47 -31.99 16.38
C SER A 134 15.97 -33.36 16.01
N GLY A 135 16.19 -34.30 16.94
CA GLY A 135 15.71 -35.65 16.86
C GLY A 135 14.22 -35.90 16.58
N SER A 136 13.32 -35.26 17.33
CA SER A 136 11.88 -35.57 17.25
C SER A 136 11.09 -34.83 16.17
N TRP A 137 11.71 -33.82 15.56
CA TRP A 137 11.04 -33.05 14.51
C TRP A 137 11.48 -33.45 13.11
N PRO A 138 10.51 -33.66 12.21
CA PRO A 138 10.71 -33.93 10.78
C PRO A 138 11.64 -32.96 10.05
N PHE A 139 11.69 -31.70 10.48
CA PHE A 139 12.42 -30.64 9.76
C PHE A 139 13.87 -31.02 9.55
N GLN A 140 14.44 -30.59 8.43
CA GLN A 140 15.76 -31.04 8.06
C GLN A 140 16.64 -29.99 7.40
N GLN A 141 17.94 -30.27 7.41
CA GLN A 141 18.91 -29.84 6.39
C GLN A 141 19.17 -28.33 6.26
N SER A 142 18.36 -27.53 6.93
CA SER A 142 18.55 -26.09 6.88
C SER A 142 18.69 -25.66 5.41
N CYS A 143 19.52 -24.65 5.17
CA CYS A 143 19.90 -24.28 3.82
C CYS A 143 21.13 -23.41 3.87
N THR A 144 21.87 -23.34 2.76
CA THR A 144 22.83 -22.26 2.59
C THR A 144 22.06 -20.96 2.82
N PHE A 145 22.61 -20.06 3.64
CA PHE A 145 21.98 -18.78 3.83
C PHE A 145 22.96 -17.78 4.37
N ALA A 146 22.80 -16.51 4.03
CA ALA A 146 23.67 -15.51 4.59
C ALA A 146 22.83 -14.57 5.45
N LEU A 147 23.06 -14.59 6.75
CA LEU A 147 22.24 -13.82 7.68
C LEU A 147 22.46 -12.35 7.40
N PRO A 148 21.34 -11.62 7.27
CA PRO A 148 21.30 -10.17 7.01
C PRO A 148 21.84 -9.39 8.22
N SER A 149 22.72 -8.42 8.03
CA SER A 149 23.26 -7.63 9.14
C SER A 149 22.18 -7.16 10.12
N GLU A 150 21.09 -6.63 9.56
CA GLU A 150 19.96 -6.26 10.36
C GLU A 150 19.48 -7.44 11.20
N LEU A 151 19.79 -8.65 10.78
CA LEU A 151 19.36 -9.83 11.54
C LEU A 151 20.42 -10.43 12.53
N GLU A 152 21.61 -9.83 12.53
CA GLU A 152 22.79 -10.39 13.14
C GLU A 152 22.75 -10.37 14.66
N ARG A 153 22.72 -9.16 15.23
CA ARG A 153 22.73 -8.96 16.69
C ARG A 153 21.70 -9.84 17.41
N SER A 154 20.44 -9.82 16.95
CA SER A 154 19.47 -10.75 17.53
C SER A 154 20.13 -12.09 17.67
N TYR A 155 20.49 -12.68 16.53
CA TYR A 155 21.21 -13.95 16.47
C TYR A 155 22.45 -13.98 17.41
N GLN A 156 23.39 -13.05 17.26
CA GLN A 156 24.58 -13.09 18.10
C GLN A 156 24.22 -13.19 19.59
N ARG A 157 23.09 -12.60 19.94
CA ARG A 157 22.77 -12.45 21.35
C ARG A 157 22.16 -13.69 21.86
N PHE A 158 21.32 -14.31 21.03
CA PHE A 158 20.64 -15.51 21.48
C PHE A 158 21.53 -16.75 21.45
N THR A 159 22.33 -16.87 20.39
CA THR A 159 23.36 -17.89 20.41
C THR A 159 24.08 -17.86 21.76
N ALA A 160 24.77 -16.77 22.05
CA ALA A 160 25.58 -16.71 23.28
C ALA A 160 24.76 -16.89 24.54
N PHE A 161 23.44 -16.78 24.42
CA PHE A 161 22.60 -16.98 25.57
C PHE A 161 22.34 -18.45 25.79
N TYR A 162 22.05 -19.17 24.72
CA TYR A 162 21.76 -20.60 24.81
C TYR A 162 22.97 -21.36 25.39
N ALA A 163 24.15 -20.99 24.90
CA ALA A 163 25.41 -21.47 25.43
C ALA A 163 25.58 -21.27 26.96
N SER A 164 24.92 -20.27 27.52
CA SER A 164 24.94 -20.05 28.95
C SER A 164 24.00 -21.00 29.67
N ARG A 165 22.83 -21.24 29.07
CA ARG A 165 21.83 -22.11 29.73
C ARG A 165 22.20 -23.56 29.51
N HIS A 166 22.72 -23.88 28.33
CA HIS A 166 23.26 -25.22 28.13
C HIS A 166 24.60 -25.26 27.40
N SER A 167 25.67 -25.65 28.10
CA SER A 167 26.89 -25.97 27.40
C SER A 167 26.72 -27.36 26.80
N GLY A 168 27.44 -27.63 25.71
CA GLY A 168 27.46 -28.95 25.12
C GLY A 168 26.46 -29.17 24.01
N ARG A 169 25.73 -28.11 23.69
CA ARG A 169 24.65 -28.18 22.71
C ARG A 169 25.08 -27.45 21.46
N LYS A 170 24.51 -27.82 20.32
CA LYS A 170 24.75 -27.07 19.09
C LYS A 170 23.43 -26.64 18.50
N LEU A 171 23.38 -25.38 18.06
CA LEU A 171 22.16 -24.76 17.50
C LEU A 171 22.20 -24.69 16.00
N THR A 172 21.12 -25.18 15.39
CA THR A 172 21.08 -25.22 13.94
C THR A 172 19.84 -24.48 13.44
N TRP A 173 20.09 -23.33 12.82
CA TRP A 173 19.00 -22.40 12.49
C TRP A 173 18.33 -22.73 11.18
N LEU A 174 17.03 -22.99 11.22
CA LEU A 174 16.33 -23.29 9.99
C LEU A 174 15.59 -22.06 9.50
N TYR A 175 16.21 -21.36 8.55
CA TYR A 175 15.66 -20.10 8.10
C TYR A 175 14.39 -20.33 7.26
N GLN A 176 14.46 -21.30 6.36
CA GLN A 176 13.33 -21.61 5.49
C GLN A 176 12.00 -21.85 6.24
N LEU A 177 12.07 -22.09 7.55
CA LEU A 177 10.87 -22.05 8.38
C LEU A 177 10.73 -20.74 9.14
N SER A 178 11.62 -19.79 8.87
CA SER A 178 11.67 -18.54 9.66
C SER A 178 10.95 -17.38 8.96
N LYS A 179 10.04 -16.75 9.69
CA LYS A 179 9.22 -15.67 9.13
C LYS A 179 9.43 -14.39 9.94
N GLY A 180 9.10 -13.24 9.36
CA GLY A 180 9.33 -11.95 10.00
C GLY A 180 8.41 -10.86 9.48
N GLU A 181 8.65 -9.62 9.91
CA GLU A 181 7.89 -8.44 9.46
C GLU A 181 8.82 -7.29 9.07
N LEU A 182 8.83 -6.93 7.79
CA LEU A 182 9.44 -5.68 7.35
C LEU A 182 8.52 -4.44 7.51
N VAL A 183 9.17 -3.29 7.67
CA VAL A 183 8.49 -1.99 7.64
C VAL A 183 9.16 -1.12 6.54
N THR A 184 8.37 -0.53 5.67
CA THR A 184 8.91 0.15 4.47
C THR A 184 8.90 1.68 4.59
N ASN A 185 10.06 2.30 4.36
CA ASN A 185 10.16 3.78 4.28
C ASN A 185 10.24 4.54 2.91
N CYS A 186 10.44 3.81 1.83
CA CYS A 186 10.66 4.37 0.50
C CYS A 186 9.43 4.40 -0.40
N PHE A 187 8.33 3.85 0.07
CA PHE A 187 7.08 3.91 -0.68
C PHE A 187 6.33 5.22 -0.46
N LYS A 188 5.45 5.56 -1.39
CA LYS A 188 4.56 6.68 -1.14
C LYS A 188 3.84 6.50 0.21
N ASN A 189 3.54 5.24 0.56
CA ASN A 189 2.92 4.91 1.85
C ASN A 189 3.74 3.93 2.72
N ARG A 190 3.54 3.94 4.03
CA ARG A 190 4.29 3.00 4.92
C ARG A 190 3.59 1.65 5.02
N TYR A 191 4.27 0.59 4.62
CA TYR A 191 3.63 -0.71 4.68
C TYR A 191 4.24 -1.59 5.77
N THR A 192 3.44 -2.53 6.28
CA THR A 192 3.99 -3.65 7.03
C THR A 192 3.94 -4.90 6.13
N LEU A 193 5.12 -5.39 5.78
CA LEU A 193 5.25 -6.62 4.97
C LEU A 193 5.49 -7.87 5.84
N GLN A 194 4.53 -8.80 5.85
CA GLN A 194 4.75 -10.05 6.54
C GLN A 194 5.49 -11.01 5.57
N ALA A 195 6.73 -11.37 5.90
CA ALA A 195 7.56 -12.03 4.89
C ALA A 195 8.37 -13.25 5.35
N SER A 196 8.80 -14.06 4.38
CA SER A 196 9.76 -15.11 4.64
C SER A 196 11.12 -14.49 4.98
N THR A 197 11.99 -15.27 5.62
CA THR A 197 13.31 -14.76 5.94
C THR A 197 14.15 -14.67 4.66
N PHE A 198 13.83 -15.50 3.66
CA PHE A 198 14.45 -15.35 2.36
C PHE A 198 13.94 -14.04 1.70
N GLN A 199 12.64 -13.80 1.83
CA GLN A 199 12.07 -12.53 1.39
C GLN A 199 12.78 -11.35 2.06
N MET A 200 12.76 -11.33 3.39
CA MET A 200 13.43 -10.28 4.15
C MET A 200 14.87 -10.07 3.68
N ALA A 201 15.56 -11.18 3.42
CA ALA A 201 16.99 -11.09 3.12
C ALA A 201 17.19 -10.47 1.76
N ILE A 202 16.35 -10.87 0.81
CA ILE A 202 16.34 -10.23 -0.50
C ILE A 202 16.03 -8.73 -0.37
N LEU A 203 14.80 -8.40 0.04
CA LEU A 203 14.34 -7.00 0.13
C LEU A 203 15.36 -6.09 0.79
N LEU A 204 15.87 -6.51 1.94
CA LEU A 204 16.87 -5.73 2.65
C LEU A 204 18.05 -5.36 1.77
N GLN A 205 18.26 -6.13 0.72
CA GLN A 205 19.44 -5.94 -0.12
C GLN A 205 19.24 -4.63 -0.88
N TYR A 206 18.01 -4.12 -0.82
CA TYR A 206 17.65 -2.94 -1.55
C TYR A 206 17.86 -1.63 -0.79
N ASN A 207 18.47 -1.71 0.39
CA ASN A 207 18.85 -0.50 1.09
C ASN A 207 20.17 -0.01 0.57
N THR A 208 20.74 -0.74 -0.36
CA THR A 208 22.00 -0.36 -0.98
C THR A 208 21.74 0.20 -2.37
N GLU A 209 21.19 -0.63 -3.26
CA GLU A 209 21.02 -0.25 -4.65
C GLU A 209 19.61 -0.55 -5.16
N ASP A 210 19.24 0.05 -6.30
CA ASP A 210 17.87 -0.06 -6.83
C ASP A 210 17.67 -1.23 -7.79
N ALA A 211 18.77 -1.84 -8.21
CA ALA A 211 18.69 -2.97 -9.13
C ALA A 211 19.79 -4.00 -8.87
N TYR A 212 19.42 -5.27 -8.95
CA TYR A 212 20.37 -6.34 -8.69
C TYR A 212 20.18 -7.46 -9.69
N THR A 213 21.26 -7.96 -10.27
CA THR A 213 21.17 -9.15 -11.11
C THR A 213 20.98 -10.37 -10.23
N VAL A 214 20.26 -11.38 -10.72
CA VAL A 214 20.00 -12.55 -9.91
C VAL A 214 21.32 -13.11 -9.39
N GLN A 215 22.32 -13.16 -10.27
CA GLN A 215 23.65 -13.60 -9.85
C GLN A 215 24.07 -12.86 -8.58
N GLN A 216 24.02 -11.53 -8.61
CA GLN A 216 24.40 -10.73 -7.45
C GLN A 216 23.63 -11.11 -6.18
N LEU A 217 22.35 -11.44 -6.34
CA LEU A 217 21.49 -11.84 -5.21
C LEU A 217 21.81 -13.22 -4.64
N THR A 218 22.35 -14.13 -5.45
CA THR A 218 22.81 -15.40 -4.88
C THR A 218 24.20 -15.25 -4.26
N ASP A 219 24.96 -14.28 -4.74
CA ASP A 219 26.31 -14.04 -4.21
C ASP A 219 26.23 -13.25 -2.91
N SER A 220 25.01 -12.94 -2.49
CA SER A 220 24.81 -12.05 -1.37
C SER A 220 23.99 -12.73 -0.30
N THR A 221 22.78 -13.16 -0.65
CA THR A 221 21.92 -13.85 0.32
C THR A 221 22.26 -15.34 0.45
N GLN A 222 23.22 -15.78 -0.36
CA GLN A 222 23.72 -17.16 -0.37
C GLN A 222 22.61 -18.22 -0.51
N ILE A 223 21.51 -17.83 -1.15
CA ILE A 223 20.39 -18.72 -1.36
C ILE A 223 20.55 -19.50 -2.66
N LYS A 224 20.49 -20.84 -2.57
CA LYS A 224 20.69 -21.66 -3.77
C LYS A 224 19.76 -21.09 -4.83
N MET A 225 20.27 -20.95 -6.04
CA MET A 225 19.52 -20.34 -7.13
C MET A 225 18.17 -21.04 -7.37
N ASP A 226 18.17 -22.36 -7.35
CA ASP A 226 16.92 -23.11 -7.54
C ASP A 226 15.82 -22.49 -6.67
N ILE A 227 16.13 -22.31 -5.40
CA ILE A 227 15.21 -21.72 -4.45
C ILE A 227 14.99 -20.22 -4.76
N LEU A 228 16.10 -19.49 -4.91
CA LEU A 228 16.03 -18.07 -5.14
C LEU A 228 15.05 -17.68 -6.25
N ALA A 229 15.13 -18.36 -7.39
CA ALA A 229 14.19 -18.21 -8.49
C ALA A 229 12.75 -18.22 -7.99
N GLN A 230 12.27 -19.36 -7.49
CA GLN A 230 10.89 -19.39 -6.98
C GLN A 230 10.61 -18.18 -6.08
N VAL A 231 11.58 -17.81 -5.23
CA VAL A 231 11.34 -16.68 -4.32
C VAL A 231 11.14 -15.31 -5.03
N LEU A 232 12.06 -14.94 -5.92
CA LEU A 232 11.86 -13.80 -6.78
C LEU A 232 10.50 -13.88 -7.48
N GLN A 233 10.23 -14.99 -8.16
CA GLN A 233 8.94 -15.19 -8.78
C GLN A 233 7.78 -14.74 -7.82
N ILE A 234 7.80 -15.16 -6.57
CA ILE A 234 6.84 -14.68 -5.57
C ILE A 234 6.85 -13.14 -5.36
N LEU A 235 8.03 -12.56 -5.16
CA LEU A 235 8.15 -11.12 -4.95
C LEU A 235 7.75 -10.29 -6.16
N LEU A 236 8.07 -10.80 -7.33
CA LEU A 236 7.79 -10.14 -8.59
C LEU A 236 6.28 -10.19 -8.72
N LYS A 237 5.70 -11.32 -8.35
CA LYS A 237 4.26 -11.48 -8.38
C LYS A 237 3.72 -10.43 -7.44
N SER A 238 4.43 -10.25 -6.33
CA SER A 238 4.18 -9.15 -5.43
C SER A 238 4.57 -7.86 -6.14
N LYS A 239 3.93 -6.76 -5.76
CA LYS A 239 4.12 -5.48 -6.42
C LYS A 239 5.55 -4.97 -6.33
N LEU A 240 6.24 -5.33 -5.25
CA LEU A 240 7.49 -4.69 -4.86
C LEU A 240 8.65 -4.76 -5.87
N LEU A 241 8.88 -5.89 -6.53
CA LEU A 241 10.03 -5.93 -7.43
C LEU A 241 9.55 -6.09 -8.88
N VAL A 242 10.39 -5.67 -9.84
CA VAL A 242 9.98 -5.69 -11.25
C VAL A 242 11.14 -5.94 -12.21
N LEU A 243 10.82 -6.46 -13.41
CA LEU A 243 11.84 -6.76 -14.41
C LEU A 243 12.00 -5.59 -15.38
N GLU A 244 13.01 -5.65 -16.24
CA GLU A 244 13.24 -4.59 -17.21
C GLU A 244 12.15 -4.68 -18.25
N ASP A 245 11.59 -5.87 -18.37
CA ASP A 245 10.54 -6.10 -19.34
C ASP A 245 9.18 -6.09 -18.63
N GLU A 246 8.40 -5.08 -18.97
CA GLU A 246 7.10 -4.90 -18.35
C GLU A 246 6.12 -5.92 -18.93
N ASN A 247 6.31 -6.30 -20.18
CA ASN A 247 5.39 -7.21 -20.84
C ASN A 247 5.64 -8.68 -20.45
N ALA A 248 6.61 -8.91 -19.58
CA ALA A 248 7.05 -10.26 -19.19
C ALA A 248 6.13 -10.97 -18.22
N ASN A 249 5.59 -12.11 -18.62
CA ASN A 249 4.72 -12.87 -17.74
C ASN A 249 5.60 -13.57 -16.71
N VAL A 250 5.42 -13.22 -15.44
CA VAL A 250 6.33 -13.72 -14.42
C VAL A 250 6.02 -15.19 -14.06
N ASP A 251 4.76 -15.56 -14.26
CA ASP A 251 4.30 -16.94 -14.10
C ASP A 251 4.87 -17.86 -15.18
N GLU A 252 5.65 -17.31 -16.12
CA GLU A 252 6.29 -18.12 -17.15
C GLU A 252 7.79 -17.84 -17.23
N VAL A 253 8.12 -16.62 -17.57
CA VAL A 253 9.50 -16.29 -17.93
C VAL A 253 10.49 -16.80 -16.90
N GLU A 254 11.52 -17.48 -17.42
CA GLU A 254 12.53 -18.16 -16.61
C GLU A 254 13.70 -17.24 -16.30
N LEU A 255 13.87 -16.92 -15.01
CA LEU A 255 14.89 -15.98 -14.54
C LEU A 255 16.32 -16.50 -14.76
N LYS A 256 17.23 -15.61 -15.14
CA LYS A 256 18.61 -16.05 -15.41
C LYS A 256 19.64 -15.25 -14.60
N PRO A 257 20.89 -15.77 -14.53
CA PRO A 257 21.92 -15.12 -13.73
C PRO A 257 22.02 -13.62 -13.98
N ASP A 258 22.00 -13.20 -15.23
CA ASP A 258 22.15 -11.79 -15.57
C ASP A 258 20.80 -11.05 -15.63
N THR A 259 19.71 -11.79 -15.43
CA THR A 259 18.38 -11.17 -15.28
C THR A 259 18.44 -10.07 -14.24
N LEU A 260 17.79 -8.95 -14.50
CA LEU A 260 17.82 -7.81 -13.59
C LEU A 260 16.55 -7.73 -12.76
N ILE A 261 16.69 -7.65 -11.45
CA ILE A 261 15.56 -7.46 -10.57
C ILE A 261 15.58 -6.05 -9.97
N LYS A 262 14.52 -5.29 -10.24
CA LYS A 262 14.43 -3.90 -9.83
C LYS A 262 13.40 -3.69 -8.74
N LEU A 263 13.67 -2.72 -7.86
CA LEU A 263 12.72 -2.34 -6.82
C LEU A 263 11.75 -1.35 -7.42
N TYR A 264 10.47 -1.56 -7.14
CA TYR A 264 9.42 -0.69 -7.68
C TYR A 264 8.84 0.31 -6.67
N LEU A 265 9.23 1.57 -6.76
CA LEU A 265 8.80 2.54 -5.76
C LEU A 265 7.34 3.01 -6.03
N GLY A 266 6.77 2.46 -7.10
CA GLY A 266 5.39 2.75 -7.45
C GLY A 266 4.40 1.90 -6.67
N TYR A 267 4.93 1.07 -5.78
CA TYR A 267 4.14 0.10 -5.04
C TYR A 267 2.93 0.74 -4.37
N LYS A 268 1.79 0.07 -4.42
CA LYS A 268 0.55 0.54 -3.78
C LYS A 268 -0.25 -0.66 -3.21
N ASN A 269 -0.91 -0.47 -2.06
CA ASN A 269 -1.74 -1.54 -1.49
C ASN A 269 -3.00 -1.05 -0.77
N LYS A 270 -4.13 -1.70 -1.01
CA LYS A 270 -5.35 -1.28 -0.33
C LYS A 270 -5.29 -1.81 1.09
N LYS A 271 -4.20 -2.50 1.40
CA LYS A 271 -3.90 -2.95 2.76
C LYS A 271 -2.57 -2.38 3.28
N LEU A 272 -2.54 -2.00 4.55
CA LEU A 272 -1.33 -1.42 5.13
C LEU A 272 -0.35 -2.46 5.60
N ARG A 273 -0.91 -3.47 6.28
CA ARG A 273 -0.20 -4.68 6.68
C ARG A 273 -0.53 -5.70 5.61
N VAL A 274 0.47 -6.06 4.84
CA VAL A 274 0.25 -7.03 3.78
C VAL A 274 1.23 -8.19 3.91
N ASN A 275 0.69 -9.39 3.73
CA ASN A 275 1.45 -10.62 3.83
C ASN A 275 1.97 -11.10 2.46
N ILE A 276 3.28 -11.04 2.24
CA ILE A 276 3.85 -11.50 0.98
C ILE A 276 4.37 -12.96 0.99
N ASN A 277 4.23 -13.61 2.14
CA ASN A 277 4.80 -14.91 2.39
C ASN A 277 3.71 -15.97 2.14
N VAL A 278 3.89 -16.73 1.07
CA VAL A 278 2.79 -17.47 0.49
C VAL A 278 3.25 -18.85 0.02
N PRO A 279 2.35 -19.84 0.08
CA PRO A 279 2.70 -21.13 -0.50
C PRO A 279 3.32 -20.91 -1.90
N MET A 280 4.43 -21.58 -2.19
CA MET A 280 5.39 -21.19 -3.26
C MET A 280 4.88 -21.11 -4.72
N LYS A 281 3.73 -21.71 -5.00
CA LYS A 281 3.26 -21.84 -6.39
C LYS A 281 1.96 -21.07 -6.65
N LYS B 18 16.46 4.70 5.64
CA LYS B 18 16.76 3.30 5.30
C LYS B 18 15.47 2.57 4.88
N ARG B 19 15.36 2.19 3.62
CA ARG B 19 14.10 1.76 3.03
C ARG B 19 13.51 0.54 3.72
N PHE B 20 14.34 -0.42 4.08
CA PHE B 20 13.84 -1.60 4.78
C PHE B 20 14.27 -1.62 6.24
N GLU B 21 13.28 -1.70 7.12
CA GLU B 21 13.52 -1.77 8.56
C GLU B 21 12.85 -3.02 9.11
N VAL B 22 13.57 -3.79 9.92
CA VAL B 22 13.02 -5.04 10.44
C VAL B 22 12.22 -4.80 11.72
N LYS B 23 10.92 -5.06 11.66
CA LYS B 23 9.99 -4.93 12.79
C LYS B 23 10.01 -6.19 13.69
N LYS B 24 9.59 -7.34 13.17
CA LYS B 24 9.67 -8.59 13.92
C LYS B 24 10.57 -9.62 13.21
N TRP B 25 11.16 -10.55 13.96
CA TRP B 25 11.72 -11.78 13.38
C TRP B 25 11.33 -12.99 14.20
N ASN B 26 10.54 -13.90 13.65
CA ASN B 26 10.26 -15.18 14.34
C ASN B 26 11.08 -16.36 13.79
N ALA B 27 12.01 -16.85 14.60
CA ALA B 27 13.03 -17.77 14.08
C ALA B 27 12.85 -19.18 14.61
N VAL B 28 13.05 -20.19 13.74
CA VAL B 28 13.21 -21.57 14.23
C VAL B 28 14.63 -22.09 14.23
N ALA B 29 15.00 -22.73 15.34
CA ALA B 29 16.27 -23.44 15.47
C ALA B 29 16.11 -24.88 16.07
N LEU B 30 16.82 -25.85 15.46
CA LEU B 30 17.01 -27.20 16.05
C LEU B 30 18.25 -27.28 16.94
N TRP B 31 18.16 -27.96 18.09
CA TRP B 31 19.40 -28.26 18.86
C TRP B 31 19.79 -29.74 18.82
N ALA B 32 21.08 -29.99 18.61
CA ALA B 32 21.65 -31.28 18.97
C ALA B 32 22.79 -31.18 19.99
N TRP B 33 23.33 -32.34 20.36
CA TRP B 33 24.48 -32.46 21.27
C TRP B 33 25.80 -32.24 20.55
N ASP B 34 26.73 -31.58 21.25
CA ASP B 34 28.07 -31.37 20.74
C ASP B 34 28.84 -32.64 21.02
N ILE B 35 29.84 -32.99 20.21
CA ILE B 35 30.61 -34.17 20.59
C ILE B 35 31.83 -33.83 21.44
N VAL B 36 32.15 -34.72 22.38
CA VAL B 36 33.19 -34.45 23.36
C VAL B 36 34.38 -35.44 23.29
N VAL B 37 35.61 -34.91 23.22
CA VAL B 37 36.84 -35.71 23.17
C VAL B 37 37.93 -35.07 24.06
N ASP B 38 38.97 -35.80 24.47
CA ASP B 38 39.92 -35.19 25.40
C ASP B 38 41.14 -34.56 24.71
N ASN B 39 41.12 -33.24 24.64
CA ASN B 39 42.02 -32.53 23.75
C ASN B 39 42.75 -31.39 24.42
N CYS B 40 44.01 -31.23 24.04
CA CYS B 40 44.66 -29.94 24.21
C CYS B 40 43.77 -28.97 23.41
N ALA B 41 43.29 -27.92 24.03
CA ALA B 41 42.42 -27.05 23.26
C ALA B 41 43.26 -26.12 22.39
N ILE B 42 44.48 -25.83 22.86
CA ILE B 42 45.31 -24.79 22.25
C ILE B 42 45.76 -25.28 20.88
N CYS B 43 46.59 -26.31 20.83
CA CYS B 43 46.68 -27.09 19.60
C CYS B 43 45.56 -28.08 19.76
N ARG B 44 45.32 -28.98 18.81
CA ARG B 44 44.34 -30.02 19.13
C ARG B 44 44.88 -31.35 18.85
N ASN B 45 45.11 -32.07 19.92
CA ASN B 45 45.59 -33.40 19.83
C ASN B 45 45.13 -33.96 21.14
N HIS B 46 44.89 -35.26 21.17
CA HIS B 46 44.42 -35.89 22.37
C HIS B 46 45.42 -35.56 23.47
N ILE B 47 44.90 -35.28 24.66
CA ILE B 47 45.73 -35.25 25.84
C ILE B 47 46.19 -36.71 25.95
N MET B 48 47.31 -36.99 26.60
CA MET B 48 47.78 -38.38 26.71
C MET B 48 48.47 -38.78 25.42
N ASP B 49 48.39 -37.88 24.46
CA ASP B 49 48.97 -38.03 23.13
C ASP B 49 49.98 -36.90 23.00
N LEU B 50 50.68 -36.84 21.87
CA LEU B 50 51.75 -35.85 21.69
C LEU B 50 51.22 -34.51 21.18
N CYS B 51 51.74 -33.42 21.74
CA CYS B 51 51.45 -32.08 21.22
C CYS B 51 51.84 -32.06 19.75
N ILE B 52 51.08 -31.30 18.97
CA ILE B 52 51.18 -31.38 17.52
C ILE B 52 52.54 -30.99 16.97
N GLU B 53 53.12 -29.90 17.50
CA GLU B 53 54.41 -29.46 17.00
C GLU B 53 55.42 -30.58 17.23
N CYS B 54 55.19 -31.34 18.29
CA CYS B 54 56.07 -32.45 18.63
C CYS B 54 55.68 -33.73 17.89
N GLN B 55 54.50 -33.73 17.30
CA GLN B 55 54.12 -34.83 16.43
C GLN B 55 54.76 -34.62 15.08
N ALA B 56 54.92 -33.37 14.67
CA ALA B 56 55.56 -33.07 13.40
C ALA B 56 57.09 -33.08 13.53
N ASN B 57 57.57 -33.24 14.75
CA ASN B 57 59.01 -33.15 15.01
C ASN B 57 59.79 -34.43 14.74
N GLN B 58 61.03 -34.29 14.30
CA GLN B 58 61.97 -35.40 14.38
C GLN B 58 62.18 -35.61 15.87
N ALA B 59 62.34 -36.86 16.31
CA ALA B 59 62.44 -37.12 17.75
C ALA B 59 63.52 -36.24 18.39
N SER B 60 63.16 -35.56 19.48
CA SER B 60 64.02 -34.51 20.04
C SER B 60 64.23 -34.62 21.54
N ALA B 61 65.15 -33.82 22.06
CA ALA B 61 65.27 -33.60 23.50
C ALA B 61 63.91 -33.15 24.02
N THR B 62 63.47 -31.98 23.58
CA THR B 62 62.16 -31.44 23.96
C THR B 62 61.02 -32.41 23.64
N SER B 63 61.23 -33.28 22.66
CA SER B 63 60.18 -34.22 22.26
C SER B 63 59.74 -35.06 23.47
N GLU B 64 60.53 -34.98 24.55
CA GLU B 64 60.09 -35.45 25.86
C GLU B 64 60.33 -34.38 26.94
N CYS B 66 57.04 -32.87 25.19
CA CYS B 66 55.98 -32.13 25.87
C CYS B 66 55.20 -33.07 26.78
N THR B 67 54.39 -32.48 27.64
CA THR B 67 53.87 -33.20 28.79
C THR B 67 52.56 -32.58 29.25
N VAL B 68 51.73 -33.38 29.91
CA VAL B 68 50.48 -32.87 30.46
C VAL B 68 50.76 -31.88 31.60
N ALA B 69 50.20 -30.68 31.47
CA ALA B 69 50.22 -29.67 32.53
C ALA B 69 48.79 -29.37 32.92
N TRP B 70 48.56 -29.15 34.21
CA TRP B 70 47.27 -28.68 34.68
C TRP B 70 47.46 -27.35 35.42
N GLY B 71 46.52 -26.41 35.25
CA GLY B 71 46.49 -25.23 36.10
C GLY B 71 45.39 -25.32 37.15
N VAL B 72 45.34 -24.36 38.07
CA VAL B 72 44.32 -24.44 39.11
C VAL B 72 42.92 -24.52 38.51
N CYS B 73 42.69 -23.81 37.40
CA CYS B 73 41.36 -23.78 36.80
C CYS B 73 40.89 -25.21 36.46
N ASN B 74 41.84 -26.15 36.48
CA ASN B 74 41.60 -27.58 36.25
C ASN B 74 41.46 -28.06 34.80
N HIS B 75 41.25 -27.17 33.84
CA HIS B 75 41.31 -27.67 32.46
C HIS B 75 42.80 -27.90 32.14
N ALA B 76 43.10 -28.87 31.27
CA ALA B 76 44.49 -29.29 31.11
C ALA B 76 45.06 -29.13 29.70
N PHE B 77 46.37 -28.89 29.60
CA PHE B 77 47.05 -28.66 28.31
C PHE B 77 48.34 -29.46 28.12
N HIS B 78 48.86 -29.47 26.89
CA HIS B 78 50.25 -29.86 26.67
C HIS B 78 51.12 -28.74 27.21
N PHE B 79 52.10 -29.07 28.04
CA PHE B 79 53.04 -28.06 28.53
C PHE B 79 53.61 -27.25 27.36
N HIS B 80 53.92 -27.94 26.27
CA HIS B 80 54.42 -27.30 25.07
C HIS B 80 53.54 -26.11 24.68
N CYS B 81 52.25 -26.38 24.49
CA CYS B 81 51.30 -25.40 23.96
C CYS B 81 51.02 -24.25 24.92
N ILE B 82 50.69 -24.59 26.16
CA ILE B 82 50.44 -23.60 27.19
C ILE B 82 51.66 -22.71 27.48
N SER B 83 52.86 -23.22 27.19
CA SER B 83 54.08 -22.42 27.39
C SER B 83 54.13 -21.24 26.42
N ARG B 84 54.01 -21.54 25.13
CA ARG B 84 54.01 -20.51 24.10
C ARG B 84 52.73 -19.64 24.18
N TRP B 85 51.68 -20.17 24.81
CA TRP B 85 50.54 -19.34 25.17
C TRP B 85 50.91 -18.34 26.26
N LEU B 86 51.77 -18.78 27.17
CA LEU B 86 52.13 -17.94 28.29
C LEU B 86 53.35 -17.01 28.05
N LYS B 87 53.90 -17.02 26.83
CA LYS B 87 54.98 -16.09 26.50
C LYS B 87 54.37 -14.80 25.99
N THR B 88 53.06 -14.82 25.87
CA THR B 88 52.34 -13.85 25.07
C THR B 88 51.29 -13.14 25.94
N ARG B 89 50.32 -13.89 26.44
CA ARG B 89 49.47 -13.38 27.50
C ARG B 89 50.00 -13.90 28.83
N GLN B 90 49.40 -13.45 29.92
CA GLN B 90 49.74 -13.98 31.25
C GLN B 90 48.70 -14.98 31.73
N VAL B 91 47.73 -15.26 30.88
CA VAL B 91 46.49 -15.85 31.35
C VAL B 91 46.25 -17.28 30.88
N CYS B 92 45.14 -17.85 31.33
CA CYS B 92 44.63 -19.10 30.79
C CYS B 92 43.66 -18.79 29.63
N PRO B 93 43.79 -19.53 28.51
CA PRO B 93 43.08 -19.33 27.24
C PRO B 93 41.60 -19.75 27.23
N LEU B 94 41.23 -20.70 28.09
CA LEU B 94 39.91 -21.34 28.02
C LEU B 94 38.83 -20.58 28.81
N ASP B 95 38.99 -20.51 30.13
CA ASP B 95 38.28 -19.55 30.94
C ASP B 95 39.27 -18.40 30.88
N ASN B 96 39.05 -17.32 31.61
CA ASN B 96 40.19 -16.43 31.72
C ASN B 96 40.70 -16.26 33.13
N ARG B 97 41.89 -16.78 33.40
CA ARG B 97 42.53 -16.58 34.68
C ARG B 97 44.03 -16.45 34.50
N GLU B 98 44.65 -15.59 35.32
CA GLU B 98 46.09 -15.56 35.39
C GLU B 98 46.42 -16.98 35.81
N TRP B 99 47.60 -17.46 35.45
CA TRP B 99 47.81 -18.90 35.39
C TRP B 99 48.85 -19.41 36.39
N GLU B 100 48.41 -20.28 37.30
CA GLU B 100 49.33 -21.05 38.14
C GLU B 100 49.12 -22.56 38.01
N PHE B 101 50.20 -23.32 38.19
CA PHE B 101 50.18 -24.75 37.90
C PHE B 101 49.54 -25.59 38.98
N GLN B 102 49.60 -26.91 38.84
CA GLN B 102 49.02 -27.82 39.84
C GLN B 102 49.74 -29.18 39.86
N PRO C 11 8.71 33.39 -16.63
CA PRO C 11 7.38 33.46 -17.26
C PRO C 11 6.26 33.17 -16.25
N GLU C 12 5.59 32.02 -16.41
CA GLU C 12 4.74 31.48 -15.37
C GLU C 12 5.60 31.27 -14.14
N GLU C 13 6.87 30.97 -14.41
CA GLU C 13 7.94 31.00 -13.42
C GLU C 13 8.00 32.39 -12.77
N LEU C 14 8.29 33.40 -13.57
CA LEU C 14 8.32 34.79 -13.09
C LEU C 14 7.08 35.12 -12.26
N ALA C 15 5.92 34.70 -12.76
CA ALA C 15 4.68 34.90 -12.03
C ALA C 15 4.75 34.27 -10.63
N ARG C 16 5.03 32.97 -10.57
CA ARG C 16 5.10 32.25 -9.29
C ARG C 16 6.19 32.84 -8.38
N TYR C 17 7.10 33.60 -8.98
CA TYR C 17 8.16 34.28 -8.24
C TYR C 17 7.65 35.55 -7.56
N CYS C 18 7.15 36.50 -8.36
CA CYS C 18 6.55 37.70 -7.81
C CYS C 18 5.51 37.32 -6.75
N ASP C 19 4.82 36.21 -6.99
CA ASP C 19 3.95 35.63 -5.99
C ASP C 19 4.72 35.28 -4.73
N SER C 20 5.59 34.28 -4.84
CA SER C 20 6.27 33.69 -3.69
C SER C 20 7.18 34.63 -2.88
N LEU C 21 7.59 35.75 -3.45
CA LEU C 21 8.35 36.73 -2.67
C LEU C 21 7.42 37.65 -1.87
N LEU C 22 6.15 37.66 -2.26
CA LEU C 22 5.20 38.65 -1.77
C LEU C 22 4.32 38.13 -0.61
N LYS C 23 4.49 36.86 -0.26
CA LYS C 23 3.73 36.22 0.81
C LYS C 23 4.47 36.24 2.14
N LEU C 34 14.29 45.60 0.45
CA LEU C 34 13.03 44.98 0.82
C LEU C 34 11.92 45.25 -0.21
N GLU C 35 11.34 46.45 -0.13
CA GLU C 35 10.27 46.86 -1.05
C GLU C 35 10.84 47.32 -2.39
N ASP C 36 11.97 48.03 -2.33
CA ASP C 36 12.59 48.63 -3.51
C ASP C 36 13.02 47.59 -4.57
N THR C 37 12.96 46.31 -4.21
CA THR C 37 13.29 45.21 -5.13
C THR C 37 12.46 45.24 -6.39
N LEU C 38 11.16 45.51 -6.21
CA LEU C 38 10.17 45.40 -7.28
C LEU C 38 10.50 46.14 -8.59
N ASN C 39 11.19 47.27 -8.51
CA ASN C 39 11.54 48.01 -9.72
C ASN C 39 12.37 47.16 -10.67
N GLN C 40 13.28 46.36 -10.08
CA GLN C 40 14.17 45.47 -10.81
C GLN C 40 13.44 44.31 -11.49
N VAL C 41 12.33 43.87 -10.91
CA VAL C 41 11.46 42.90 -11.55
C VAL C 41 10.68 43.59 -12.67
N MET C 42 10.39 44.87 -12.43
CA MET C 42 9.59 45.70 -13.35
C MET C 42 10.30 46.03 -14.66
N GLU C 43 11.61 46.30 -14.59
CA GLU C 43 12.37 46.52 -15.83
C GLU C 43 12.48 45.20 -16.61
N LYS C 44 12.54 44.09 -15.86
CA LYS C 44 12.48 42.75 -16.44
C LYS C 44 11.17 42.57 -17.19
N PHE C 45 10.10 43.13 -16.62
CA PHE C 45 8.75 43.07 -17.17
C PHE C 45 8.53 43.96 -18.41
N LYS C 46 9.11 45.16 -18.38
CA LYS C 46 8.84 46.22 -19.36
C LYS C 46 8.98 45.82 -20.83
N LYS C 47 10.09 45.18 -21.17
CA LYS C 47 10.42 44.87 -22.57
C LYS C 47 9.60 43.73 -23.19
N ILE C 48 9.05 42.86 -22.35
CA ILE C 48 8.51 41.57 -22.80
C ILE C 48 6.98 41.51 -22.79
N VAL C 53 -1.47 39.16 -19.85
CA VAL C 53 -0.99 37.98 -20.55
C VAL C 53 -0.49 36.89 -19.58
N PHE C 54 0.50 37.23 -18.76
CA PHE C 54 0.84 36.42 -17.59
C PHE C 54 0.00 36.90 -16.42
N GLN C 55 -0.58 38.08 -16.62
CA GLN C 55 -1.34 38.75 -15.60
C GLN C 55 -2.45 37.85 -15.09
N LYS C 56 -2.99 37.02 -15.99
CA LYS C 56 -4.01 36.05 -15.63
C LYS C 56 -3.55 35.19 -14.44
N PHE C 57 -2.37 34.61 -14.55
CA PHE C 57 -1.80 33.83 -13.45
C PHE C 57 -1.55 34.70 -12.23
N TYR C 58 -0.83 35.79 -12.40
CA TYR C 58 -0.45 36.66 -11.29
C TYR C 58 -1.63 37.08 -10.43
N ALA C 59 -2.76 37.36 -11.07
CA ALA C 59 -3.98 37.69 -10.35
C ALA C 59 -4.61 36.44 -9.74
N LYS C 60 -4.59 35.32 -10.47
CA LYS C 60 -5.07 34.04 -9.92
C LYS C 60 -4.43 33.82 -8.54
N MET C 61 -3.12 34.03 -8.48
CA MET C 61 -2.38 33.87 -7.23
C MET C 61 -2.65 35.00 -6.26
N LEU C 62 -2.60 36.23 -6.75
CA LEU C 62 -2.85 37.39 -5.91
C LEU C 62 -4.14 37.20 -5.11
N ALA C 63 -5.14 36.61 -5.75
CA ALA C 63 -6.41 36.30 -5.11
C ALA C 63 -6.17 35.45 -3.90
N LYS C 64 -5.63 34.26 -4.17
CA LYS C 64 -5.33 33.29 -3.12
C LYS C 64 -4.56 33.93 -1.95
N ARG C 65 -3.62 34.83 -2.25
CA ARG C 65 -2.95 35.61 -1.21
C ARG C 65 -3.96 36.44 -0.41
N LEU C 66 -4.72 37.27 -1.12
CA LEU C 66 -5.67 38.21 -0.52
C LEU C 66 -6.76 37.58 0.34
N VAL C 67 -7.47 36.58 -0.18
CA VAL C 67 -8.55 35.91 0.56
C VAL C 67 -8.01 35.09 1.73
N HIS C 68 -6.78 34.62 1.61
CA HIS C 68 -6.16 33.91 2.71
C HIS C 68 -5.30 34.85 3.55
N GLN C 69 -5.35 36.14 3.21
CA GLN C 69 -4.61 37.17 3.93
C GLN C 69 -3.15 36.77 4.13
N ASN C 70 -2.58 36.18 3.08
CA ASN C 70 -1.21 35.66 3.09
C ASN C 70 -0.16 36.67 2.64
N SER C 71 -0.59 37.92 2.44
CA SER C 71 0.30 38.99 1.98
C SER C 71 1.22 39.51 3.08
N ALA C 72 2.52 39.52 2.81
CA ALA C 72 3.52 39.98 3.77
C ALA C 72 3.31 41.46 4.14
N SER C 73 3.09 42.27 3.11
CA SER C 73 2.75 43.67 3.29
C SER C 73 1.47 43.99 2.52
N ASP C 74 0.61 44.82 3.09
CA ASP C 74 -0.45 45.42 2.31
C ASP C 74 0.18 46.52 1.47
N ASP C 75 1.12 47.22 2.09
CA ASP C 75 1.83 48.34 1.50
C ASP C 75 2.43 48.02 0.14
N ALA C 76 3.46 47.17 0.12
CA ALA C 76 4.19 46.89 -1.12
C ALA C 76 3.31 46.17 -2.16
N GLU C 77 2.11 45.79 -1.76
CA GLU C 77 1.10 45.32 -2.71
C GLU C 77 0.58 46.53 -3.48
N ALA C 78 0.28 47.58 -2.72
CA ALA C 78 -0.10 48.88 -3.27
C ALA C 78 1.03 49.46 -4.13
N SER C 79 2.26 49.36 -3.64
CA SER C 79 3.43 49.78 -4.40
C SER C 79 3.56 48.96 -5.67
N MET C 80 3.22 47.67 -5.59
CA MET C 80 3.35 46.75 -6.71
C MET C 80 2.35 47.03 -7.81
N ILE C 81 1.12 47.37 -7.45
CA ILE C 81 0.11 47.72 -8.44
C ILE C 81 0.35 49.13 -9.01
N SER C 82 0.71 50.07 -8.14
CA SER C 82 1.03 51.44 -8.56
C SER C 82 2.14 51.42 -9.60
N LYS C 83 3.24 50.79 -9.23
CA LYS C 83 4.39 50.64 -10.11
C LYS C 83 4.06 49.78 -11.32
N LEU C 84 3.23 48.76 -11.12
CA LEU C 84 2.84 47.86 -12.20
C LEU C 84 2.10 48.58 -13.31
N LYS C 85 1.19 49.47 -12.93
CA LYS C 85 0.33 50.10 -13.93
C LYS C 85 1.10 51.32 -14.43
N GLN C 86 1.50 51.25 -15.69
CA GLN C 86 2.51 52.14 -16.24
C GLN C 86 2.91 51.70 -17.65
N GLY C 89 -1.81 50.38 -19.32
CA GLY C 89 -2.86 51.19 -18.70
C GLY C 89 -3.65 50.38 -17.71
N PHE C 90 -4.64 51.00 -17.05
CA PHE C 90 -5.41 50.32 -16.01
C PHE C 90 -6.20 49.10 -16.48
N GLU C 91 -6.60 49.06 -17.75
CA GLU C 91 -7.40 47.93 -18.22
C GLU C 91 -6.72 46.57 -17.96
N TYR C 92 -5.39 46.59 -17.84
CA TYR C 92 -4.61 45.40 -17.50
C TYR C 92 -4.94 44.97 -16.07
N THR C 93 -4.91 45.95 -15.18
CA THR C 93 -5.05 45.78 -13.74
C THR C 93 -6.49 45.89 -13.24
N SER C 94 -7.46 46.00 -14.14
CA SER C 94 -8.84 46.24 -13.73
C SER C 94 -9.27 45.26 -12.66
N LYS C 95 -9.04 43.97 -12.93
CA LYS C 95 -9.38 42.89 -12.00
C LYS C 95 -8.58 43.01 -10.70
N LEU C 96 -7.36 43.52 -10.85
CA LEU C 96 -6.37 43.61 -9.78
C LEU C 96 -6.68 44.69 -8.72
N GLN C 97 -6.71 45.96 -9.14
CA GLN C 97 -7.04 47.06 -8.24
C GLN C 97 -8.39 46.83 -7.54
N ARG C 98 -9.38 46.38 -8.29
CA ARG C 98 -10.68 46.09 -7.68
C ARG C 98 -10.57 44.98 -6.63
N MET C 99 -9.98 43.85 -7.01
CA MET C 99 -9.77 42.76 -6.06
C MET C 99 -9.14 43.29 -4.77
N PHE C 100 -8.08 44.06 -4.92
CA PHE C 100 -7.44 44.67 -3.76
C PHE C 100 -8.41 45.53 -2.91
N GLN C 101 -8.98 46.59 -3.49
CA GLN C 101 -9.83 47.49 -2.68
C GLN C 101 -11.04 46.76 -2.07
N ASP C 102 -11.40 45.64 -2.70
CA ASP C 102 -12.45 44.75 -2.23
C ASP C 102 -12.21 44.22 -0.81
N ILE C 103 -10.94 44.10 -0.42
CA ILE C 103 -10.62 43.64 0.93
C ILE C 103 -10.81 44.75 1.96
N GLY C 104 -10.36 45.97 1.63
CA GLY C 104 -10.61 47.12 2.49
C GLY C 104 -12.09 47.30 2.70
N VAL C 105 -12.84 47.19 1.62
CA VAL C 105 -14.30 47.33 1.68
C VAL C 105 -14.91 46.26 2.57
N SER C 106 -14.42 45.04 2.40
CA SER C 106 -14.77 43.95 3.30
C SER C 106 -14.53 44.31 4.77
N LYS C 107 -13.38 44.89 5.09
CA LYS C 107 -13.07 45.22 6.48
C LYS C 107 -14.05 46.23 7.04
N ASP C 108 -14.19 47.34 6.32
CA ASP C 108 -15.13 48.37 6.72
C ASP C 108 -16.52 47.77 6.92
N LEU C 109 -16.93 46.94 5.96
CA LEU C 109 -18.23 46.28 5.99
C LEU C 109 -18.38 45.33 7.21
N ASN C 110 -17.27 44.73 7.62
CA ASN C 110 -17.24 43.79 8.73
C ASN C 110 -17.44 44.51 10.04
N GLU C 111 -16.63 45.55 10.28
CA GLU C 111 -16.78 46.36 11.50
C GLU C 111 -18.16 47.00 11.53
N GLN C 112 -18.66 47.34 10.34
CA GLN C 112 -20.03 47.84 10.25
C GLN C 112 -21.03 46.79 10.73
N PHE C 113 -20.98 45.61 10.15
CA PHE C 113 -21.83 44.54 10.63
C PHE C 113 -21.75 44.26 12.15
N LYS C 114 -20.56 44.44 12.74
CA LYS C 114 -20.34 44.21 14.18
C LYS C 114 -20.95 45.30 15.04
N LYS C 115 -20.77 46.55 14.62
CA LYS C 115 -21.47 47.67 15.24
C LYS C 115 -22.99 47.50 15.10
N HIS C 116 -23.43 46.97 13.97
CA HIS C 116 -24.84 46.64 13.77
C HIS C 116 -25.29 45.71 14.87
N LEU C 117 -24.43 44.72 15.11
CA LEU C 117 -24.71 43.57 15.97
C LEU C 117 -24.56 43.84 17.46
N THR C 118 -23.92 44.95 17.78
CA THR C 118 -23.62 45.34 19.16
C THR C 118 -24.86 45.62 20.00
N ASN C 119 -25.86 46.27 19.41
CA ASN C 119 -27.03 46.70 20.18
C ASN C 119 -28.15 45.68 20.16
N SER C 120 -28.45 45.12 21.33
CA SER C 120 -29.50 44.13 21.48
C SER C 120 -29.20 42.92 20.63
N GLU C 121 -27.92 42.66 20.40
CA GLU C 121 -27.49 41.55 19.56
C GLU C 121 -26.46 40.67 20.24
N PRO C 122 -26.68 39.35 20.17
CA PRO C 122 -25.70 38.39 20.69
C PRO C 122 -25.21 37.48 19.57
N LEU C 123 -23.89 37.36 19.43
CA LEU C 123 -23.30 36.50 18.42
C LEU C 123 -22.51 35.39 19.09
N ASP C 124 -22.77 34.15 18.68
CA ASP C 124 -22.14 33.00 19.34
C ASP C 124 -20.65 32.89 19.05
N LEU C 125 -20.33 32.56 17.80
CA LEU C 125 -18.97 32.36 17.35
C LEU C 125 -18.23 33.67 17.14
N ASP C 126 -17.07 33.57 16.53
CA ASP C 126 -16.34 34.71 15.99
C ASP C 126 -16.53 34.75 14.47
N PHE C 127 -17.25 35.76 14.01
CA PHE C 127 -17.68 35.76 12.63
C PHE C 127 -16.91 36.79 11.82
N SER C 128 -16.68 36.47 10.56
CA SER C 128 -16.02 37.38 9.64
C SER C 128 -16.48 37.02 8.25
N ILE C 129 -16.47 37.97 7.33
CA ILE C 129 -16.76 37.65 5.93
C ILE C 129 -16.04 38.52 4.93
N GLN C 130 -15.52 37.88 3.88
CA GLN C 130 -14.86 38.59 2.81
C GLN C 130 -15.84 38.62 1.65
N VAL C 131 -16.28 39.80 1.25
CA VAL C 131 -17.23 39.92 0.17
C VAL C 131 -16.50 40.41 -1.09
N LEU C 132 -16.81 39.81 -2.24
CA LEU C 132 -16.02 40.01 -3.47
C LEU C 132 -16.86 40.16 -4.72
N SER C 133 -16.37 40.97 -5.65
CA SER C 133 -17.17 41.33 -6.81
C SER C 133 -16.99 40.28 -7.89
N SER C 134 -18.05 39.53 -8.13
CA SER C 134 -17.97 38.25 -8.85
C SER C 134 -17.21 38.29 -10.19
N GLY C 135 -17.14 39.46 -10.81
CA GLY C 135 -16.51 39.58 -12.11
C GLY C 135 -15.00 39.78 -12.07
N SER C 136 -14.50 40.32 -10.95
CA SER C 136 -13.06 40.52 -10.80
C SER C 136 -12.34 39.22 -10.41
N TRP C 137 -13.00 38.48 -9.53
CA TRP C 137 -12.42 37.29 -8.93
C TRP C 137 -12.64 36.04 -9.75
N PRO C 138 -11.57 35.21 -9.89
CA PRO C 138 -11.52 33.95 -10.65
C PRO C 138 -12.43 32.86 -10.08
N PHE C 139 -12.79 32.99 -8.81
CA PHE C 139 -13.59 32.01 -8.06
C PHE C 139 -14.91 31.65 -8.72
N GLN C 140 -15.35 30.41 -8.60
CA GLN C 140 -16.51 29.93 -9.37
C GLN C 140 -17.72 29.55 -8.51
N GLN C 141 -18.77 29.03 -9.16
CA GLN C 141 -20.11 28.95 -8.55
C GLN C 141 -20.16 28.06 -7.32
N SER C 142 -21.18 28.30 -6.48
CA SER C 142 -21.32 27.62 -5.19
C SER C 142 -21.57 26.12 -5.35
N CYS C 143 -20.74 25.32 -4.69
CA CYS C 143 -20.92 23.86 -4.68
C CYS C 143 -22.20 23.55 -3.91
N THR C 144 -23.07 22.73 -4.49
CA THR C 144 -24.33 22.40 -3.83
C THR C 144 -24.01 21.95 -2.41
N PHE C 145 -24.76 22.45 -1.44
CA PHE C 145 -24.32 22.34 -0.04
C PHE C 145 -25.49 22.48 0.95
N ALA C 146 -25.29 22.06 2.19
CA ALA C 146 -26.32 22.23 3.22
C ALA C 146 -25.74 22.76 4.51
N LEU C 147 -26.17 23.97 4.88
CA LEU C 147 -25.60 24.69 6.02
C LEU C 147 -26.02 24.10 7.36
N PRO C 148 -25.03 23.79 8.21
CA PRO C 148 -25.28 23.23 9.54
C PRO C 148 -25.92 24.25 10.48
N SER C 149 -26.83 23.80 11.33
CA SER C 149 -27.55 24.71 12.20
C SER C 149 -26.60 25.66 12.92
N GLU C 150 -25.33 25.29 13.02
CA GLU C 150 -24.38 26.12 13.77
C GLU C 150 -23.96 27.39 13.04
N LEU C 151 -24.03 27.42 11.72
CA LEU C 151 -23.80 28.68 10.98
C LEU C 151 -25.09 29.42 10.57
N GLU C 152 -26.23 28.78 10.84
CA GLU C 152 -27.54 29.21 10.38
C GLU C 152 -27.85 30.68 10.73
N ARG C 153 -27.92 30.97 12.02
CA ARG C 153 -28.16 32.31 12.53
C ARG C 153 -27.27 33.36 11.88
N SER C 154 -25.96 33.23 12.04
CA SER C 154 -25.00 34.14 11.42
C SER C 154 -25.28 34.37 9.93
N TYR C 155 -25.64 33.30 9.23
CA TYR C 155 -25.97 33.44 7.82
C TYR C 155 -27.20 34.36 7.67
N GLN C 156 -28.28 34.04 8.38
CA GLN C 156 -29.46 34.90 8.40
C GLN C 156 -29.10 36.37 8.63
N ARG C 157 -28.32 36.61 9.67
CA ARG C 157 -27.96 37.95 10.12
C ARG C 157 -27.24 38.73 9.05
N PHE C 158 -26.20 38.14 8.48
CA PHE C 158 -25.46 38.89 7.49
C PHE C 158 -26.22 39.01 6.17
N THR C 159 -27.08 38.05 5.90
CA THR C 159 -28.03 38.18 4.80
C THR C 159 -28.87 39.46 4.99
N ALA C 160 -29.64 39.52 6.07
CA ALA C 160 -30.52 40.66 6.32
C ALA C 160 -29.78 42.02 6.32
N PHE C 161 -28.56 41.99 6.85
CA PHE C 161 -27.73 43.20 6.92
C PHE C 161 -27.18 43.65 5.58
N TYR C 162 -26.65 42.71 4.80
CA TYR C 162 -26.18 43.06 3.48
C TYR C 162 -27.36 43.58 2.67
N ALA C 163 -28.42 42.78 2.66
CA ALA C 163 -29.64 43.06 1.91
C ALA C 163 -30.27 44.41 2.23
N SER C 164 -30.16 44.89 3.46
CA SER C 164 -30.60 46.28 3.69
C SER C 164 -29.55 47.27 3.22
N ARG C 165 -28.29 47.02 3.58
CA ARG C 165 -27.25 48.05 3.42
C ARG C 165 -26.75 48.25 1.99
N HIS C 166 -26.90 47.23 1.15
CA HIS C 166 -26.71 47.47 -0.28
C HIS C 166 -28.02 47.18 -1.00
N SER C 167 -28.65 48.24 -1.49
CA SER C 167 -30.12 48.30 -1.64
C SER C 167 -30.80 47.13 -2.37
N GLY C 168 -30.35 46.85 -3.59
CA GLY C 168 -30.70 45.62 -4.27
C GLY C 168 -29.40 44.98 -4.70
N ARG C 169 -29.16 43.76 -4.23
CA ARG C 169 -27.94 43.06 -4.58
C ARG C 169 -28.11 41.56 -4.40
N LYS C 170 -27.26 40.79 -5.08
CA LYS C 170 -27.23 39.35 -4.87
C LYS C 170 -25.84 38.93 -4.41
N LEU C 171 -25.79 38.21 -3.28
CA LEU C 171 -24.52 37.61 -2.83
C LEU C 171 -24.61 36.08 -2.79
N THR C 172 -23.63 35.42 -3.40
CA THR C 172 -23.58 33.95 -3.41
C THR C 172 -22.41 33.41 -2.57
N TRP C 173 -22.73 32.62 -1.55
CA TRP C 173 -21.71 32.17 -0.57
C TRP C 173 -20.83 31.06 -1.11
N LEU C 174 -19.52 31.28 -1.15
CA LEU C 174 -18.62 30.25 -1.63
C LEU C 174 -18.02 29.48 -0.43
N TYR C 175 -18.60 28.33 -0.15
CA TYR C 175 -18.25 27.62 1.08
C TYR C 175 -16.93 26.87 0.88
N GLN C 176 -16.77 26.33 -0.32
CA GLN C 176 -15.55 25.66 -0.74
C GLN C 176 -14.33 26.55 -0.46
N LEU C 177 -14.53 27.85 -0.28
CA LEU C 177 -13.47 28.72 0.24
C LEU C 177 -13.58 29.14 1.72
N SER C 178 -14.62 28.68 2.42
CA SER C 178 -14.83 29.09 3.81
C SER C 178 -14.10 28.22 4.83
N LYS C 179 -13.23 28.84 5.62
CA LYS C 179 -12.55 28.11 6.68
C LYS C 179 -13.23 28.48 7.97
N GLY C 180 -12.84 27.83 9.06
CA GLY C 180 -13.34 28.17 10.39
C GLY C 180 -12.57 27.41 11.45
N GLU C 181 -13.09 27.46 12.69
CA GLU C 181 -12.43 26.86 13.85
C GLU C 181 -13.37 26.14 14.82
N LEU C 182 -13.11 24.85 15.03
CA LEU C 182 -13.89 24.02 15.95
C LEU C 182 -13.18 23.81 17.30
N VAL C 183 -13.95 23.70 18.37
CA VAL C 183 -13.39 23.16 19.60
C VAL C 183 -14.10 21.86 19.92
N THR C 184 -13.42 20.98 20.66
CA THR C 184 -13.85 19.61 20.83
C THR C 184 -13.98 19.28 22.31
N ASN C 185 -15.15 18.83 22.74
CA ASN C 185 -15.32 18.36 24.12
C ASN C 185 -15.15 16.84 24.29
N CYS C 186 -15.14 16.16 23.14
CA CYS C 186 -15.37 14.71 23.07
C CYS C 186 -14.16 13.87 23.40
N PHE C 187 -12.97 14.41 23.25
CA PHE C 187 -11.76 13.60 23.43
C PHE C 187 -11.19 13.67 24.85
N LYS C 188 -10.00 13.13 25.08
CA LYS C 188 -9.40 13.22 26.40
C LYS C 188 -8.80 14.61 26.54
N ASN C 189 -8.45 15.23 25.41
CA ASN C 189 -7.96 16.62 25.41
C ASN C 189 -8.80 17.57 24.59
N ARG C 190 -8.71 18.85 24.94
CA ARG C 190 -9.47 19.88 24.24
C ARG C 190 -8.61 20.46 23.13
N TYR C 191 -9.00 20.17 21.90
CA TYR C 191 -8.19 20.61 20.77
C TYR C 191 -8.95 21.73 20.06
N THR C 192 -8.22 22.60 19.36
CA THR C 192 -8.89 23.49 18.42
C THR C 192 -8.54 23.04 17.03
N LEU C 193 -9.55 22.88 16.20
CA LEU C 193 -9.34 22.41 14.85
C LEU C 193 -9.58 23.55 13.84
N GLN C 194 -8.56 23.86 13.04
CA GLN C 194 -8.71 24.83 11.99
C GLN C 194 -9.17 24.01 10.78
N ALA C 195 -10.44 24.16 10.41
CA ALA C 195 -10.99 23.25 9.41
C ALA C 195 -11.73 23.97 8.30
N SER C 196 -12.08 23.20 7.27
CA SER C 196 -12.89 23.68 6.19
C SER C 196 -14.37 23.69 6.58
N THR C 197 -15.16 24.50 5.89
CA THR C 197 -16.59 24.51 6.14
C THR C 197 -17.15 23.10 5.86
N PHE C 198 -16.73 22.45 4.76
CA PHE C 198 -17.05 21.03 4.57
C PHE C 198 -16.63 20.14 5.76
N GLN C 199 -15.37 20.23 6.15
CA GLN C 199 -14.90 19.47 7.31
C GLN C 199 -15.83 19.73 8.47
N MET C 200 -15.97 21.00 8.82
CA MET C 200 -16.84 21.48 9.90
C MET C 200 -18.27 20.89 9.83
N ALA C 201 -18.79 20.80 8.60
CA ALA C 201 -20.14 20.32 8.34
C ALA C 201 -20.27 18.84 8.67
N ILE C 202 -19.30 18.07 8.15
CA ILE C 202 -19.23 16.64 8.42
C ILE C 202 -19.01 16.35 9.90
N LEU C 203 -17.90 16.84 10.46
CA LEU C 203 -17.61 16.67 11.89
C LEU C 203 -18.80 17.00 12.79
N LEU C 204 -19.48 18.10 12.50
CA LEU C 204 -20.62 18.51 13.31
C LEU C 204 -21.70 17.44 13.41
N GLN C 205 -21.78 16.58 12.39
CA GLN C 205 -22.84 15.58 12.27
C GLN C 205 -22.79 14.57 13.40
N TYR C 206 -21.59 14.42 13.92
CA TYR C 206 -21.30 13.39 14.88
C TYR C 206 -21.69 13.84 16.29
N ASN C 207 -22.30 15.00 16.43
CA ASN C 207 -22.84 15.36 17.74
C ASN C 207 -24.06 14.51 18.03
N THR C 208 -24.75 14.16 16.96
CA THR C 208 -25.92 13.30 17.03
C THR C 208 -25.58 11.83 17.13
N GLU C 209 -24.58 11.34 16.37
CA GLU C 209 -24.28 9.90 16.30
C GLU C 209 -22.78 9.57 16.19
N ASP C 210 -22.39 8.37 16.62
CA ASP C 210 -20.97 7.98 16.59
C ASP C 210 -20.52 7.35 15.27
N ALA C 211 -21.46 6.98 14.41
CA ALA C 211 -21.09 6.48 13.07
C ALA C 211 -22.13 6.78 11.98
N TYR C 212 -21.64 7.10 10.78
CA TYR C 212 -22.51 7.39 9.64
C TYR C 212 -21.99 6.70 8.37
N THR C 213 -22.90 6.30 7.48
CA THR C 213 -22.50 5.76 6.18
C THR C 213 -22.21 6.91 5.22
N VAL C 214 -21.31 6.70 4.27
CA VAL C 214 -21.01 7.75 3.30
C VAL C 214 -22.31 8.22 2.61
N GLN C 215 -23.16 7.27 2.25
CA GLN C 215 -24.49 7.61 1.77
C GLN C 215 -25.17 8.60 2.75
N GLN C 216 -25.29 8.21 4.01
CA GLN C 216 -25.98 9.04 5.02
C GLN C 216 -25.40 10.46 5.17
N LEU C 217 -24.07 10.55 5.19
CA LEU C 217 -23.38 11.85 5.18
C LEU C 217 -23.79 12.67 3.96
N THR C 218 -23.52 12.15 2.76
CA THR C 218 -23.83 12.90 1.55
C THR C 218 -25.28 13.36 1.59
N ASP C 219 -26.16 12.51 2.08
CA ASP C 219 -27.54 12.87 2.28
C ASP C 219 -27.66 14.14 3.11
N SER C 220 -27.25 14.09 4.37
CA SER C 220 -27.38 15.24 5.26
C SER C 220 -26.64 16.47 4.74
N THR C 221 -25.34 16.36 4.78
CA THR C 221 -24.38 17.40 4.43
C THR C 221 -24.61 18.02 3.07
N GLN C 222 -25.16 17.20 2.16
CA GLN C 222 -25.50 17.55 0.77
C GLN C 222 -24.29 17.95 -0.12
N ILE C 223 -23.10 17.53 0.28
CA ILE C 223 -21.87 17.72 -0.49
C ILE C 223 -21.68 16.70 -1.62
N LYS C 224 -21.52 17.17 -2.86
CA LYS C 224 -21.35 16.26 -4.01
C LYS C 224 -20.30 15.17 -3.70
N MET C 225 -20.65 13.91 -3.98
CA MET C 225 -19.86 12.76 -3.48
C MET C 225 -18.38 12.76 -3.85
N ASP C 226 -18.00 13.19 -5.04
CA ASP C 226 -16.57 13.26 -5.37
C ASP C 226 -15.84 14.11 -4.34
N ILE C 227 -16.37 15.31 -4.10
CA ILE C 227 -15.76 16.21 -3.15
C ILE C 227 -15.86 15.64 -1.74
N LEU C 228 -17.03 15.08 -1.43
CA LEU C 228 -17.25 14.49 -0.11
C LEU C 228 -16.23 13.40 0.22
N ALA C 229 -16.16 12.40 -0.64
CA ALA C 229 -15.18 11.34 -0.57
C ALA C 229 -13.80 11.95 -0.38
N GLN C 230 -13.49 12.92 -1.22
CA GLN C 230 -12.17 13.54 -1.23
C GLN C 230 -11.81 14.17 0.11
N VAL C 231 -12.78 14.82 0.74
CA VAL C 231 -12.63 15.44 2.06
C VAL C 231 -12.51 14.37 3.15
N LEU C 232 -13.34 13.33 3.03
CA LEU C 232 -13.31 12.21 3.96
C LEU C 232 -11.92 11.58 4.02
N GLN C 233 -11.35 11.33 2.85
CA GLN C 233 -9.99 10.84 2.79
C GLN C 233 -9.06 11.65 3.73
N ILE C 234 -9.18 12.98 3.69
CA ILE C 234 -8.40 13.85 4.58
C ILE C 234 -8.77 13.65 6.05
N LEU C 235 -10.06 13.52 6.32
CA LEU C 235 -10.51 13.41 7.70
C LEU C 235 -10.03 12.11 8.31
N LEU C 236 -10.05 11.07 7.49
CA LEU C 236 -9.54 9.73 7.85
C LEU C 236 -8.05 9.76 8.02
N LYS C 237 -7.38 10.49 7.14
CA LYS C 237 -5.95 10.66 7.22
C LYS C 237 -5.58 11.54 8.42
N SER C 238 -6.56 12.21 9.02
CA SER C 238 -6.27 13.08 10.17
C SER C 238 -6.33 12.33 11.48
N LYS C 239 -6.90 11.13 11.43
CA LYS C 239 -7.17 10.27 12.59
C LYS C 239 -8.45 10.61 13.42
N LEU C 240 -9.17 11.66 13.05
CA LEU C 240 -10.43 11.94 13.72
C LEU C 240 -11.51 10.91 13.40
N LEU C 241 -11.62 10.56 12.12
CA LEU C 241 -12.62 9.60 11.66
C LEU C 241 -11.90 8.32 11.23
N VAL C 242 -12.51 7.17 11.47
CA VAL C 242 -11.90 5.88 11.10
C VAL C 242 -12.87 4.96 10.39
N LEU C 243 -12.29 4.18 9.46
CA LEU C 243 -13.00 3.11 8.77
C LEU C 243 -13.15 1.94 9.72
N GLU C 244 -14.17 1.12 9.51
CA GLU C 244 -14.41 -0.03 10.37
C GLU C 244 -13.24 -1.00 10.28
N ASP C 245 -12.57 -0.96 9.14
CA ASP C 245 -11.41 -1.81 8.88
C ASP C 245 -10.10 -1.07 9.06
N GLU C 246 -9.39 -1.42 10.13
CA GLU C 246 -8.18 -0.70 10.56
C GLU C 246 -6.96 -1.00 9.70
N ASN C 247 -7.03 -2.02 8.86
CA ASN C 247 -5.92 -2.36 7.98
C ASN C 247 -6.08 -1.74 6.60
N ALA C 248 -7.08 -0.87 6.45
CA ALA C 248 -7.39 -0.26 5.16
C ALA C 248 -6.53 0.97 4.87
N ASN C 249 -5.78 0.93 3.77
CA ASN C 249 -4.91 2.05 3.41
C ASN C 249 -5.75 3.15 2.81
N VAL C 250 -5.74 4.29 3.47
CA VAL C 250 -6.73 5.33 3.22
C VAL C 250 -6.52 5.97 1.85
N ASP C 251 -5.25 6.06 1.43
CA ASP C 251 -4.88 6.68 0.15
C ASP C 251 -5.17 5.85 -1.09
N GLU C 252 -5.00 4.54 -0.99
CA GLU C 252 -5.22 3.69 -2.14
C GLU C 252 -6.58 3.01 -2.10
N VAL C 253 -7.38 3.31 -1.08
CA VAL C 253 -8.71 2.69 -1.05
C VAL C 253 -9.76 3.55 -1.74
N GLU C 254 -10.95 2.98 -1.86
CA GLU C 254 -12.05 3.62 -2.58
C GLU C 254 -13.32 3.57 -1.74
N LEU C 255 -13.89 4.74 -1.46
CA LEU C 255 -15.05 4.85 -0.57
C LEU C 255 -16.39 4.53 -1.23
N LYS C 256 -17.26 3.82 -0.54
CA LYS C 256 -18.57 3.52 -1.11
C LYS C 256 -19.70 4.00 -0.21
N PRO C 257 -20.90 4.15 -0.78
CA PRO C 257 -22.10 4.54 -0.04
C PRO C 257 -22.29 3.70 1.22
N ASP C 258 -22.07 2.39 1.12
CA ASP C 258 -22.28 1.49 2.24
C ASP C 258 -21.19 1.63 3.31
N THR C 259 -20.00 2.08 2.90
CA THR C 259 -18.85 2.04 3.80
C THR C 259 -18.96 2.98 5.00
N LEU C 260 -18.77 2.43 6.21
CA LEU C 260 -19.00 3.18 7.44
C LEU C 260 -17.86 4.13 7.82
N ILE C 261 -18.22 5.32 8.27
CA ILE C 261 -17.27 6.31 8.76
C ILE C 261 -17.59 6.63 10.22
N LYS C 262 -16.58 6.56 11.08
CA LYS C 262 -16.86 6.38 12.49
C LYS C 262 -16.05 7.35 13.30
N LEU C 263 -16.62 7.83 14.40
CA LEU C 263 -15.90 8.77 15.25
C LEU C 263 -14.89 8.08 16.17
N TYR C 264 -13.65 8.56 16.11
CA TYR C 264 -12.59 7.98 16.93
C TYR C 264 -12.41 8.71 18.26
N LEU C 265 -12.90 8.13 19.35
CA LEU C 265 -12.86 8.83 20.64
C LEU C 265 -11.45 8.76 21.20
N GLY C 266 -10.62 8.01 20.49
CA GLY C 266 -9.24 7.82 20.90
C GLY C 266 -8.31 8.89 20.35
N TYR C 267 -8.87 9.91 19.70
CA TYR C 267 -8.04 10.94 19.08
C TYR C 267 -7.03 11.52 20.07
N LYS C 268 -5.82 11.83 19.57
CA LYS C 268 -4.85 12.68 20.25
C LYS C 268 -3.86 13.36 19.30
N ASN C 269 -3.24 14.44 19.79
CA ASN C 269 -2.31 15.24 18.97
C ASN C 269 -1.29 15.95 19.85
N LYS C 270 -0.11 16.24 19.32
CA LYS C 270 0.95 16.83 20.15
C LYS C 270 0.81 18.34 20.12
N LYS C 271 -0.18 18.76 19.35
CA LYS C 271 -0.52 20.16 19.15
C LYS C 271 -1.96 20.36 19.58
N LEU C 272 -2.20 21.44 20.31
CA LEU C 272 -3.54 21.77 20.80
C LEU C 272 -4.37 22.39 19.71
N ARG C 273 -3.77 23.32 18.97
CA ARG C 273 -4.41 23.91 17.77
C ARG C 273 -3.86 23.15 16.57
N VAL C 274 -4.77 22.56 15.79
CA VAL C 274 -4.38 21.66 14.72
C VAL C 274 -5.06 22.02 13.41
N ASN C 275 -4.27 22.17 12.35
CA ASN C 275 -4.87 22.45 11.07
C ASN C 275 -5.16 21.20 10.25
N ILE C 276 -6.44 20.86 10.17
CA ILE C 276 -6.86 19.71 9.40
C ILE C 276 -7.23 20.08 7.95
N ASN C 277 -7.22 21.37 7.66
CA ASN C 277 -7.67 21.88 6.36
C ASN C 277 -6.48 22.11 5.46
N VAL C 278 -6.37 21.26 4.44
CA VAL C 278 -5.13 21.14 3.70
C VAL C 278 -5.33 20.90 2.21
N PRO C 279 -4.27 21.14 1.43
CA PRO C 279 -4.16 20.58 0.08
C PRO C 279 -4.17 19.04 0.14
N MET C 280 -4.10 18.39 -1.02
CA MET C 280 -4.36 16.95 -1.09
C MET C 280 -3.22 16.14 -1.73
N LYS D 18 -21.45 19.57 24.28
CA LYS D 18 -21.46 18.58 23.18
C LYS D 18 -20.18 18.56 22.31
N ARG D 19 -20.05 17.47 21.57
CA ARG D 19 -18.80 17.00 20.97
C ARG D 19 -17.97 17.99 20.15
N PHE D 20 -18.62 18.78 19.31
CA PHE D 20 -17.91 19.78 18.51
C PHE D 20 -18.67 21.08 18.57
N GLU D 21 -18.02 22.14 19.02
CA GLU D 21 -18.67 23.46 19.08
C GLU D 21 -17.95 24.33 18.07
N VAL D 22 -18.61 25.40 17.66
CA VAL D 22 -18.07 26.27 16.61
C VAL D 22 -17.56 27.57 17.24
N LYS D 23 -16.28 27.86 16.98
CA LYS D 23 -15.51 28.96 17.60
C LYS D 23 -15.32 30.15 16.64
N LYS D 24 -14.78 29.90 15.45
CA LYS D 24 -14.66 30.94 14.44
C LYS D 24 -15.15 30.43 13.09
N TRP D 25 -15.86 31.29 12.36
CA TRP D 25 -16.17 31.04 10.96
C TRP D 25 -15.73 32.25 10.14
N ASN D 26 -14.85 32.06 9.17
CA ASN D 26 -14.51 33.13 8.22
C ASN D 26 -15.03 32.77 6.84
N ALA D 27 -16.10 33.42 6.42
CA ALA D 27 -16.77 33.00 5.21
C ALA D 27 -16.34 33.81 4.00
N VAL D 28 -16.85 33.44 2.84
CA VAL D 28 -16.57 34.16 1.60
C VAL D 28 -17.81 34.22 0.74
N ALA D 29 -18.05 35.38 0.15
CA ALA D 29 -19.12 35.51 -0.84
C ALA D 29 -18.72 36.35 -2.02
N LEU D 30 -19.40 36.12 -3.13
CA LEU D 30 -19.37 37.08 -4.24
C LEU D 30 -20.65 37.92 -4.21
N TRP D 31 -20.54 39.20 -4.56
CA TRP D 31 -21.74 39.99 -4.89
C TRP D 31 -21.80 40.29 -6.37
N ALA D 32 -22.97 40.09 -6.97
CA ALA D 32 -23.27 40.64 -8.30
C ALA D 32 -24.50 41.54 -8.26
N TRP D 33 -24.84 42.13 -9.41
CA TRP D 33 -25.98 43.06 -9.52
C TRP D 33 -27.29 42.33 -9.77
N ASP D 34 -28.35 42.72 -9.07
CA ASP D 34 -29.65 42.08 -9.24
C ASP D 34 -30.31 42.60 -10.52
N ILE D 35 -31.25 41.87 -11.10
CA ILE D 35 -31.87 42.35 -12.34
C ILE D 35 -33.01 43.35 -12.05
N VAL D 36 -33.25 44.32 -12.93
CA VAL D 36 -34.30 45.30 -12.65
C VAL D 36 -35.40 45.35 -13.71
N VAL D 37 -36.58 44.86 -13.34
CA VAL D 37 -37.71 44.89 -14.22
C VAL D 37 -38.77 45.69 -13.53
N ASP D 38 -39.67 46.30 -14.31
CA ASP D 38 -40.73 47.00 -13.66
C ASP D 38 -41.94 46.10 -13.72
N ASN D 39 -42.24 45.42 -12.62
CA ASN D 39 -43.44 44.61 -12.62
C ASN D 39 -44.18 44.72 -11.30
N CYS D 40 -45.46 44.35 -11.32
CA CYS D 40 -46.26 44.32 -10.12
C CYS D 40 -45.59 43.33 -9.15
N ALA D 41 -45.20 43.82 -7.99
CA ALA D 41 -44.44 42.99 -7.05
C ALA D 41 -45.26 41.78 -6.63
N ILE D 42 -46.59 41.95 -6.63
CA ILE D 42 -47.53 40.88 -6.28
C ILE D 42 -47.68 39.81 -7.36
N CYS D 43 -48.24 40.19 -8.51
CA CYS D 43 -48.59 39.22 -9.54
C CYS D 43 -47.43 38.98 -10.49
N ARG D 44 -46.42 39.86 -10.39
CA ARG D 44 -45.19 39.72 -11.17
C ARG D 44 -45.47 39.83 -12.67
N ASN D 45 -46.59 40.45 -13.00
CA ASN D 45 -46.88 40.83 -14.37
C ASN D 45 -46.37 42.23 -14.55
N HIS D 46 -46.48 42.78 -15.74
CA HIS D 46 -46.04 44.14 -15.98
C HIS D 46 -47.13 45.13 -15.52
N ILE D 47 -46.73 46.29 -14.99
CA ILE D 47 -47.71 47.37 -14.75
C ILE D 47 -48.27 47.88 -16.09
N MET D 48 -47.44 47.82 -17.13
CA MET D 48 -47.88 48.03 -18.50
C MET D 48 -49.07 47.11 -18.80
N ASP D 49 -48.84 45.81 -18.74
CA ASP D 49 -49.84 44.80 -19.09
C ASP D 49 -50.85 44.57 -17.99
N LEU D 50 -51.72 43.59 -18.18
CA LEU D 50 -52.80 43.35 -17.25
C LEU D 50 -52.28 42.70 -15.98
N CYS D 51 -53.16 42.50 -15.02
CA CYS D 51 -52.82 41.67 -13.88
C CYS D 51 -52.72 40.22 -14.36
N ILE D 52 -52.43 39.31 -13.45
CA ILE D 52 -52.14 37.94 -13.82
C ILE D 52 -53.42 37.19 -14.16
N GLU D 53 -54.46 37.38 -13.35
CA GLU D 53 -55.71 36.67 -13.56
C GLU D 53 -56.46 37.24 -14.76
N CYS D 54 -56.37 38.56 -14.95
CA CYS D 54 -56.95 39.20 -16.13
C CYS D 54 -56.30 38.69 -17.41
N GLN D 55 -55.05 38.27 -17.35
CA GLN D 55 -54.42 37.65 -18.49
C GLN D 55 -54.89 36.21 -18.57
N ALA D 56 -55.14 35.65 -17.40
CA ALA D 56 -55.65 34.28 -17.27
C ALA D 56 -57.07 34.16 -17.82
N ASN D 57 -57.98 34.96 -17.29
CA ASN D 57 -59.31 35.04 -17.89
C ASN D 57 -59.09 35.63 -19.27
N GLN D 58 -59.86 35.23 -20.27
CA GLN D 58 -59.59 35.80 -21.58
C GLN D 58 -60.38 37.10 -21.74
N ALA D 59 -59.66 38.22 -21.80
CA ALA D 59 -60.31 39.53 -21.76
C ALA D 59 -59.92 40.44 -22.93
N SER D 60 -60.91 40.85 -23.71
CA SER D 60 -60.68 41.82 -24.77
C SER D 60 -60.32 43.14 -24.10
N ALA D 61 -59.66 44.04 -24.84
CA ALA D 61 -59.46 45.38 -24.32
C ALA D 61 -60.85 46.01 -24.11
N THR D 62 -61.81 45.52 -24.88
CA THR D 62 -63.20 45.89 -24.75
C THR D 62 -63.73 45.50 -23.37
N SER D 63 -63.45 44.25 -22.99
CA SER D 63 -63.98 43.65 -21.77
C SER D 63 -63.77 44.50 -20.53
N GLU D 64 -62.52 44.54 -20.07
CA GLU D 64 -62.25 45.13 -18.76
C GLU D 64 -60.89 45.82 -18.66
N GLU D 65 -60.54 46.15 -17.41
CA GLU D 65 -59.64 47.25 -17.12
C GLU D 65 -58.25 46.87 -16.67
N CYS D 66 -58.15 46.45 -15.42
CA CYS D 66 -56.86 46.37 -14.76
C CYS D 66 -56.18 47.73 -14.89
N THR D 67 -56.81 48.72 -14.24
CA THR D 67 -56.17 49.99 -14.01
C THR D 67 -54.94 49.76 -13.12
N VAL D 68 -54.00 50.71 -13.20
CA VAL D 68 -52.87 50.75 -12.28
C VAL D 68 -53.27 51.63 -11.09
N ALA D 69 -52.81 51.27 -9.91
CA ALA D 69 -53.08 52.06 -8.72
C ALA D 69 -51.74 52.37 -8.08
N TRP D 70 -51.67 53.50 -7.38
CA TRP D 70 -50.46 53.84 -6.63
C TRP D 70 -50.83 54.14 -5.18
N GLY D 71 -49.83 54.12 -4.30
CA GLY D 71 -49.99 54.59 -2.93
C GLY D 71 -49.28 55.90 -2.69
N VAL D 72 -49.46 56.47 -1.50
CA VAL D 72 -48.74 57.66 -1.08
C VAL D 72 -47.26 57.31 -0.90
N CYS D 73 -46.99 56.01 -0.95
CA CYS D 73 -45.64 55.46 -0.86
C CYS D 73 -45.02 55.35 -2.26
N ASN D 74 -45.78 55.83 -3.25
CA ASN D 74 -45.39 55.87 -4.66
C ASN D 74 -45.06 54.52 -5.27
N HIS D 75 -45.55 53.45 -4.63
CA HIS D 75 -45.48 52.09 -5.18
C HIS D 75 -46.76 51.86 -5.94
N ALA D 76 -46.64 51.28 -7.15
CA ALA D 76 -47.80 51.11 -8.00
C ALA D 76 -48.02 49.65 -8.42
N PHE D 77 -49.23 49.17 -8.14
CA PHE D 77 -49.64 47.79 -8.33
C PHE D 77 -50.84 47.77 -9.24
N HIS D 78 -51.17 46.62 -9.84
CA HIS D 78 -52.50 46.50 -10.44
C HIS D 78 -53.56 46.72 -9.37
N PHE D 79 -54.56 47.56 -9.63
CA PHE D 79 -55.60 47.80 -8.65
C PHE D 79 -56.16 46.45 -8.19
N HIS D 80 -56.21 45.53 -9.15
CA HIS D 80 -56.70 44.18 -8.94
C HIS D 80 -55.93 43.38 -7.88
N CYS D 81 -54.60 43.42 -8.00
CA CYS D 81 -53.76 42.73 -7.06
C CYS D 81 -53.75 43.43 -5.69
N ILE D 82 -53.42 44.72 -5.65
CA ILE D 82 -53.38 45.47 -4.39
C ILE D 82 -54.71 45.49 -3.61
N SER D 83 -55.83 45.58 -4.31
CA SER D 83 -57.10 45.60 -3.61
C SER D 83 -57.36 44.25 -2.96
N ARG D 84 -57.00 43.17 -3.66
CA ARG D 84 -57.27 41.85 -3.13
C ARG D 84 -56.32 41.53 -1.98
N TRP D 85 -55.13 42.14 -2.02
CA TRP D 85 -54.23 42.07 -0.87
C TRP D 85 -54.77 42.85 0.33
N LEU D 86 -55.44 43.96 0.05
CA LEU D 86 -55.97 44.80 1.11
C LEU D 86 -57.29 44.24 1.63
N LYS D 87 -57.75 43.16 1.03
CA LYS D 87 -59.00 42.55 1.46
C LYS D 87 -58.86 42.17 2.94
N THR D 88 -57.79 41.43 3.22
CA THR D 88 -57.44 40.98 4.56
C THR D 88 -56.39 41.85 5.26
N ARG D 89 -55.82 42.83 4.55
CA ARG D 89 -54.72 43.64 5.10
C ARG D 89 -54.87 45.15 4.95
N GLN D 90 -54.34 45.87 5.93
CA GLN D 90 -54.45 47.33 5.98
C GLN D 90 -53.26 48.07 5.39
N VAL D 91 -52.24 47.36 4.92
CA VAL D 91 -50.94 48.00 4.65
C VAL D 91 -50.39 47.78 3.24
N CYS D 92 -49.21 48.35 2.98
CA CYS D 92 -48.46 48.08 1.75
C CYS D 92 -47.50 46.92 1.98
N PRO D 93 -47.45 45.98 1.01
CA PRO D 93 -46.56 44.82 0.97
C PRO D 93 -45.07 45.13 0.92
N LEU D 94 -44.63 46.04 0.06
CA LEU D 94 -43.21 46.36 0.00
C LEU D 94 -42.79 47.20 1.23
N ASP D 95 -43.76 47.91 1.80
CA ASP D 95 -43.50 49.00 2.76
C ASP D 95 -43.73 48.63 4.21
N ASN D 96 -44.97 48.23 4.52
CA ASN D 96 -45.54 48.36 5.85
C ASN D 96 -45.58 49.83 6.28
N ARG D 97 -45.67 50.70 5.27
CA ARG D 97 -46.26 52.02 5.38
C ARG D 97 -47.72 51.77 5.08
N GLU D 98 -48.63 52.38 5.83
CA GLU D 98 -50.05 52.09 5.64
C GLU D 98 -50.54 52.53 4.24
N TRP D 99 -51.64 51.94 3.78
CA TRP D 99 -52.05 52.19 2.42
C TRP D 99 -53.08 53.31 2.28
N GLU D 100 -52.83 54.21 1.34
CA GLU D 100 -53.90 55.00 0.76
C GLU D 100 -53.52 55.39 -0.66
N PHE D 101 -54.51 55.40 -1.55
CA PHE D 101 -54.25 55.57 -2.98
C PHE D 101 -53.96 57.03 -3.34
N GLN D 102 -53.82 57.30 -4.64
CA GLN D 102 -53.57 58.66 -5.11
C GLN D 102 -54.71 59.15 -6.00
N MET E 3 -35.68 -61.40 40.16
CA MET E 3 -36.55 -61.27 38.99
C MET E 3 -35.84 -61.64 37.69
N ALA E 4 -34.59 -61.21 37.54
CA ALA E 4 -33.86 -61.40 36.29
C ALA E 4 -33.75 -62.87 35.91
N VAL E 5 -33.70 -63.73 36.92
CA VAL E 5 -33.74 -65.17 36.68
C VAL E 5 -35.05 -65.54 35.96
N GLU E 6 -36.17 -65.10 36.53
CA GLU E 6 -37.46 -65.37 35.91
C GLU E 6 -37.46 -64.93 34.44
N GLU E 7 -36.89 -63.76 34.18
CA GLU E 7 -36.80 -63.29 32.82
C GLU E 7 -35.98 -64.25 31.98
N LEU E 8 -34.84 -64.68 32.52
CA LEU E 8 -33.96 -65.60 31.81
C LEU E 8 -34.66 -66.88 31.41
N GLN E 9 -35.40 -67.46 32.36
CA GLN E 9 -36.19 -68.65 32.08
C GLN E 9 -37.27 -68.38 31.02
N SER E 10 -37.93 -67.22 31.12
CA SER E 10 -38.95 -66.79 30.17
C SER E 10 -38.42 -66.69 28.71
N ILE E 11 -37.21 -66.15 28.58
CA ILE E 11 -36.48 -66.10 27.30
C ILE E 11 -36.03 -67.49 26.84
N ILE E 12 -35.60 -68.34 27.79
CA ILE E 12 -35.31 -69.72 27.44
C ILE E 12 -36.55 -70.38 26.82
N LYS E 13 -37.57 -70.63 27.63
CA LYS E 13 -38.78 -71.32 27.16
C LYS E 13 -39.38 -70.65 25.91
N ARG E 14 -39.08 -69.35 25.73
CA ARG E 14 -39.56 -68.63 24.55
C ARG E 14 -38.79 -69.07 23.30
N CYS E 15 -37.48 -69.12 23.42
CA CYS E 15 -36.61 -69.44 22.31
C CYS E 15 -36.30 -70.96 22.19
N GLN E 16 -36.77 -71.75 23.16
CA GLN E 16 -36.41 -73.18 23.19
C GLN E 16 -37.29 -74.03 22.27
N ILE E 17 -38.30 -73.41 21.68
CA ILE E 17 -39.07 -74.05 20.62
C ILE E 17 -38.33 -74.03 19.28
N LEU E 18 -37.75 -72.87 18.96
CA LEU E 18 -37.43 -72.49 17.58
C LEU E 18 -36.23 -73.13 16.89
N GLU E 19 -36.09 -72.75 15.62
CA GLU E 19 -34.91 -73.01 14.81
C GLU E 19 -34.98 -72.19 13.52
N GLY E 29 -30.10 -61.81 22.43
CA GLY E 29 -29.48 -60.51 22.64
C GLY E 29 -29.79 -59.91 24.00
N LEU E 30 -31.08 -59.80 24.32
CA LEU E 30 -31.48 -59.52 25.69
C LEU E 30 -31.09 -60.73 26.49
N PHE E 31 -31.13 -61.87 25.81
CA PHE E 31 -30.68 -63.11 26.41
C PHE E 31 -29.32 -62.91 27.10
N GLN E 32 -28.45 -62.13 26.47
CA GLN E 32 -27.15 -61.87 27.05
C GLN E 32 -27.31 -61.07 28.33
N LEU E 33 -28.18 -60.06 28.24
CA LEU E 33 -28.45 -59.14 29.35
C LEU E 33 -28.98 -59.83 30.61
N ALA E 34 -30.03 -60.64 30.47
CA ALA E 34 -30.52 -61.38 31.63
C ALA E 34 -29.38 -62.21 32.24
N GLY E 35 -28.47 -62.70 31.39
CA GLY E 35 -27.28 -63.36 31.86
C GLY E 35 -26.43 -62.45 32.72
N GLN E 36 -26.06 -61.29 32.18
CA GLN E 36 -25.26 -60.37 32.97
C GLN E 36 -25.92 -60.20 34.33
N ARG E 37 -27.19 -59.78 34.32
CA ARG E 37 -27.90 -59.51 35.56
C ARG E 37 -27.83 -60.70 36.53
N CYS E 38 -28.38 -61.84 36.11
CA CYS E 38 -28.38 -63.03 36.95
C CYS E 38 -27.01 -63.24 37.60
N ILE E 39 -25.96 -63.18 36.77
CA ILE E 39 -24.60 -63.29 37.28
C ILE E 39 -24.23 -62.21 38.31
N GLU E 40 -24.64 -60.97 38.09
CA GLU E 40 -24.29 -59.87 38.98
C GLU E 40 -25.04 -60.05 40.30
N GLU E 41 -24.78 -59.20 41.30
CA GLU E 41 -24.91 -59.64 42.71
C GLU E 41 -26.29 -60.25 42.94
N GLY E 42 -26.26 -61.50 43.39
CA GLY E 42 -27.41 -62.39 43.30
C GLY E 42 -26.94 -63.82 43.07
N HIS E 43 -27.83 -64.65 42.54
CA HIS E 43 -27.59 -66.09 42.40
C HIS E 43 -26.85 -66.48 41.12
N THR E 44 -25.66 -67.05 41.27
CA THR E 44 -25.01 -67.78 40.19
C THR E 44 -25.52 -69.23 40.22
N ASP E 45 -26.18 -69.60 41.31
CA ASP E 45 -26.66 -70.97 41.51
C ASP E 45 -27.61 -71.45 40.42
N GLN E 46 -28.78 -70.80 40.32
CA GLN E 46 -29.84 -71.18 39.38
C GLN E 46 -29.42 -71.09 37.90
N LEU E 47 -28.33 -70.36 37.63
CA LEU E 47 -27.79 -70.32 36.29
C LEU E 47 -27.22 -71.71 35.95
N LEU E 48 -26.39 -72.21 36.86
CA LEU E 48 -25.84 -73.56 36.73
C LEU E 48 -26.94 -74.62 36.84
N GLU E 49 -27.91 -74.38 37.73
CA GLU E 49 -29.06 -75.26 37.89
C GLU E 49 -29.88 -75.31 36.60
N ILE E 50 -29.75 -74.27 35.77
CA ILE E 50 -30.36 -74.19 34.44
C ILE E 50 -29.58 -74.95 33.36
N ILE E 51 -28.26 -74.74 33.37
CA ILE E 51 -27.39 -75.39 32.40
C ILE E 51 -27.24 -76.90 32.62
N GLN E 52 -27.10 -77.32 33.86
CA GLN E 52 -27.01 -78.74 34.21
C GLN E 52 -28.35 -79.43 33.92
N ASN E 53 -28.32 -80.75 33.80
CA ASN E 53 -29.44 -81.51 33.23
C ASN E 53 -29.36 -81.43 31.71
N GLU E 54 -28.40 -80.64 31.23
CA GLU E 54 -28.06 -80.51 29.82
C GLU E 54 -29.28 -80.33 28.92
N LYS E 55 -30.27 -79.60 29.45
CA LYS E 55 -31.39 -79.11 28.67
C LYS E 55 -31.49 -77.59 28.87
N ASN E 56 -31.55 -76.85 27.77
CA ASN E 56 -31.54 -77.42 26.43
C ASN E 56 -30.22 -77.15 25.72
N LYS E 57 -29.66 -78.20 25.14
CA LYS E 57 -28.37 -78.14 24.47
C LYS E 57 -28.38 -77.19 23.28
N VAL E 58 -29.49 -77.16 22.55
CA VAL E 58 -29.57 -76.42 21.30
C VAL E 58 -29.34 -74.92 21.46
N ILE E 59 -29.89 -74.32 22.52
CA ILE E 59 -29.73 -72.88 22.73
C ILE E 59 -28.34 -72.60 23.29
N ILE E 60 -28.04 -73.23 24.42
CA ILE E 60 -26.73 -73.05 25.03
C ILE E 60 -25.63 -73.39 24.02
N LYS E 61 -25.92 -74.32 23.12
CA LYS E 61 -25.06 -74.58 21.95
C LYS E 61 -24.92 -73.32 21.09
N ASN E 62 -26.04 -72.90 20.51
CA ASN E 62 -26.08 -71.77 19.58
C ASN E 62 -26.08 -70.38 20.24
N MET E 63 -26.29 -70.33 21.55
CA MET E 63 -26.52 -69.06 22.26
C MET E 63 -25.57 -68.80 23.44
N GLY E 64 -25.57 -69.71 24.41
CA GLY E 64 -25.03 -69.44 25.74
C GLY E 64 -23.62 -68.90 25.80
N TRP E 65 -22.87 -68.99 24.70
CA TRP E 65 -21.56 -68.36 24.65
C TRP E 65 -21.61 -66.90 25.10
N ASN E 66 -22.73 -66.23 24.84
CA ASN E 66 -22.97 -64.84 25.29
C ASN E 66 -22.64 -64.62 26.78
N LEU E 67 -23.00 -65.60 27.61
CA LEU E 67 -22.82 -65.51 29.06
C LEU E 67 -21.34 -65.53 29.45
N VAL E 68 -20.47 -65.79 28.49
CA VAL E 68 -19.04 -65.93 28.78
C VAL E 68 -18.45 -64.65 29.39
N GLY E 69 -18.68 -63.53 28.71
CA GLY E 69 -18.07 -62.26 29.09
C GLY E 69 -18.32 -61.84 30.53
N PRO E 70 -19.60 -61.75 30.91
CA PRO E 70 -19.89 -61.40 32.31
C PRO E 70 -19.25 -62.40 33.28
N VAL E 71 -19.33 -63.69 32.95
CA VAL E 71 -18.61 -64.68 33.74
C VAL E 71 -17.11 -64.37 33.81
N VAL E 72 -16.48 -64.15 32.65
CA VAL E 72 -15.03 -63.95 32.59
C VAL E 72 -14.59 -62.66 33.28
N ARG E 73 -15.51 -61.72 33.44
CA ARG E 73 -15.22 -60.50 34.20
C ARG E 73 -15.36 -60.77 35.68
N CYS E 74 -16.37 -61.58 36.00
CA CYS E 74 -16.64 -62.00 37.37
C CYS E 74 -15.58 -62.97 37.85
N LEU E 75 -14.75 -63.44 36.93
CA LEU E 75 -13.54 -64.17 37.30
C LEU E 75 -12.39 -63.15 37.41
N LEU E 76 -12.08 -62.52 36.28
CA LEU E 76 -11.08 -61.47 36.18
C LEU E 76 -11.21 -60.37 37.23
N CYS E 77 -12.28 -59.59 37.14
CA CYS E 77 -12.48 -58.43 38.01
C CYS E 77 -12.50 -58.85 39.48
N LYS E 78 -13.00 -60.05 39.75
CA LYS E 78 -12.93 -60.59 41.11
C LYS E 78 -11.48 -60.82 41.50
N ASP E 79 -11.15 -60.55 42.75
CA ASP E 79 -9.78 -60.65 43.22
C ASP E 79 -9.29 -62.10 43.19
N LYS E 80 -10.19 -63.02 42.90
CA LYS E 80 -9.91 -64.45 43.06
C LYS E 80 -9.57 -64.78 44.51
N GLU E 81 -8.54 -65.60 44.71
CA GLU E 81 -8.12 -66.04 46.03
C GLU E 81 -9.34 -66.48 46.86
N ASP E 82 -10.26 -67.18 46.22
CA ASP E 82 -11.59 -67.40 46.78
C ASP E 82 -12.10 -68.82 46.54
N SER E 83 -12.98 -69.29 47.42
CA SER E 83 -13.74 -70.51 47.18
C SER E 83 -15.08 -70.14 46.55
N LYS E 84 -15.27 -68.84 46.29
CA LYS E 84 -16.43 -68.34 45.56
C LYS E 84 -16.36 -68.78 44.11
N ARG E 85 -15.21 -68.46 43.51
CA ARG E 85 -15.01 -68.57 42.07
C ARG E 85 -15.18 -69.95 41.45
N LYS E 86 -14.85 -71.03 42.17
CA LYS E 86 -14.90 -72.37 41.58
C LYS E 86 -16.27 -72.68 40.95
N VAL E 87 -17.32 -72.09 41.51
CA VAL E 87 -18.66 -72.21 40.94
C VAL E 87 -18.79 -71.43 39.63
N TYR E 88 -17.95 -70.40 39.46
CA TYR E 88 -17.85 -69.71 38.18
C TYR E 88 -17.07 -70.54 37.17
N PHE E 89 -15.89 -71.03 37.58
CA PHE E 89 -15.08 -71.89 36.73
C PHE E 89 -15.91 -73.04 36.16
N LEU E 90 -16.74 -73.65 37.02
CA LEU E 90 -17.59 -74.77 36.59
C LEU E 90 -18.42 -74.39 35.35
N ILE E 91 -19.26 -73.37 35.51
CA ILE E 91 -20.13 -72.92 34.42
C ILE E 91 -19.31 -72.40 33.20
N PHE E 92 -18.12 -71.90 33.47
CA PHE E 92 -17.20 -71.55 32.40
C PHE E 92 -16.93 -72.77 31.52
N ASP E 93 -16.25 -73.76 32.13
CA ASP E 93 -15.91 -75.00 31.45
C ASP E 93 -17.12 -75.61 30.77
N LEU E 94 -18.27 -75.52 31.44
CA LEU E 94 -19.50 -76.05 30.91
C LEU E 94 -19.89 -75.34 29.60
N LEU E 95 -19.61 -74.03 29.58
CA LEU E 95 -19.84 -73.19 28.39
C LEU E 95 -18.89 -73.56 27.28
N VAL E 96 -17.60 -73.67 27.61
CA VAL E 96 -16.61 -73.97 26.60
C VAL E 96 -16.94 -75.31 25.98
N LYS E 97 -17.48 -76.21 26.79
CA LYS E 97 -17.88 -77.55 26.35
C LYS E 97 -19.11 -77.50 25.43
N LEU E 98 -20.16 -76.81 25.85
CA LEU E 98 -21.44 -76.90 25.16
C LEU E 98 -21.68 -75.92 23.99
N CYS E 99 -20.77 -74.98 23.77
CA CYS E 99 -21.00 -73.91 22.81
C CYS E 99 -20.44 -74.18 21.41
N ASN E 100 -21.25 -73.88 20.39
CA ASN E 100 -20.79 -73.90 19.01
C ASN E 100 -19.55 -73.02 18.84
N PRO E 101 -18.45 -73.63 18.33
CA PRO E 101 -17.09 -73.10 18.36
C PRO E 101 -16.88 -71.80 17.57
N LYS E 102 -17.50 -71.69 16.40
CA LYS E 102 -17.32 -70.50 15.54
C LYS E 102 -17.56 -69.18 16.27
N GLU E 103 -18.65 -69.10 17.01
CA GLU E 103 -19.02 -67.87 17.71
C GLU E 103 -18.34 -67.73 19.09
N LEU E 104 -17.58 -68.74 19.49
CA LEU E 104 -17.06 -68.78 20.86
C LEU E 104 -15.75 -68.03 21.01
N LEU E 105 -14.73 -68.47 20.29
CA LEU E 105 -13.42 -67.83 20.39
C LEU E 105 -13.49 -66.34 20.14
N LEU E 106 -14.42 -65.95 19.28
CA LEU E 106 -14.63 -64.54 18.99
C LEU E 106 -14.93 -63.82 20.31
N GLY E 107 -15.91 -64.33 21.04
CA GLY E 107 -16.17 -63.83 22.39
C GLY E 107 -14.90 -63.79 23.23
N LEU E 108 -14.12 -64.88 23.17
CA LEU E 108 -12.86 -64.95 23.90
C LEU E 108 -11.87 -63.92 23.36
N LEU E 109 -11.85 -63.79 22.04
CA LEU E 109 -11.05 -62.74 21.42
C LEU E 109 -11.48 -61.32 21.82
N GLU E 110 -12.61 -61.17 22.53
CA GLU E 110 -13.01 -59.89 23.11
C GLU E 110 -11.88 -59.36 23.97
N LEU E 111 -11.08 -60.29 24.49
CA LEU E 111 -9.89 -59.93 25.27
C LEU E 111 -9.08 -58.86 24.55
N ILE E 112 -9.08 -58.91 23.22
CA ILE E 112 -8.33 -57.96 22.39
C ILE E 112 -8.57 -56.59 22.97
N GLU E 113 -9.82 -56.15 22.98
CA GLU E 113 -10.07 -54.88 23.60
C GLU E 113 -9.95 -55.00 25.11
N GLU E 114 -10.68 -55.96 25.69
CA GLU E 114 -11.25 -55.73 27.02
C GLU E 114 -10.33 -55.12 28.08
N PRO E 115 -9.17 -55.74 28.37
CA PRO E 115 -8.26 -55.10 29.32
C PRO E 115 -7.17 -54.27 28.65
N SER E 116 -6.40 -53.54 29.47
CA SER E 116 -5.13 -52.96 29.04
C SER E 116 -4.12 -52.92 30.19
N GLY E 117 -2.90 -52.47 29.91
CA GLY E 117 -1.88 -52.32 30.94
C GLY E 117 -1.70 -53.55 31.81
N LYS E 118 -1.47 -53.31 33.10
CA LYS E 118 -1.07 -54.37 34.01
C LYS E 118 -2.02 -55.57 33.98
N GLN E 119 -3.31 -55.33 33.76
CA GLN E 119 -4.33 -56.38 33.85
C GLN E 119 -4.57 -57.15 32.54
N ILE E 120 -3.72 -56.90 31.55
CA ILE E 120 -3.72 -57.70 30.32
C ILE E 120 -3.40 -59.17 30.57
N SER E 121 -2.28 -59.41 31.23
CA SER E 121 -1.76 -60.75 31.45
C SER E 121 -2.82 -61.70 31.97
N GLN E 122 -3.49 -61.30 33.04
CA GLN E 122 -4.45 -62.18 33.70
C GLN E 122 -5.58 -62.61 32.77
N SER E 123 -5.88 -61.79 31.76
CA SER E 123 -6.83 -62.21 30.74
C SER E 123 -6.20 -63.27 29.82
N ILE E 124 -5.04 -62.93 29.26
CA ILE E 124 -4.27 -63.86 28.43
C ILE E 124 -3.98 -65.19 29.12
N LEU E 125 -3.59 -65.13 30.39
CA LEU E 125 -3.32 -66.35 31.12
C LEU E 125 -4.62 -67.14 31.32
N LEU E 126 -5.73 -66.43 31.47
CA LEU E 126 -6.98 -67.10 31.82
C LEU E 126 -7.61 -67.83 30.64
N LEU E 127 -7.58 -67.21 29.47
CA LEU E 127 -8.30 -67.77 28.31
C LEU E 127 -7.45 -68.57 27.30
N LEU E 128 -6.14 -68.62 27.51
CA LEU E 128 -5.27 -69.36 26.60
C LEU E 128 -5.68 -70.82 26.44
N GLN E 129 -5.95 -71.50 27.55
CA GLN E 129 -6.31 -72.92 27.45
C GLN E 129 -7.61 -73.12 26.66
N PRO E 130 -8.67 -72.38 27.01
CA PRO E 130 -9.96 -72.47 26.31
C PRO E 130 -9.80 -72.19 24.82
N LEU E 131 -8.95 -71.23 24.49
CA LEU E 131 -8.60 -70.99 23.09
C LEU E 131 -8.09 -72.25 22.36
N GLN E 132 -7.38 -73.12 23.08
CA GLN E 132 -6.96 -74.37 22.48
C GLN E 132 -8.18 -75.25 22.35
N THR E 133 -8.75 -75.64 23.48
CA THR E 133 -9.84 -76.60 23.51
C THR E 133 -10.87 -76.24 22.45
N VAL E 134 -11.11 -74.95 22.26
CA VAL E 134 -12.05 -74.55 21.22
C VAL E 134 -11.47 -74.82 19.85
N ILE E 135 -10.29 -74.27 19.59
CA ILE E 135 -9.72 -74.31 18.25
C ILE E 135 -9.58 -75.73 17.70
N GLN E 136 -9.17 -76.66 18.55
CA GLN E 136 -9.05 -78.05 18.13
C GLN E 136 -10.43 -78.63 17.81
N LYS E 137 -11.46 -78.06 18.43
CA LYS E 137 -12.82 -78.56 18.26
C LYS E 137 -13.16 -78.43 16.79
N LEU E 138 -12.75 -77.32 16.20
CA LEU E 138 -12.76 -77.21 14.75
C LEU E 138 -11.34 -77.56 14.30
N HIS E 139 -11.17 -78.78 13.84
CA HIS E 139 -9.89 -79.26 13.38
C HIS E 139 -9.45 -78.48 12.18
N ASN E 140 -10.42 -78.18 11.33
CA ASN E 140 -10.17 -77.65 9.99
C ASN E 140 -9.45 -76.31 9.88
N LYS E 141 -9.77 -75.33 10.73
CA LYS E 141 -9.29 -73.99 10.41
C LYS E 141 -7.90 -73.63 10.91
N ALA E 142 -7.03 -73.25 9.97
CA ALA E 142 -5.82 -72.52 10.30
C ALA E 142 -6.16 -71.04 10.44
N TYR E 143 -7.07 -70.55 9.61
CA TYR E 143 -7.45 -69.13 9.65
C TYR E 143 -7.82 -68.69 11.08
N SER E 144 -8.44 -69.58 11.83
CA SER E 144 -8.73 -69.32 13.25
C SER E 144 -7.44 -69.03 14.00
N ILE E 145 -6.54 -70.00 14.07
CA ILE E 145 -5.24 -69.79 14.69
C ILE E 145 -4.58 -68.50 14.21
N GLY E 146 -4.58 -68.26 12.91
CA GLY E 146 -4.03 -67.00 12.43
C GLY E 146 -4.65 -65.89 13.23
N LEU E 147 -5.98 -65.84 13.27
CA LEU E 147 -6.70 -64.83 14.04
C LEU E 147 -6.19 -64.73 15.48
N ALA E 148 -6.38 -65.79 16.26
CA ALA E 148 -6.01 -65.83 17.69
C ALA E 148 -4.55 -65.42 17.97
N LEU E 149 -3.64 -65.84 17.11
CA LEU E 149 -2.25 -65.49 17.31
C LEU E 149 -2.06 -64.02 17.03
N SER E 150 -2.60 -63.56 15.91
CA SER E 150 -2.55 -62.13 15.58
C SER E 150 -3.04 -61.30 16.76
N THR E 151 -4.26 -61.54 17.22
CA THR E 151 -4.81 -60.71 18.30
C THR E 151 -3.96 -60.83 19.58
N LEU E 152 -3.68 -62.07 19.98
CA LEU E 152 -2.83 -62.31 21.13
C LEU E 152 -1.55 -61.47 21.10
N TRP E 153 -0.84 -61.51 19.97
CA TRP E 153 0.40 -60.75 19.80
C TRP E 153 0.15 -59.25 19.78
N ASN E 154 -1.00 -58.85 19.25
CA ASN E 154 -1.39 -57.44 19.29
C ASN E 154 -1.37 -56.97 20.72
N GLN E 155 -2.29 -57.49 21.53
CA GLN E 155 -2.30 -57.13 22.95
C GLN E 155 -0.93 -57.27 23.60
N LEU E 156 -0.23 -58.37 23.34
CA LEU E 156 1.01 -58.66 24.01
C LEU E 156 2.14 -57.68 23.64
N SER E 157 2.04 -57.09 22.47
CA SER E 157 3.04 -56.15 22.00
C SER E 157 3.05 -54.87 22.85
N LEU E 158 1.90 -54.52 23.44
CA LEU E 158 1.78 -53.27 24.17
C LEU E 158 2.61 -53.15 25.45
N LEU E 159 2.75 -54.25 26.17
CA LEU E 159 3.42 -54.22 27.47
C LEU E 159 4.91 -53.93 27.33
N PRO E 160 5.43 -53.06 28.20
CA PRO E 160 6.85 -52.68 28.18
C PRO E 160 7.76 -53.85 28.51
N VAL E 161 8.99 -53.82 27.99
CA VAL E 161 9.91 -54.93 28.18
C VAL E 161 10.91 -54.64 29.30
N PRO E 162 10.90 -55.46 30.36
CA PRO E 162 11.72 -55.23 31.58
C PRO E 162 13.22 -55.53 31.42
N TYR E 163 14.05 -55.04 32.35
CA TYR E 163 15.49 -55.41 32.46
C TYR E 163 15.96 -55.68 33.91
N SER E 164 16.34 -56.92 34.21
CA SER E 164 16.77 -57.33 35.56
C SER E 164 15.62 -57.46 36.57
N LYS E 165 14.41 -57.14 36.11
CA LYS E 165 13.18 -57.39 36.88
C LYS E 165 12.60 -58.76 36.54
N MET E 170 11.10 -60.70 38.74
CA MET E 170 9.71 -60.34 39.01
C MET E 170 9.23 -59.29 38.01
N ASP E 171 8.12 -59.59 37.33
CA ASP E 171 7.55 -58.64 36.37
C ASP E 171 6.09 -58.34 36.67
N ASP E 172 5.76 -57.05 36.73
CA ASP E 172 4.43 -56.60 37.10
C ASP E 172 3.43 -56.74 35.96
N TYR E 173 3.88 -56.45 34.75
CA TYR E 173 3.02 -56.46 33.56
C TYR E 173 2.70 -57.86 33.06
N GLY E 174 3.52 -58.84 33.44
CA GLY E 174 3.26 -60.23 33.11
C GLY E 174 3.77 -60.65 31.74
N LEU E 175 4.58 -59.80 31.12
CA LEU E 175 5.09 -60.06 29.79
C LEU E 175 5.82 -61.41 29.67
N CYS E 176 6.67 -61.72 30.64
CA CYS E 176 7.51 -62.91 30.56
C CYS E 176 6.69 -64.18 30.66
N GLN E 177 5.86 -64.26 31.68
CA GLN E 177 5.02 -65.43 31.81
C GLN E 177 4.08 -65.51 30.61
N CYS E 178 3.68 -64.36 30.07
CA CYS E 178 2.85 -64.38 28.87
C CYS E 178 3.57 -64.91 27.62
N CYS E 179 4.90 -64.77 27.58
CA CYS E 179 5.69 -65.28 26.46
C CYS E 179 5.95 -66.77 26.58
N LYS E 180 6.19 -67.21 27.81
CA LYS E 180 6.35 -68.64 28.00
C LYS E 180 5.00 -69.30 27.72
N ALA E 181 3.93 -68.66 28.19
CA ALA E 181 2.58 -69.18 28.03
C ALA E 181 2.21 -69.25 26.56
N LEU E 182 2.57 -68.21 25.83
CA LEU E 182 2.37 -68.21 24.39
C LEU E 182 3.10 -69.40 23.78
N ILE E 183 4.38 -69.55 24.11
CA ILE E 183 5.11 -70.72 23.63
C ILE E 183 4.35 -72.04 23.88
N GLU E 184 3.83 -72.23 25.10
CA GLU E 184 3.11 -73.46 25.40
C GLU E 184 1.89 -73.62 24.48
N PHE E 185 1.18 -72.52 24.28
CA PHE E 185 0.00 -72.49 23.43
C PHE E 185 0.32 -72.87 21.98
N THR E 186 1.38 -72.28 21.46
CA THR E 186 1.78 -72.38 20.05
C THR E 186 2.40 -73.74 19.72
N LYS E 187 3.11 -74.32 20.67
CA LYS E 187 3.81 -75.57 20.35
C LYS E 187 2.87 -76.56 19.64
N PRO E 188 1.75 -76.93 20.30
CA PRO E 188 0.85 -77.92 19.72
C PRO E 188 0.48 -77.64 18.26
N PHE E 189 0.48 -76.38 17.86
CA PHE E 189 0.17 -76.04 16.48
C PHE E 189 1.36 -76.30 15.56
N VAL E 190 2.58 -76.04 16.05
CA VAL E 190 3.80 -76.31 15.30
C VAL E 190 4.21 -77.79 15.35
N GLU E 191 3.82 -78.49 16.40
CA GLU E 191 4.08 -79.92 16.52
C GLU E 191 3.11 -80.67 15.61
N GLU E 192 2.05 -79.97 15.19
CA GLU E 192 1.07 -80.55 14.30
C GLU E 192 1.65 -80.72 12.91
N VAL E 193 2.18 -79.64 12.36
CA VAL E 193 2.62 -79.61 10.96
C VAL E 193 3.91 -80.40 10.73
N ILE E 194 4.77 -80.51 11.76
CA ILE E 194 6.02 -81.25 11.67
C ILE E 194 5.79 -82.61 11.01
N ASP E 195 4.72 -83.28 11.43
CA ASP E 195 4.35 -84.55 10.83
C ASP E 195 3.07 -84.42 10.03
N ASN E 196 3.20 -84.48 8.71
CA ASN E 196 2.05 -84.64 7.84
C ASN E 196 2.40 -85.39 6.57
N LYS E 197 1.52 -86.30 6.16
CA LYS E 197 1.57 -86.85 4.82
C LYS E 197 1.29 -85.76 3.78
N GLU E 198 0.14 -85.12 3.93
CA GLU E 198 -0.45 -84.27 2.90
C GLU E 198 0.21 -82.92 2.75
N ASN E 199 0.07 -82.37 1.54
CA ASN E 199 0.45 -81.01 1.23
C ASN E 199 -0.75 -80.06 1.36
N SER E 200 -1.87 -80.59 1.84
CA SER E 200 -3.16 -79.92 1.77
C SER E 200 -3.12 -78.47 2.26
N LEU E 201 -3.83 -77.61 1.53
CA LEU E 201 -3.72 -76.16 1.68
C LEU E 201 -3.89 -75.66 3.11
N GLU E 202 -4.69 -76.36 3.90
CA GLU E 202 -4.87 -75.98 5.30
C GLU E 202 -3.52 -76.02 6.00
N ASN E 203 -2.73 -77.04 5.70
CA ASN E 203 -1.39 -77.14 6.26
C ASN E 203 -0.55 -75.93 5.83
N GLU E 204 -0.66 -75.58 4.55
CA GLU E 204 -0.01 -74.39 4.01
C GLU E 204 -0.32 -73.10 4.78
N LYS E 205 -1.58 -72.69 4.73
CA LYS E 205 -2.01 -71.48 5.43
C LYS E 205 -1.67 -71.53 6.92
N LEU E 206 -1.67 -72.72 7.49
CA LEU E 206 -1.25 -72.88 8.89
C LEU E 206 0.23 -72.55 9.09
N LYS E 207 1.05 -73.00 8.15
CA LYS E 207 2.46 -72.63 8.14
C LYS E 207 2.61 -71.13 7.99
N ASP E 208 1.92 -70.57 7.01
CA ASP E 208 1.96 -69.15 6.75
C ASP E 208 1.63 -68.34 8.02
N GLU E 209 0.49 -68.63 8.64
CA GLU E 209 0.07 -67.88 9.84
C GLU E 209 1.08 -68.06 10.97
N LEU E 210 1.54 -69.30 11.15
CA LEU E 210 2.52 -69.59 12.19
C LEU E 210 3.79 -68.77 12.06
N LEU E 211 4.43 -68.84 10.91
CA LEU E 211 5.68 -68.11 10.75
C LEU E 211 5.42 -66.60 10.69
N LYS E 212 4.20 -66.24 10.30
CA LYS E 212 3.81 -64.85 10.38
C LYS E 212 3.95 -64.40 11.85
N PHE E 213 3.34 -65.16 12.75
CA PHE E 213 3.45 -64.85 14.18
C PHE E 213 4.90 -64.88 14.66
N CYS E 214 5.69 -65.75 14.05
CA CYS E 214 7.12 -65.82 14.38
C CYS E 214 7.89 -64.55 14.01
N PHE E 215 7.55 -63.94 12.88
CA PHE E 215 8.13 -62.65 12.51
C PHE E 215 7.59 -61.52 13.41
N LYS E 216 6.34 -61.65 13.83
CA LYS E 216 5.83 -60.72 14.80
C LYS E 216 6.66 -60.76 16.09
N SER E 217 6.74 -61.92 16.72
CA SER E 217 7.47 -62.09 17.97
C SER E 217 8.96 -61.81 17.80
N LEU E 218 9.47 -62.17 16.66
CA LEU E 218 10.86 -61.87 16.36
C LEU E 218 10.97 -60.36 16.51
N LYS E 219 9.98 -59.65 15.97
CA LYS E 219 10.01 -58.19 15.85
C LYS E 219 9.75 -57.39 17.14
N CYS E 220 8.52 -57.42 17.64
CA CYS E 220 8.22 -56.53 18.76
C CYS E 220 8.94 -56.89 20.06
N PRO E 221 8.60 -58.07 20.64
CA PRO E 221 9.12 -58.31 22.01
C PRO E 221 10.64 -58.43 22.03
N LEU E 222 11.20 -59.17 21.08
CA LEU E 222 12.60 -59.54 21.11
C LEU E 222 13.56 -58.43 20.69
N LEU E 223 13.02 -57.41 20.05
CA LEU E 223 13.85 -56.37 19.47
C LEU E 223 14.29 -55.37 20.55
N THR E 224 13.41 -55.17 21.55
CA THR E 224 13.73 -54.26 22.65
C THR E 224 14.29 -55.01 23.85
N ALA E 225 14.21 -56.35 23.79
CA ALA E 225 14.57 -57.18 24.94
C ALA E 225 16.08 -57.22 25.17
N GLN E 226 16.46 -57.34 26.43
CA GLN E 226 17.86 -57.33 26.83
C GLN E 226 18.17 -58.70 27.42
N PHE E 227 19.43 -59.09 27.44
CA PHE E 227 19.76 -60.47 27.80
C PHE E 227 20.73 -60.59 28.99
N PHE E 228 20.69 -61.74 29.67
CA PHE E 228 21.68 -62.07 30.70
C PHE E 228 23.07 -62.13 30.07
N ASP E 237 16.74 -66.65 31.51
CA ASP E 237 16.63 -65.52 30.60
C ASP E 237 15.45 -65.76 29.65
N PRO E 238 14.23 -65.52 30.16
CA PRO E 238 12.97 -65.90 29.50
C PRO E 238 12.95 -65.45 28.05
N PHE E 239 13.72 -64.41 27.72
CA PHE E 239 13.76 -63.93 26.35
C PHE E 239 14.69 -64.79 25.49
N ARG E 240 15.61 -65.51 26.12
CA ARG E 240 16.42 -66.51 25.43
C ARG E 240 15.60 -67.77 25.15
N TYR E 241 14.76 -68.14 26.11
CA TYR E 241 13.89 -69.29 25.95
C TYR E 241 12.90 -68.99 24.84
N PHE E 242 12.34 -67.79 24.89
CA PHE E 242 11.41 -67.35 23.86
C PHE E 242 12.05 -67.31 22.48
N ALA E 243 13.17 -66.60 22.35
CA ALA E 243 13.86 -66.57 21.07
C ALA E 243 14.09 -68.01 20.58
N SER E 244 14.85 -68.76 21.38
CA SER E 244 15.21 -70.13 21.05
C SER E 244 14.00 -70.88 20.54
N GLU E 245 12.90 -70.79 21.28
CA GLU E 245 11.73 -71.58 20.95
C GLU E 245 11.05 -71.10 19.65
N ILE E 246 11.05 -69.79 19.37
CA ILE E 246 10.46 -69.24 18.14
C ILE E 246 11.30 -69.61 16.92
N ILE E 247 12.54 -69.15 16.88
CA ILE E 247 13.45 -69.49 15.79
C ILE E 247 13.43 -71.01 15.57
N GLY E 248 13.29 -71.71 16.69
CA GLY E 248 13.08 -73.15 16.68
C GLY E 248 11.90 -73.50 15.80
N PHE E 249 10.77 -72.86 16.05
CA PHE E 249 9.60 -72.99 15.18
C PHE E 249 9.89 -72.65 13.71
N LEU E 250 10.85 -71.75 13.49
CA LEU E 250 11.19 -71.38 12.13
C LEU E 250 11.89 -72.52 11.41
N SER E 251 12.66 -73.29 12.17
CA SER E 251 13.24 -74.54 11.66
C SER E 251 12.18 -75.63 11.49
N ALA E 252 11.27 -75.69 12.46
CA ALA E 252 10.17 -76.66 12.49
C ALA E 252 9.29 -76.61 11.25
N ILE E 253 9.00 -75.40 10.77
CA ILE E 253 8.33 -75.25 9.48
C ILE E 253 9.42 -75.30 8.42
N GLY E 254 9.07 -75.02 7.17
CA GLY E 254 10.07 -74.86 6.15
C GLY E 254 10.80 -73.55 6.36
N HIS E 255 11.56 -73.12 5.34
CA HIS E 255 12.27 -71.84 5.39
C HIS E 255 12.94 -71.59 6.74
N PRO E 256 13.98 -72.38 7.05
CA PRO E 256 14.79 -72.20 8.26
C PRO E 256 15.40 -70.81 8.25
N PHE E 257 15.83 -70.33 9.40
CA PHE E 257 16.31 -68.95 9.48
C PHE E 257 17.52 -68.63 8.58
N PRO E 258 18.42 -69.58 8.43
CA PRO E 258 19.63 -69.39 7.62
C PRO E 258 19.33 -68.76 6.26
N LYS E 259 18.28 -69.25 5.60
CA LYS E 259 17.90 -68.73 4.30
C LYS E 259 17.50 -67.26 4.38
N MET E 260 16.78 -66.91 5.43
CA MET E 260 16.34 -65.54 5.63
C MET E 260 17.52 -64.57 5.54
N LYS E 282 8.61 -55.51 1.90
CA LYS E 282 9.66 -55.69 2.90
C LYS E 282 9.08 -55.64 4.31
N GLN E 283 9.51 -54.66 5.11
CA GLN E 283 8.97 -54.46 6.46
C GLN E 283 9.27 -55.61 7.43
N LEU E 284 9.84 -56.70 6.90
CA LEU E 284 10.32 -57.79 7.75
C LEU E 284 11.68 -57.42 8.32
N ALA E 285 12.26 -56.34 7.79
CA ALA E 285 13.62 -55.91 8.16
C ALA E 285 13.87 -55.78 9.68
N ASP E 286 12.83 -55.36 10.42
CA ASP E 286 12.95 -55.30 11.86
C ASP E 286 13.09 -56.72 12.39
N SER E 287 12.16 -57.59 11.99
CA SER E 287 12.23 -59.01 12.38
C SER E 287 13.61 -59.60 12.10
N MET E 288 14.05 -59.49 10.85
CA MET E 288 15.39 -59.95 10.44
C MET E 288 16.56 -59.38 11.22
N ALA E 289 16.52 -58.09 11.56
CA ALA E 289 17.61 -57.54 12.37
C ALA E 289 17.57 -58.08 13.80
N SER E 290 16.35 -58.31 14.30
CA SER E 290 16.22 -58.94 15.61
C SER E 290 16.84 -60.34 15.60
N LEU E 291 16.49 -61.11 14.56
CA LEU E 291 17.02 -62.46 14.32
C LEU E 291 18.53 -62.44 14.22
N ALA E 292 19.06 -61.62 13.33
CA ALA E 292 20.50 -61.48 13.22
C ALA E 292 21.12 -61.25 14.62
N TYR E 293 20.69 -60.22 15.35
CA TYR E 293 21.25 -60.03 16.69
C TYR E 293 21.16 -61.29 17.56
N LEU E 294 20.01 -61.96 17.51
CA LEU E 294 19.76 -63.12 18.37
C LEU E 294 20.70 -64.30 18.09
N VAL E 295 21.03 -64.44 16.82
CA VAL E 295 21.86 -65.52 16.34
C VAL E 295 23.34 -65.20 16.56
N PHE E 296 23.80 -64.11 15.94
CA PHE E 296 25.20 -63.78 16.01
C PHE E 296 25.66 -63.22 17.34
N VAL E 297 24.87 -62.36 17.99
CA VAL E 297 25.33 -61.90 19.29
C VAL E 297 25.00 -62.84 20.45
N GLN E 298 23.80 -63.42 20.45
CA GLN E 298 23.39 -64.27 21.56
C GLN E 298 23.74 -65.73 21.30
N GLY E 299 24.33 -65.99 20.13
CA GLY E 299 24.73 -67.33 19.78
C GLY E 299 23.58 -68.31 19.74
N ILE E 300 22.34 -67.80 19.63
CA ILE E 300 21.17 -68.68 19.65
C ILE E 300 21.02 -69.46 18.36
N HIS E 301 20.84 -70.77 18.52
CA HIS E 301 20.85 -71.68 17.39
C HIS E 301 21.96 -71.43 16.39
N ILE E 302 23.12 -70.97 16.84
CA ILE E 302 24.15 -70.58 15.89
C ILE E 302 24.80 -71.80 15.21
N ASP E 303 24.57 -72.97 15.79
CA ASP E 303 25.17 -74.22 15.34
C ASP E 303 24.76 -74.62 13.93
N GLN E 304 23.48 -74.39 13.60
CA GLN E 304 22.95 -74.78 12.32
C GLN E 304 23.67 -74.06 11.17
N LEU E 305 23.98 -72.79 11.39
CA LEU E 305 24.63 -71.99 10.37
C LEU E 305 26.04 -72.50 10.05
N PRO E 306 26.37 -72.47 8.77
CA PRO E 306 27.71 -72.84 8.26
C PRO E 306 28.83 -72.11 8.99
N MET E 307 30.06 -72.63 8.94
CA MET E 307 31.13 -72.05 9.75
C MET E 307 31.55 -70.63 9.37
N VAL E 308 31.66 -70.33 8.08
CA VAL E 308 32.10 -68.98 7.71
C VAL E 308 33.37 -68.67 8.48
N LEU E 309 33.27 -67.69 9.38
CA LEU E 309 34.35 -67.31 10.30
C LEU E 309 35.36 -66.34 9.68
N SER E 310 35.20 -66.00 8.41
CA SER E 310 35.85 -64.81 7.90
C SER E 310 34.98 -63.63 8.32
N PRO E 311 35.55 -62.72 9.12
CA PRO E 311 34.77 -61.63 9.71
C PRO E 311 34.20 -60.70 8.64
N LEU E 312 34.86 -60.70 7.49
CA LEU E 312 34.42 -59.94 6.33
C LEU E 312 33.06 -60.42 5.82
N TYR E 313 33.02 -61.69 5.48
CA TYR E 313 31.81 -62.32 4.96
C TYR E 313 30.60 -62.03 5.85
N LEU E 314 30.77 -62.16 7.16
CA LEU E 314 29.64 -61.96 8.05
C LEU E 314 29.33 -60.47 8.07
N LEU E 315 30.38 -59.66 8.14
CA LEU E 315 30.21 -58.21 8.22
C LEU E 315 29.28 -57.73 7.12
N GLN E 316 29.69 -57.93 5.88
CA GLN E 316 28.87 -57.43 4.79
C GLN E 316 27.41 -57.88 4.85
N PHE E 317 27.14 -59.05 5.39
CA PHE E 317 25.75 -59.47 5.50
C PHE E 317 25.04 -58.74 6.63
N ASN E 318 25.75 -58.59 7.75
CA ASN E 318 25.21 -58.02 8.97
C ASN E 318 25.04 -56.48 8.98
N MET E 319 25.85 -55.77 8.18
CA MET E 319 25.83 -54.30 8.13
C MET E 319 24.42 -53.76 8.01
N GLY E 320 23.67 -54.31 7.07
CA GLY E 320 22.29 -53.92 6.86
C GLY E 320 21.47 -53.96 8.14
N HIS E 321 21.50 -55.08 8.84
CA HIS E 321 20.83 -55.19 10.15
C HIS E 321 21.29 -54.11 11.13
N ILE E 322 22.58 -53.83 11.15
CA ILE E 322 23.08 -52.79 12.04
C ILE E 322 22.40 -51.47 11.70
N GLU E 323 22.34 -51.13 10.41
CA GLU E 323 21.69 -49.90 9.98
C GLU E 323 20.26 -49.85 10.50
N VAL E 324 19.47 -50.88 10.17
CA VAL E 324 18.12 -50.99 10.71
C VAL E 324 18.04 -50.82 12.23
N PHE E 325 19.11 -51.10 12.96
CA PHE E 325 19.12 -50.91 14.42
C PHE E 325 19.33 -49.46 14.77
N LEU E 326 20.22 -48.81 14.01
CA LEU E 326 20.66 -47.44 14.30
C LEU E 326 19.63 -46.38 13.90
N GLN E 327 18.73 -46.74 12.98
CA GLN E 327 17.69 -45.81 12.55
C GLN E 327 16.68 -45.68 13.67
N ARG E 328 16.65 -46.67 14.55
CA ARG E 328 15.74 -46.65 15.68
C ARG E 328 16.19 -45.66 16.76
N THR E 329 15.21 -45.18 17.52
CA THR E 329 15.45 -44.28 18.64
C THR E 329 15.51 -44.91 20.04
N GLU E 330 15.08 -46.16 20.19
CA GLU E 330 15.05 -46.77 21.53
C GLU E 330 16.46 -47.03 22.01
N GLU E 331 16.68 -46.88 23.31
CA GLU E 331 18.01 -47.01 23.89
C GLU E 331 18.46 -48.47 23.80
N SER E 332 17.56 -49.36 24.17
CA SER E 332 17.74 -50.80 24.04
C SER E 332 18.10 -51.22 22.61
N VAL E 333 17.30 -50.71 21.67
CA VAL E 333 17.51 -51.03 20.27
C VAL E 333 18.82 -50.45 19.73
N ILE E 334 19.13 -49.20 20.05
CA ILE E 334 20.39 -48.57 19.62
C ILE E 334 21.60 -49.32 20.18
N SER E 335 21.51 -49.65 21.46
CA SER E 335 22.52 -50.41 22.16
C SER E 335 22.79 -51.75 21.45
N LYS E 336 21.74 -52.55 21.25
CA LYS E 336 21.91 -53.77 20.49
C LYS E 336 22.61 -53.51 19.13
N GLY E 337 22.08 -52.61 18.30
CA GLY E 337 22.81 -52.31 17.08
C GLY E 337 24.31 -52.04 17.28
N LEU E 338 24.63 -51.22 18.28
CA LEU E 338 26.03 -50.89 18.53
C LEU E 338 26.84 -52.15 18.87
N GLU E 339 26.30 -53.00 19.73
CA GLU E 339 26.93 -54.27 20.11
C GLU E 339 27.21 -55.12 18.86
N LEU E 340 26.22 -55.25 17.98
CA LEU E 340 26.43 -56.04 16.76
C LEU E 340 27.52 -55.44 15.87
N LEU E 341 27.52 -54.13 15.72
CA LEU E 341 28.61 -53.50 14.99
C LEU E 341 29.97 -53.80 15.65
N GLU E 342 30.12 -53.48 16.94
CA GLU E 342 31.38 -53.70 17.66
C GLU E 342 31.88 -55.12 17.52
N ASN E 343 30.99 -56.06 17.80
CA ASN E 343 31.32 -57.47 17.65
C ASN E 343 31.82 -57.77 16.24
N SER E 344 31.02 -57.45 15.22
CA SER E 344 31.44 -57.61 13.82
C SER E 344 32.80 -57.00 13.52
N LEU E 345 33.09 -55.87 14.14
CA LEU E 345 34.27 -55.08 13.85
C LEU E 345 35.50 -55.52 14.59
N LEU E 346 35.30 -56.23 15.70
CA LEU E 346 36.40 -56.55 16.60
C LEU E 346 37.32 -57.50 15.90
N ARG E 347 36.72 -58.45 15.19
CA ARG E 347 37.46 -59.52 14.54
C ARG E 347 38.36 -59.02 13.38
N ILE E 348 37.93 -57.99 12.66
CA ILE E 348 38.71 -57.48 11.54
C ILE E 348 40.03 -56.87 11.96
N GLU E 349 41.08 -57.16 11.20
CA GLU E 349 42.40 -56.56 11.35
C GLU E 349 42.36 -55.10 10.88
N ASP E 350 43.21 -54.27 11.45
CA ASP E 350 43.21 -52.87 11.06
C ASP E 350 43.61 -52.72 9.61
N ASN E 351 42.93 -51.79 8.93
CA ASN E 351 43.11 -51.47 7.51
C ASN E 351 42.85 -52.61 6.51
N SER E 352 42.16 -53.66 6.96
CA SER E 352 41.74 -54.72 6.07
C SER E 352 40.58 -54.23 5.23
N LEU E 353 39.63 -53.56 5.86
CA LEU E 353 38.33 -53.31 5.21
C LEU E 353 38.51 -52.58 3.89
N LEU E 354 38.07 -53.23 2.83
CA LEU E 354 38.42 -52.85 1.47
C LEU E 354 37.52 -51.77 0.92
N TYR E 355 38.11 -50.87 0.14
CA TYR E 355 37.40 -49.73 -0.41
C TYR E 355 36.08 -50.13 -1.04
N GLN E 356 36.13 -51.14 -1.90
CA GLN E 356 34.96 -51.51 -2.66
C GLN E 356 33.78 -51.89 -1.77
N TYR E 357 34.02 -52.09 -0.48
CA TYR E 357 32.91 -52.45 0.42
C TYR E 357 31.95 -51.29 0.59
N LEU E 358 32.50 -50.09 0.43
CA LEU E 358 31.72 -48.87 0.49
C LEU E 358 30.73 -48.76 -0.69
N GLU E 359 30.86 -49.64 -1.67
CA GLU E 359 29.88 -49.63 -2.76
C GLU E 359 28.60 -50.39 -2.37
N ILE E 360 28.55 -50.84 -1.13
CA ILE E 360 27.30 -51.27 -0.52
C ILE E 360 26.79 -50.14 0.39
N LYS E 361 25.49 -49.86 0.29
CA LYS E 361 24.86 -48.72 0.94
C LYS E 361 25.11 -48.66 2.43
N SER E 362 24.77 -49.75 3.11
CA SER E 362 24.88 -49.78 4.57
C SER E 362 26.27 -49.35 4.95
N PHE E 363 27.24 -49.64 4.10
CA PHE E 363 28.61 -49.29 4.42
C PHE E 363 28.85 -47.79 4.58
N LEU E 364 28.15 -46.96 3.81
CA LEU E 364 28.13 -45.51 4.08
C LEU E 364 27.09 -45.00 5.09
N THR E 365 25.89 -45.56 5.01
CA THR E 365 24.77 -45.07 5.81
C THR E 365 25.00 -45.30 7.31
N VAL E 366 25.65 -46.41 7.61
CA VAL E 366 25.90 -46.81 8.99
C VAL E 366 26.84 -45.86 9.77
N PRO E 367 27.95 -45.41 9.16
CA PRO E 367 28.78 -44.44 9.90
C PRO E 367 27.93 -43.22 10.16
N GLN E 368 27.21 -42.79 9.13
CA GLN E 368 26.25 -41.71 9.25
C GLN E 368 25.29 -41.93 10.40
N GLY E 369 24.64 -43.10 10.40
CA GLY E 369 23.74 -43.48 11.47
C GLY E 369 24.41 -43.41 12.84
N LEU E 370 25.74 -43.54 12.85
CA LEU E 370 26.51 -43.40 14.08
C LEU E 370 26.56 -41.94 14.47
N VAL E 371 26.88 -41.11 13.48
CA VAL E 371 26.93 -39.67 13.64
C VAL E 371 25.61 -39.13 14.16
N LYS E 372 24.52 -39.72 13.65
CA LYS E 372 23.17 -39.48 14.16
C LYS E 372 23.11 -39.61 15.67
N VAL E 373 23.40 -40.82 16.17
CA VAL E 373 23.26 -41.08 17.59
C VAL E 373 24.21 -40.29 18.47
N MET E 374 25.47 -40.12 18.03
CA MET E 374 26.44 -39.30 18.77
C MET E 374 25.85 -37.96 19.19
N THR E 375 25.24 -37.31 18.21
CA THR E 375 24.67 -35.97 18.28
C THR E 375 23.22 -35.86 18.78
N LEU E 376 22.37 -36.76 18.30
CA LEU E 376 20.93 -36.68 18.62
C LEU E 376 20.35 -37.49 19.78
N CYS E 377 21.11 -38.43 20.34
CA CYS E 377 20.54 -39.31 21.35
C CYS E 377 20.87 -38.93 22.79
N PRO E 378 19.83 -38.93 23.63
CA PRO E 378 19.70 -38.56 25.04
C PRO E 378 20.78 -39.21 25.87
N ILE E 379 21.07 -40.48 25.59
CA ILE E 379 21.91 -41.32 26.45
C ILE E 379 23.38 -41.12 26.16
N GLU E 380 24.11 -40.64 27.16
CA GLU E 380 25.46 -40.15 26.91
C GLU E 380 26.33 -41.36 26.64
N THR E 381 26.22 -42.39 27.48
CA THR E 381 27.03 -43.57 27.27
C THR E 381 26.92 -43.92 25.79
N LEU E 382 25.70 -44.04 25.28
CA LEU E 382 25.49 -44.31 23.85
C LEU E 382 26.19 -43.33 22.90
N ARG E 383 26.22 -42.04 23.24
CA ARG E 383 26.87 -41.08 22.35
C ARG E 383 28.37 -41.32 22.32
N LYS E 384 28.93 -41.63 23.48
CA LYS E 384 30.37 -41.79 23.63
C LYS E 384 30.77 -43.05 22.89
N LYS E 385 29.90 -44.05 23.04
CA LYS E 385 30.06 -45.36 22.44
C LYS E 385 30.05 -45.25 20.93
N SER E 386 28.97 -44.68 20.40
CA SER E 386 28.82 -44.42 18.98
C SER E 386 30.04 -43.68 18.40
N LEU E 387 30.51 -42.65 19.10
CA LEU E 387 31.76 -42.01 18.67
C LEU E 387 32.87 -43.07 18.52
N ALA E 388 33.11 -43.81 19.60
CA ALA E 388 34.09 -44.90 19.57
C ALA E 388 33.94 -45.82 18.35
N MET E 389 32.78 -46.47 18.23
CA MET E 389 32.49 -47.32 17.10
C MET E 389 32.83 -46.64 15.77
N LEU E 390 32.54 -45.35 15.66
CA LEU E 390 32.99 -44.66 14.49
C LEU E 390 34.50 -44.81 14.36
N GLN E 391 35.24 -44.46 15.40
CA GLN E 391 36.71 -44.48 15.30
C GLN E 391 37.29 -45.87 14.98
N LEU E 392 36.60 -46.89 15.48
CA LEU E 392 36.98 -48.26 15.18
C LEU E 392 36.79 -48.50 13.71
N TYR E 393 35.61 -48.12 13.22
CA TYR E 393 35.25 -48.30 11.82
C TYR E 393 36.30 -47.67 10.93
N ILE E 394 36.54 -46.38 11.13
CA ILE E 394 37.57 -45.69 10.38
C ILE E 394 38.83 -46.55 10.40
N ASN E 395 39.26 -46.92 11.59
CA ASN E 395 40.44 -47.78 11.72
C ASN E 395 40.44 -49.03 10.83
N LYS E 396 39.30 -49.72 10.70
CA LYS E 396 39.24 -50.97 9.89
C LYS E 396 39.44 -50.76 8.39
N LEU E 397 38.88 -49.70 7.85
CA LEU E 397 38.93 -49.37 6.42
C LEU E 397 40.34 -49.18 5.85
N ASP E 398 40.57 -49.67 4.63
CA ASP E 398 41.85 -49.41 3.96
C ASP E 398 42.00 -47.92 3.62
N SER E 399 43.21 -47.48 3.28
CA SER E 399 43.49 -46.06 3.11
C SER E 399 42.40 -45.30 2.31
N GLN E 400 42.27 -45.60 1.02
CA GLN E 400 41.27 -44.92 0.18
C GLN E 400 39.84 -45.04 0.72
N GLY E 401 39.56 -46.12 1.43
CA GLY E 401 38.28 -46.24 2.12
C GLY E 401 38.09 -45.13 3.13
N LYS E 402 39.15 -44.86 3.91
CA LYS E 402 39.15 -43.77 4.89
C LYS E 402 38.92 -42.44 4.18
N TYR E 403 39.74 -42.16 3.18
CA TYR E 403 39.62 -40.90 2.43
C TYR E 403 38.19 -40.70 1.92
N THR E 404 37.64 -41.72 1.27
CA THR E 404 36.24 -41.70 0.86
C THR E 404 35.29 -41.38 2.03
N LEU E 405 35.36 -42.12 3.14
CA LEU E 405 34.44 -41.90 4.28
C LEU E 405 34.55 -40.49 4.89
N PHE E 406 35.79 -40.00 5.02
CA PHE E 406 36.03 -38.62 5.40
C PHE E 406 35.26 -37.70 4.45
N ARG E 407 35.64 -37.70 3.18
CA ARG E 407 35.04 -36.80 2.22
C ARG E 407 33.51 -36.85 2.41
N CYS E 408 32.94 -38.04 2.59
CA CYS E 408 31.50 -38.11 2.75
C CYS E 408 31.00 -37.44 4.04
N LEU E 409 31.49 -37.89 5.19
CA LEU E 409 31.10 -37.31 6.48
C LEU E 409 31.34 -35.79 6.60
N LEU E 410 32.27 -35.27 5.82
CA LEU E 410 32.52 -33.84 5.85
C LEU E 410 31.35 -33.11 5.21
N ASN E 411 30.95 -33.54 4.01
CA ASN E 411 29.83 -32.86 3.36
C ASN E 411 28.43 -33.40 3.78
N THR E 412 28.39 -34.30 4.76
CA THR E 412 27.13 -34.91 5.21
C THR E 412 26.73 -34.59 6.68
N SER E 413 27.66 -34.81 7.60
CA SER E 413 27.40 -34.67 9.03
C SER E 413 26.85 -33.31 9.48
N ASN E 414 27.33 -32.23 8.85
CA ASN E 414 26.83 -30.89 9.16
C ASN E 414 26.88 -30.59 10.67
N HIS E 415 27.99 -30.94 11.32
CA HIS E 415 28.24 -30.65 12.74
C HIS E 415 29.73 -30.34 12.92
N SER E 416 30.04 -29.15 13.41
CA SER E 416 31.40 -28.61 13.35
C SER E 416 32.35 -29.44 14.19
N GLY E 417 31.78 -30.06 15.22
CA GLY E 417 32.52 -30.95 16.07
C GLY E 417 32.93 -32.23 15.38
N VAL E 418 31.95 -33.01 14.91
CA VAL E 418 32.26 -34.20 14.13
C VAL E 418 33.12 -33.90 12.88
N GLU E 419 33.04 -32.67 12.39
CA GLU E 419 33.97 -32.26 11.35
C GLU E 419 35.40 -32.10 11.88
N ALA E 420 35.53 -31.58 13.10
CA ALA E 420 36.85 -31.44 13.72
C ALA E 420 37.45 -32.82 13.96
N PHE E 421 36.60 -33.76 14.37
CA PHE E 421 37.01 -35.15 14.54
C PHE E 421 37.53 -35.74 13.22
N ILE E 422 36.75 -35.54 12.16
CA ILE E 422 37.18 -36.00 10.86
C ILE E 422 38.53 -35.38 10.47
N ILE E 423 38.69 -34.10 10.80
CA ILE E 423 39.94 -33.42 10.46
C ILE E 423 41.10 -34.11 11.19
N GLN E 424 40.95 -34.27 12.50
CA GLN E 424 41.91 -34.99 13.31
C GLN E 424 42.33 -36.23 12.55
N ASN E 425 41.37 -37.12 12.32
CA ASN E 425 41.68 -38.37 11.60
C ASN E 425 42.51 -38.16 10.33
N ILE E 426 42.13 -37.19 9.52
CA ILE E 426 42.90 -36.90 8.32
C ILE E 426 44.37 -36.59 8.66
N LYS E 427 44.58 -35.71 9.63
CA LYS E 427 45.93 -35.40 10.05
C LYS E 427 46.69 -36.69 10.42
N ASN E 428 46.06 -37.53 11.23
CA ASN E 428 46.62 -38.84 11.55
C ASN E 428 47.06 -39.64 10.32
N GLN E 429 46.20 -39.66 9.30
CA GLN E 429 46.50 -40.41 8.09
C GLN E 429 47.69 -39.85 7.34
N ILE E 430 47.67 -38.54 7.10
CA ILE E 430 48.80 -37.83 6.50
C ILE E 430 50.11 -38.19 7.20
N ASP E 431 50.09 -38.12 8.53
CA ASP E 431 51.25 -38.51 9.33
C ASP E 431 51.69 -39.95 8.99
N MET E 432 50.85 -40.94 9.34
CA MET E 432 51.13 -42.34 9.00
C MET E 432 51.39 -42.51 7.51
N SER E 433 50.57 -41.87 6.68
CA SER E 433 50.65 -42.07 5.24
C SER E 433 52.02 -41.65 4.72
N LEU E 434 52.92 -41.13 5.56
CA LEU E 434 54.29 -41.21 5.12
C LEU E 434 55.17 -42.10 5.97
N LYS E 435 55.33 -43.32 5.47
CA LYS E 435 56.57 -44.06 5.29
C LYS E 435 56.28 -44.80 3.98
N ARG E 436 57.05 -44.54 2.93
CA ARG E 436 56.81 -45.15 1.62
C ARG E 436 55.41 -44.98 1.01
N LYS E 441 50.52 -41.87 -2.45
CA LYS E 441 49.39 -42.28 -1.62
C LYS E 441 48.19 -41.32 -1.72
N TRP E 442 47.11 -41.69 -1.04
CA TRP E 442 45.85 -40.99 -1.10
C TRP E 442 45.85 -39.70 -0.28
N PHE E 443 46.55 -39.72 0.84
CA PHE E 443 46.63 -38.57 1.72
C PHE E 443 47.80 -37.62 1.47
N THR E 444 48.48 -37.78 0.34
CA THR E 444 49.63 -36.94 0.00
C THR E 444 49.47 -35.96 -1.18
N GLY E 445 49.21 -36.48 -2.38
CA GLY E 445 49.23 -35.66 -3.57
C GLY E 445 47.93 -34.88 -3.74
N PRO E 446 47.66 -34.45 -4.99
CA PRO E 446 46.49 -33.65 -5.36
C PRO E 446 45.20 -34.22 -4.80
N GLN E 447 45.20 -35.51 -4.48
CA GLN E 447 44.05 -36.10 -3.82
C GLN E 447 43.89 -35.47 -2.45
N LEU E 448 45.01 -35.30 -1.76
CA LEU E 448 44.97 -34.66 -0.45
C LEU E 448 44.40 -33.28 -0.61
N ILE E 449 44.99 -32.52 -1.54
CA ILE E 449 44.51 -31.19 -1.82
C ILE E 449 43.00 -31.15 -2.08
N SER E 450 42.54 -32.02 -2.98
CA SER E 450 41.12 -32.18 -3.22
C SER E 450 40.41 -32.35 -1.89
N LEU E 451 41.07 -33.01 -0.94
CA LEU E 451 40.45 -33.20 0.37
C LEU E 451 40.59 -31.95 1.25
N LEU E 452 41.53 -31.08 0.92
CA LEU E 452 41.77 -29.86 1.68
C LEU E 452 40.80 -28.75 1.31
N ASP E 453 40.48 -28.68 0.03
CA ASP E 453 39.51 -27.72 -0.45
C ASP E 453 38.23 -27.85 0.35
N LEU E 454 38.00 -29.05 0.88
CA LEU E 454 36.78 -29.33 1.61
C LEU E 454 36.85 -28.84 3.08
N VAL E 455 38.03 -28.96 3.70
CA VAL E 455 38.24 -28.55 5.10
C VAL E 455 38.51 -27.07 5.29
N LEU E 456 39.27 -26.49 4.38
CA LEU E 456 39.67 -25.09 4.45
C LEU E 456 38.68 -24.16 3.72
N PHE E 457 37.60 -24.74 3.21
CA PHE E 457 36.54 -23.97 2.58
C PHE E 457 35.80 -23.18 3.63
N LEU E 458 35.70 -21.88 3.42
CA LEU E 458 34.94 -21.03 4.32
C LEU E 458 33.53 -20.79 3.78
N PRO E 459 32.51 -21.28 4.50
CA PRO E 459 31.11 -20.94 4.18
C PRO E 459 30.89 -19.46 4.49
N GLU E 460 30.44 -18.67 3.54
CA GLU E 460 30.18 -17.28 3.88
C GLU E 460 31.43 -16.84 4.63
N GLY E 461 32.58 -17.13 4.06
CA GLY E 461 33.83 -17.21 4.80
C GLY E 461 34.26 -15.96 5.53
N ALA E 462 34.10 -14.80 4.92
CA ALA E 462 34.48 -13.56 5.58
C ALA E 462 33.65 -13.34 6.84
N GLU E 463 32.35 -13.61 6.75
CA GLU E 463 31.43 -13.36 7.86
C GLU E 463 31.05 -14.57 8.72
N THR E 464 31.62 -15.74 8.44
CA THR E 464 31.19 -16.94 9.14
C THR E 464 31.02 -16.72 10.64
N ASP E 465 30.23 -17.58 11.27
CA ASP E 465 30.12 -17.64 12.72
C ASP E 465 31.38 -18.40 13.22
N LEU E 466 32.24 -17.73 13.96
CA LEU E 466 33.39 -18.42 14.51
C LEU E 466 33.12 -18.90 15.93
N LEU E 467 31.89 -18.75 16.38
CA LEU E 467 31.56 -19.22 17.71
C LEU E 467 31.33 -20.71 17.64
N GLN E 468 30.49 -21.12 16.70
CA GLN E 468 30.16 -22.54 16.51
C GLN E 468 31.06 -23.18 15.47
N ASN E 469 31.79 -22.34 14.73
CA ASN E 469 32.74 -22.80 13.74
C ASN E 469 34.10 -22.89 14.39
N SER E 470 34.12 -22.62 15.70
CA SER E 470 35.35 -22.51 16.46
C SER E 470 36.15 -23.80 16.48
N ASP E 471 35.48 -24.95 16.62
CA ASP E 471 36.26 -26.19 16.73
C ASP E 471 36.84 -26.68 15.40
N ARG E 472 36.03 -26.65 14.34
CA ARG E 472 36.47 -27.10 13.03
C ARG E 472 37.65 -26.25 12.55
N ILE E 473 37.60 -24.96 12.87
CA ILE E 473 38.66 -24.02 12.51
C ILE E 473 39.94 -24.26 13.32
N MET E 474 39.77 -24.57 14.61
CA MET E 474 40.92 -24.96 15.44
C MET E 474 41.61 -26.21 14.86
N ALA E 475 40.81 -27.23 14.54
CA ALA E 475 41.28 -28.41 13.84
C ALA E 475 42.09 -28.03 12.59
N SER E 476 41.47 -27.25 11.71
CA SER E 476 42.03 -26.98 10.40
C SER E 476 43.35 -26.25 10.56
N LEU E 477 43.35 -25.33 11.51
CA LEU E 477 44.52 -24.52 11.80
C LEU E 477 45.69 -25.35 12.34
N ASN E 478 45.38 -26.32 13.20
CA ASN E 478 46.42 -27.24 13.67
C ASN E 478 46.95 -28.15 12.55
N LEU E 479 46.04 -28.69 11.73
CA LEU E 479 46.43 -29.47 10.55
C LEU E 479 47.42 -28.69 9.67
N LEU E 480 47.08 -27.44 9.34
CA LEU E 480 48.03 -26.58 8.64
C LEU E 480 49.35 -26.55 9.39
N ARG E 481 49.25 -26.24 10.67
CA ARG E 481 50.42 -26.12 11.55
C ARG E 481 51.36 -27.30 11.34
N TYR E 482 50.80 -28.51 11.34
CA TYR E 482 51.56 -29.72 11.04
C TYR E 482 52.22 -29.59 9.68
N LEU E 483 51.37 -29.45 8.65
CA LEU E 483 51.85 -29.47 7.26
C LEU E 483 53.03 -28.55 7.00
N VAL E 484 52.92 -27.29 7.40
CA VAL E 484 54.00 -26.35 7.16
C VAL E 484 55.28 -26.77 7.89
N ILE E 485 55.13 -27.48 9.01
CA ILE E 485 56.28 -27.96 9.79
C ILE E 485 56.98 -29.20 9.21
N LYS E 486 56.19 -30.24 8.92
CA LYS E 486 56.73 -31.54 8.47
C LYS E 486 57.65 -31.46 7.26
N ASP E 487 57.10 -31.06 6.11
CA ASP E 487 57.89 -31.06 4.87
C ASP E 487 58.35 -29.67 4.45
N ASN E 488 59.58 -29.58 3.94
CA ASN E 488 60.11 -28.33 3.41
C ASN E 488 59.43 -27.95 2.10
N GLU E 489 59.50 -26.67 1.75
CA GLU E 489 59.40 -26.31 0.35
C GLU E 489 60.63 -26.94 -0.29
N ASN E 490 60.50 -27.42 -1.52
CA ASN E 490 61.61 -28.11 -2.20
C ASN E 490 61.76 -29.58 -1.80
N ASP E 491 61.02 -30.02 -0.80
CA ASP E 491 60.86 -31.44 -0.52
C ASP E 491 59.43 -31.75 -0.96
N ASN E 492 58.47 -31.19 -0.24
CA ASN E 492 57.10 -31.09 -0.71
C ASN E 492 56.43 -32.41 -1.05
N GLN E 493 56.64 -33.43 -0.24
CA GLN E 493 55.92 -34.69 -0.46
C GLN E 493 54.43 -34.35 -0.38
N THR E 494 54.09 -33.52 0.59
CA THR E 494 52.72 -33.06 0.72
C THR E 494 52.40 -32.04 -0.33
N GLY E 495 51.17 -32.09 -0.80
CA GLY E 495 50.32 -30.90 -0.72
C GLY E 495 50.96 -29.58 -1.11
N LEU E 496 51.11 -28.81 -0.03
CA LEU E 496 50.78 -27.42 0.23
C LEU E 496 51.48 -26.31 -0.55
N TRP E 497 52.75 -26.48 -0.87
CA TRP E 497 53.57 -25.38 -1.31
C TRP E 497 52.92 -24.75 -2.50
N THR E 498 52.35 -25.59 -3.35
CA THR E 498 51.56 -25.09 -4.47
C THR E 498 50.34 -24.29 -4.00
N GLU E 499 49.69 -24.74 -2.93
CA GLU E 499 48.41 -24.18 -2.51
C GLU E 499 48.49 -23.00 -1.54
N LEU E 500 49.67 -22.82 -0.96
CA LEU E 500 49.89 -21.89 0.14
C LEU E 500 49.34 -20.48 -0.09
N GLY E 501 49.66 -19.88 -1.23
CA GLY E 501 49.15 -18.55 -1.54
C GLY E 501 47.64 -18.56 -1.61
N ASN E 502 47.10 -19.43 -2.46
CA ASN E 502 45.67 -19.61 -2.60
C ASN E 502 44.98 -19.92 -1.25
N ILE E 503 45.71 -20.54 -0.33
CA ILE E 503 45.20 -20.82 1.01
C ILE E 503 45.09 -19.54 1.83
N GLU E 504 46.20 -18.80 1.86
CA GLU E 504 46.27 -17.57 2.65
C GLU E 504 45.23 -16.56 2.15
N ASN E 505 44.94 -16.61 0.86
CA ASN E 505 43.85 -15.82 0.29
C ASN E 505 42.49 -16.34 0.72
N ASN E 506 42.24 -17.62 0.52
CA ASN E 506 40.89 -18.14 0.66
C ASN E 506 40.58 -18.71 2.02
N PHE E 507 41.60 -18.76 2.87
CA PHE E 507 41.37 -19.26 4.22
C PHE E 507 41.91 -18.33 5.29
N LEU E 508 43.22 -18.14 5.27
CA LEU E 508 43.89 -17.34 6.28
C LEU E 508 43.40 -15.88 6.37
N LYS E 509 43.60 -15.08 5.31
CA LYS E 509 43.23 -13.67 5.41
C LYS E 509 41.78 -13.48 5.88
N PRO E 510 40.81 -14.06 5.16
CA PRO E 510 39.41 -13.84 5.53
C PRO E 510 39.13 -14.29 6.94
N LEU E 511 39.99 -15.15 7.46
CA LEU E 511 39.88 -15.53 8.85
C LEU E 511 40.36 -14.37 9.72
N HIS E 512 41.44 -13.70 9.32
CA HIS E 512 41.81 -12.46 9.99
C HIS E 512 40.65 -11.48 10.00
N ILE E 513 40.12 -11.21 8.81
CA ILE E 513 38.97 -10.35 8.62
C ILE E 513 37.85 -10.72 9.59
N GLY E 514 37.47 -11.98 9.57
CA GLY E 514 36.41 -12.46 10.43
C GLY E 514 36.69 -12.23 11.89
N LEU E 515 37.91 -12.54 12.33
CA LEU E 515 38.27 -12.36 13.74
C LEU E 515 38.04 -10.92 14.11
N ASN E 516 38.69 -10.01 13.38
CA ASN E 516 38.47 -8.58 13.56
C ASN E 516 37.00 -8.22 13.69
N MET E 517 36.23 -8.46 12.64
CA MET E 517 34.81 -8.11 12.65
C MET E 517 34.19 -8.59 13.95
N SER E 518 34.43 -9.85 14.27
CA SER E 518 33.87 -10.47 15.47
C SER E 518 34.24 -9.79 16.81
N LYS E 519 35.54 -9.70 17.09
CA LYS E 519 36.00 -9.08 18.33
C LYS E 519 35.35 -7.72 18.42
N ALA E 520 35.41 -6.97 17.32
CA ALA E 520 34.78 -5.67 17.29
C ALA E 520 33.30 -5.73 17.71
N HIS E 521 32.49 -6.53 17.02
CA HIS E 521 31.07 -6.63 17.37
C HIS E 521 30.92 -6.94 18.87
N TYR E 522 31.74 -7.85 19.40
CA TYR E 522 31.51 -8.34 20.75
C TYR E 522 31.92 -7.36 21.85
N GLU E 523 33.07 -6.72 21.63
CA GLU E 523 33.55 -5.65 22.47
C GLU E 523 32.51 -4.54 22.53
N ALA E 524 32.04 -4.13 21.35
CA ALA E 524 31.08 -3.04 21.25
C ALA E 524 29.78 -3.37 21.96
N GLU E 525 29.21 -4.52 21.61
CA GLU E 525 27.97 -4.97 22.23
C GLU E 525 28.10 -4.93 23.74
N ILE E 526 29.29 -5.26 24.23
CA ILE E 526 29.54 -5.24 25.66
C ILE E 526 29.59 -3.80 26.20
N LYS E 527 30.58 -3.03 25.76
CA LYS E 527 30.75 -1.65 26.23
C LYS E 527 29.40 -0.95 26.24
N ASN E 528 28.75 -0.85 25.09
CA ASN E 528 27.46 -0.20 25.15
C ASN E 528 26.32 -0.98 25.85
N SER E 529 26.53 -2.25 26.19
CA SER E 529 25.62 -2.89 27.14
C SER E 529 25.74 -2.29 28.53
N GLN E 530 26.99 -1.97 28.88
CA GLN E 530 27.33 -1.26 30.11
C GLN E 530 26.78 0.15 30.08
N GLU E 531 27.07 0.87 29.00
CA GLU E 531 26.55 2.22 28.83
C GLU E 531 25.05 2.25 29.03
N ALA E 532 24.37 1.32 28.37
CA ALA E 532 22.93 1.17 28.60
C ALA E 532 22.60 0.92 30.07
N GLN E 533 23.32 -0.02 30.71
CA GLN E 533 23.09 -0.43 32.11
C GLN E 533 23.18 0.71 33.09
N LYS E 534 24.23 1.53 32.96
CA LYS E 534 24.47 2.68 33.83
C LYS E 534 23.48 3.80 33.54
N SER E 535 23.18 4.01 32.27
CA SER E 535 22.24 5.05 31.92
C SER E 535 20.84 4.73 32.42
N LYS E 536 20.61 3.51 32.89
CA LYS E 536 19.30 3.20 33.42
C LYS E 536 19.19 3.56 34.90
N ASP E 537 20.24 4.21 35.43
CA ASP E 537 20.10 5.00 36.68
C ASP E 537 20.85 6.35 36.66
N PRO E 552 20.71 -10.79 38.18
CA PRO E 552 20.62 -9.51 37.47
C PRO E 552 21.96 -8.78 37.23
N PRO E 553 22.79 -8.61 38.27
CA PRO E 553 23.75 -7.50 38.30
C PRO E 553 24.87 -7.54 37.26
N GLU E 554 24.57 -7.41 35.96
CA GLU E 554 25.63 -7.28 34.99
C GLU E 554 26.45 -8.57 34.84
N MET E 555 26.10 -9.63 35.56
CA MET E 555 26.69 -10.96 35.29
C MET E 555 26.24 -11.42 33.93
N GLN E 556 25.06 -10.96 33.52
CA GLN E 556 24.44 -11.31 32.25
C GLN E 556 25.41 -11.17 31.08
N LEU E 557 26.31 -10.20 31.20
CA LEU E 557 27.29 -9.93 30.18
C LEU E 557 28.42 -10.99 30.01
N LYS E 558 28.70 -11.78 31.04
CA LYS E 558 29.84 -12.72 30.99
C LYS E 558 29.69 -13.68 29.82
N VAL E 559 28.44 -14.01 29.50
CA VAL E 559 28.13 -14.92 28.39
C VAL E 559 28.78 -14.45 27.09
N LEU E 560 29.01 -13.14 26.99
CA LEU E 560 29.72 -12.54 25.87
C LEU E 560 31.21 -12.65 25.99
N HIS E 561 31.74 -12.33 27.17
CA HIS E 561 33.18 -12.40 27.38
C HIS E 561 33.72 -13.73 26.87
N SER E 562 32.98 -14.81 27.13
CA SER E 562 33.44 -16.12 26.69
C SER E 562 33.89 -16.07 25.22
N ALA E 563 33.00 -15.56 24.35
CA ALA E 563 33.26 -15.48 22.90
C ALA E 563 34.61 -14.83 22.56
N LEU E 564 34.94 -13.77 23.29
CA LEU E 564 36.19 -13.04 23.08
C LEU E 564 37.40 -13.96 23.25
N PHE E 565 37.35 -14.77 24.30
CA PHE E 565 38.39 -15.76 24.56
C PHE E 565 38.53 -16.63 23.33
N THR E 566 37.39 -17.13 22.86
CA THR E 566 37.42 -18.07 21.76
C THR E 566 38.07 -17.43 20.55
N PHE E 567 37.98 -16.11 20.43
CA PHE E 567 38.61 -15.47 19.29
C PHE E 567 40.11 -15.42 19.56
N ASP E 568 40.48 -14.94 20.74
CA ASP E 568 41.87 -14.70 21.08
C ASP E 568 42.63 -16.00 21.11
N LEU E 569 41.91 -17.10 21.36
CA LEU E 569 42.50 -18.42 21.20
C LEU E 569 42.97 -18.59 19.76
N ILE E 570 42.00 -18.64 18.86
CA ILE E 570 42.24 -18.82 17.44
C ILE E 570 43.34 -17.91 16.92
N GLU E 571 43.29 -16.62 17.27
CA GLU E 571 44.26 -15.71 16.69
C GLU E 571 45.65 -16.16 17.10
N SER E 572 45.81 -16.53 18.36
CA SER E 572 47.11 -16.95 18.87
C SER E 572 47.64 -18.11 18.05
N VAL E 573 46.73 -18.99 17.63
CA VAL E 573 47.05 -20.13 16.78
C VAL E 573 47.41 -19.63 15.38
N LEU E 574 46.52 -18.81 14.84
CA LEU E 574 46.72 -18.24 13.51
C LEU E 574 48.04 -17.49 13.47
N ALA E 575 48.22 -16.56 14.39
CA ALA E 575 49.46 -15.78 14.47
C ALA E 575 50.67 -16.71 14.45
N ARG E 576 50.52 -17.90 15.03
CA ARG E 576 51.60 -18.86 15.09
C ARG E 576 51.89 -19.46 13.70
N VAL E 577 50.85 -19.96 13.05
CA VAL E 577 50.99 -20.60 11.74
C VAL E 577 51.78 -19.73 10.77
N GLU E 578 51.37 -18.48 10.65
CA GLU E 578 52.00 -17.54 9.74
C GLU E 578 53.46 -17.32 10.14
N GLU E 579 53.71 -17.25 11.43
CA GLU E 579 55.07 -17.12 11.95
C GLU E 579 55.95 -18.22 11.36
N LEU E 580 55.35 -19.40 11.21
CA LEU E 580 56.01 -20.54 10.59
C LEU E 580 56.00 -20.38 9.08
N ILE E 581 54.83 -20.03 8.54
CA ILE E 581 54.66 -19.89 7.10
C ILE E 581 55.73 -18.99 6.48
N GLU E 582 56.15 -17.97 7.22
CA GLU E 582 57.31 -17.21 6.78
C GLU E 582 58.56 -17.97 7.12
N ILE E 583 58.77 -18.22 8.41
CA ILE E 583 60.03 -18.75 8.92
C ILE E 583 60.59 -19.94 8.13
N LYS E 584 59.70 -20.86 7.73
CA LYS E 584 60.11 -22.06 7.00
C LYS E 584 60.07 -21.84 5.48
N THR E 585 59.76 -20.63 5.05
CA THR E 585 59.76 -20.26 3.64
C THR E 585 61.12 -19.68 3.23
N MET F 3 41.42 67.35 -29.44
CA MET F 3 41.19 65.92 -29.33
C MET F 3 40.25 65.44 -30.43
N ALA F 4 38.98 65.30 -30.08
CA ALA F 4 37.99 64.60 -30.90
C ALA F 4 37.98 65.00 -32.38
N VAL F 5 38.11 66.29 -32.69
CA VAL F 5 38.20 66.73 -34.09
C VAL F 5 39.41 66.08 -34.77
N GLU F 6 40.55 66.18 -34.11
CA GLU F 6 41.80 65.60 -34.58
C GLU F 6 41.76 64.06 -34.61
N GLU F 7 41.16 63.44 -33.59
CA GLU F 7 40.98 61.98 -33.57
C GLU F 7 40.20 61.48 -34.77
N LEU F 8 38.95 61.92 -34.84
CA LEU F 8 38.06 61.58 -35.92
C LEU F 8 38.65 61.88 -37.30
N GLN F 9 39.34 63.02 -37.42
CA GLN F 9 40.00 63.37 -38.69
C GLN F 9 41.24 62.50 -38.95
N SER F 10 41.82 61.94 -37.90
CA SER F 10 42.94 61.01 -38.03
C SER F 10 42.45 59.63 -38.44
N ILE F 11 41.20 59.31 -38.10
CA ILE F 11 40.58 58.13 -38.69
C ILE F 11 40.28 58.43 -40.15
N ILE F 12 39.69 59.61 -40.40
CA ILE F 12 39.26 59.99 -41.75
C ILE F 12 40.40 59.99 -42.75
N LYS F 13 41.47 60.74 -42.47
CA LYS F 13 42.58 60.90 -43.43
C LYS F 13 43.22 59.56 -43.78
N ARG F 14 43.02 58.56 -42.90
CA ARG F 14 43.41 57.19 -43.21
C ARG F 14 42.38 56.57 -44.15
N CYS F 15 41.11 56.70 -43.79
CA CYS F 15 40.00 56.11 -44.54
C CYS F 15 39.76 56.72 -45.93
N GLN F 16 40.46 57.81 -46.24
CA GLN F 16 40.26 58.48 -47.52
C GLN F 16 40.98 57.74 -48.63
N ILE F 17 42.24 57.39 -48.39
CA ILE F 17 43.10 56.75 -49.40
C ILE F 17 42.87 55.23 -49.45
N LEU F 18 41.87 54.77 -48.70
CA LEU F 18 41.55 53.35 -48.62
C LEU F 18 40.36 53.00 -49.51
N GLU F 19 40.50 51.93 -50.29
CA GLU F 19 39.43 51.47 -51.16
C GLU F 19 38.21 51.05 -50.36
N GLU F 20 38.45 50.37 -49.24
CA GLU F 20 37.37 49.91 -48.38
C GLU F 20 36.77 48.60 -48.90
N GLN F 21 37.40 48.05 -49.93
CA GLN F 21 36.93 46.80 -50.53
C GLN F 21 37.47 45.59 -49.78
N LYS F 24 38.56 48.34 -42.45
CA LYS F 24 38.89 47.98 -41.09
C LYS F 24 37.67 48.12 -40.15
N GLU F 25 37.14 46.99 -39.69
CA GLU F 25 35.94 46.97 -38.84
C GLU F 25 36.18 47.67 -37.51
N GLU F 26 37.39 47.53 -36.98
CA GLU F 26 37.76 48.15 -35.71
C GLU F 26 37.64 49.67 -35.77
N ASP F 27 37.87 50.24 -36.96
CA ASP F 27 37.80 51.68 -37.22
C ASP F 27 36.39 52.24 -37.10
N PHE F 28 35.40 51.36 -37.23
CA PHE F 28 33.98 51.69 -37.12
C PHE F 28 33.60 52.32 -35.78
N GLY F 29 33.76 51.55 -34.71
CA GLY F 29 33.44 52.02 -33.37
C GLY F 29 34.31 53.16 -32.89
N LEU F 30 35.52 53.26 -33.45
CA LEU F 30 36.42 54.37 -33.14
C LEU F 30 35.94 55.63 -33.85
N PHE F 31 35.30 55.45 -34.99
CA PHE F 31 34.66 56.55 -35.72
C PHE F 31 33.38 57.03 -35.04
N GLN F 32 32.54 56.08 -34.64
CA GLN F 32 31.31 56.40 -33.93
C GLN F 32 31.65 57.07 -32.62
N LEU F 33 32.68 56.57 -31.95
CA LEU F 33 33.15 57.12 -30.68
C LEU F 33 33.76 58.53 -30.82
N ALA F 34 34.57 58.73 -31.86
CA ALA F 34 35.10 60.06 -32.14
C ALA F 34 33.97 61.04 -32.48
N GLY F 35 32.92 60.53 -33.13
CA GLY F 35 31.75 61.34 -33.43
C GLY F 35 30.98 61.75 -32.19
N GLN F 36 30.65 60.78 -31.36
CA GLN F 36 29.95 61.06 -30.10
C GLN F 36 30.75 62.06 -29.28
N ARG F 37 32.07 61.90 -29.25
CA ARG F 37 32.93 62.85 -28.58
C ARG F 37 32.75 64.25 -29.17
N CYS F 38 32.88 64.36 -30.49
CA CYS F 38 32.73 65.65 -31.18
C CYS F 38 31.42 66.35 -30.85
N ILE F 39 30.35 65.57 -30.69
CA ILE F 39 29.05 66.15 -30.32
C ILE F 39 29.06 66.78 -28.91
N GLU F 40 29.92 66.29 -28.03
CA GLU F 40 30.06 66.84 -26.67
C GLU F 40 31.08 67.99 -26.59
N GLU F 41 31.71 68.30 -27.72
CA GLU F 41 32.68 69.42 -27.82
C GLU F 41 33.75 69.40 -26.74
N LEU F 47 32.32 70.55 -36.82
CA LEU F 47 31.60 69.71 -37.76
C LEU F 47 30.88 70.55 -38.81
N LEU F 48 30.07 69.89 -39.64
CA LEU F 48 29.32 70.57 -40.68
C LEU F 48 30.19 70.84 -41.91
N GLU F 49 31.40 70.30 -41.89
CA GLU F 49 32.34 70.47 -43.00
C GLU F 49 32.72 69.12 -43.60
N ILE F 50 33.26 68.24 -42.77
CA ILE F 50 33.67 66.92 -43.22
C ILE F 50 32.66 66.37 -44.22
N ILE F 51 31.44 66.16 -43.73
CA ILE F 51 30.36 65.61 -44.54
C ILE F 51 30.15 66.41 -45.81
N GLN F 52 29.85 67.71 -45.65
CA GLN F 52 29.45 68.55 -46.76
C GLN F 52 30.55 68.56 -47.80
N ASN F 53 31.80 68.54 -47.36
CA ASN F 53 32.91 68.45 -48.29
C ASN F 53 32.80 67.14 -49.07
N GLU F 54 33.09 67.21 -50.37
CA GLU F 54 32.88 66.10 -51.29
C GLU F 54 33.69 64.83 -50.99
N LYS F 55 34.92 65.02 -50.54
CA LYS F 55 35.90 63.94 -50.49
C LYS F 55 35.54 62.76 -49.59
N ASN F 56 34.97 63.00 -48.42
CA ASN F 56 34.76 61.92 -47.47
C ASN F 56 33.51 61.08 -47.77
N LYS F 57 32.83 61.36 -48.87
CA LYS F 57 31.58 60.67 -49.20
C LYS F 57 31.66 59.14 -49.14
N VAL F 58 32.67 58.59 -49.81
CA VAL F 58 32.84 57.14 -49.91
C VAL F 58 32.87 56.52 -48.52
N ILE F 59 33.56 57.19 -47.60
CA ILE F 59 33.51 56.82 -46.17
C ILE F 59 32.08 56.85 -45.66
N ILE F 60 31.51 58.05 -45.60
CA ILE F 60 30.22 58.30 -44.95
C ILE F 60 29.08 57.41 -45.47
N LYS F 61 29.19 56.92 -46.70
CA LYS F 61 28.17 56.04 -47.24
C LYS F 61 28.22 54.64 -46.60
N ASN F 62 29.41 54.05 -46.54
CA ASN F 62 29.59 52.73 -45.92
C ASN F 62 29.44 52.68 -44.39
N MET F 63 30.16 53.57 -43.70
CA MET F 63 30.03 53.72 -42.23
C MET F 63 29.64 55.15 -41.87
N GLY F 64 29.20 55.36 -40.63
CA GLY F 64 28.65 56.64 -40.25
C GLY F 64 27.15 56.53 -40.06
N TRP F 65 26.60 55.38 -40.42
CA TRP F 65 25.22 55.08 -40.07
C TRP F 65 25.10 55.11 -38.53
N ASN F 66 26.25 55.01 -37.87
CA ASN F 66 26.37 55.09 -36.39
C ASN F 66 25.77 56.37 -35.83
N LEU F 67 26.17 57.48 -36.45
CA LEU F 67 25.91 58.84 -35.98
C LEU F 67 24.42 59.23 -35.83
N VAL F 68 23.52 58.52 -36.51
CA VAL F 68 22.09 58.83 -36.43
C VAL F 68 21.55 58.81 -35.00
N GLY F 69 22.02 57.87 -34.20
CA GLY F 69 21.51 57.69 -32.84
C GLY F 69 21.70 58.89 -31.92
N PRO F 70 22.96 59.32 -31.71
CA PRO F 70 23.18 60.49 -30.85
C PRO F 70 22.59 61.76 -31.42
N VAL F 71 22.71 61.92 -32.74
CA VAL F 71 22.14 63.06 -33.48
C VAL F 71 20.61 63.20 -33.32
N VAL F 72 19.90 62.09 -33.46
CA VAL F 72 18.45 62.07 -33.20
C VAL F 72 18.16 62.37 -31.73
N ARG F 73 18.91 61.74 -30.84
CA ARG F 73 18.75 61.91 -29.40
C ARG F 73 19.05 63.35 -28.96
N CYS F 74 19.79 64.08 -29.80
CA CYS F 74 19.93 65.51 -29.67
C CYS F 74 18.66 66.21 -30.09
N LEU F 75 18.19 65.89 -31.29
CA LEU F 75 17.01 66.50 -31.88
C LEU F 75 15.84 66.45 -30.92
N LEU F 76 15.55 65.27 -30.40
CA LEU F 76 14.58 65.19 -29.31
C LEU F 76 15.17 66.03 -28.15
N CYS F 77 14.41 67.01 -27.69
CA CYS F 77 14.93 68.04 -26.77
C CYS F 77 16.04 68.87 -27.41
N SER F 83 15.19 77.28 -29.98
CA SER F 83 16.60 77.27 -30.38
C SER F 83 16.79 76.89 -31.85
N LYS F 84 18.04 76.74 -32.25
CA LYS F 84 18.35 76.27 -33.59
C LYS F 84 19.07 74.91 -33.55
N ARG F 85 18.33 73.87 -33.88
CA ARG F 85 18.87 72.52 -33.99
C ARG F 85 19.21 72.27 -35.44
N LYS F 86 18.86 73.25 -36.28
CA LYS F 86 18.83 73.06 -37.73
C LYS F 86 20.16 72.55 -38.28
N VAL F 87 21.25 72.76 -37.55
CA VAL F 87 22.54 72.19 -37.93
C VAL F 87 22.47 70.67 -37.86
N TYR F 88 22.06 70.17 -36.69
CA TYR F 88 21.81 68.76 -36.47
C TYR F 88 20.84 68.21 -37.53
N PHE F 89 19.83 69.01 -37.87
CA PHE F 89 18.89 68.64 -38.93
C PHE F 89 19.58 68.48 -40.30
N LEU F 90 20.48 69.39 -40.64
CA LEU F 90 21.15 69.33 -41.93
C LEU F 90 22.10 68.14 -42.00
N ILE F 91 22.76 67.87 -40.88
CA ILE F 91 23.62 66.69 -40.71
C ILE F 91 22.82 65.41 -40.92
N PHE F 92 21.74 65.27 -40.16
CA PHE F 92 20.79 64.18 -40.29
C PHE F 92 20.35 63.97 -41.75
N ASP F 93 19.69 64.97 -42.31
CA ASP F 93 19.22 64.91 -43.69
C ASP F 93 20.35 64.54 -44.65
N LEU F 94 21.59 64.88 -44.29
CA LEU F 94 22.76 64.46 -45.05
C LEU F 94 23.06 62.97 -44.93
N LEU F 95 23.04 62.47 -43.69
CA LEU F 95 23.23 61.06 -43.44
C LEU F 95 22.17 60.26 -44.19
N VAL F 96 20.94 60.75 -44.22
CA VAL F 96 19.88 60.11 -44.98
C VAL F 96 20.11 60.25 -46.47
N LYS F 97 20.69 61.39 -46.86
CA LYS F 97 21.04 61.63 -48.25
C LYS F 97 22.05 60.59 -48.76
N LEU F 98 23.20 60.47 -48.10
CA LEU F 98 24.12 59.36 -48.38
C LEU F 98 24.44 58.49 -47.16
N CYS F 99 23.89 57.29 -47.12
CA CYS F 99 24.27 56.29 -46.12
C CYS F 99 23.84 54.98 -46.69
N ASN F 100 24.47 53.88 -46.28
CA ASN F 100 23.99 52.56 -46.71
C ASN F 100 22.66 52.30 -46.00
N PRO F 101 21.58 52.14 -46.80
CA PRO F 101 20.20 52.18 -46.29
C PRO F 101 19.89 51.06 -45.30
N LYS F 102 20.51 49.91 -45.46
CA LYS F 102 20.22 48.75 -44.61
C LYS F 102 20.67 48.94 -43.16
N GLU F 103 21.83 49.56 -42.95
CA GLU F 103 22.29 49.86 -41.59
C GLU F 103 21.48 50.98 -40.95
N LEU F 104 21.40 52.11 -41.64
CA LEU F 104 20.66 53.27 -41.18
C LEU F 104 19.19 52.95 -40.88
N LEU F 105 18.60 52.08 -41.68
CA LEU F 105 17.23 51.64 -41.47
C LEU F 105 17.02 51.13 -40.04
N LEU F 106 17.89 50.23 -39.60
CA LEU F 106 17.85 49.70 -38.24
C LEU F 106 18.27 50.78 -37.23
N GLY F 107 19.22 51.61 -37.63
CA GLY F 107 19.65 52.73 -36.81
C GLY F 107 18.43 53.54 -36.37
N LEU F 108 17.52 53.75 -37.31
CA LEU F 108 16.29 54.48 -37.04
C LEU F 108 15.33 53.60 -36.29
N LEU F 109 15.35 52.31 -36.61
CA LEU F 109 14.46 51.36 -35.97
C LEU F 109 14.78 51.26 -34.48
N GLU F 110 15.88 51.90 -34.07
CA GLU F 110 16.23 52.07 -32.66
C GLU F 110 15.10 52.68 -31.83
N LEU F 111 14.19 53.40 -32.51
CA LEU F 111 13.14 54.21 -31.88
C LEU F 111 12.27 53.41 -30.89
N ILE F 112 12.36 52.08 -30.96
CA ILE F 112 11.87 51.21 -29.89
C ILE F 112 12.57 51.55 -28.58
N GLU F 113 13.88 51.33 -28.56
CA GLU F 113 14.71 51.57 -27.38
C GLU F 113 14.62 53.03 -26.96
N GLU F 114 14.65 53.94 -27.92
CA GLU F 114 14.37 55.33 -27.56
C GLU F 114 13.02 55.31 -26.86
N PRO F 115 12.81 56.28 -25.95
CA PRO F 115 12.02 56.04 -24.72
C PRO F 115 10.59 55.57 -24.95
N SER F 116 9.83 55.50 -23.87
CA SER F 116 8.44 55.04 -23.94
C SER F 116 7.37 56.04 -23.50
N GLY F 117 6.59 56.56 -24.44
CA GLY F 117 5.16 56.71 -24.19
C GLY F 117 4.78 57.45 -22.93
N LYS F 118 5.02 58.75 -22.76
CA LYS F 118 4.72 59.76 -23.79
C LYS F 118 5.83 60.12 -24.79
N GLN F 119 6.99 59.50 -24.68
CA GLN F 119 8.10 59.86 -25.56
C GLN F 119 8.10 59.09 -26.88
N ILE F 120 7.19 58.12 -27.01
CA ILE F 120 7.07 57.33 -28.25
C ILE F 120 6.63 58.17 -29.44
N SER F 121 5.59 58.98 -29.24
CA SER F 121 5.06 59.79 -30.34
C SER F 121 6.15 60.67 -30.92
N GLN F 122 6.73 61.52 -30.08
CA GLN F 122 7.71 62.50 -30.55
C GLN F 122 8.78 61.85 -31.39
N SER F 123 9.06 60.59 -31.12
CA SER F 123 10.08 59.84 -31.85
C SER F 123 9.53 59.32 -33.19
N ILE F 124 8.50 58.48 -33.10
CA ILE F 124 7.88 57.92 -34.30
C ILE F 124 7.58 59.00 -35.34
N LEU F 125 7.00 60.10 -34.90
CA LEU F 125 6.58 61.19 -35.80
C LEU F 125 7.75 61.71 -36.62
N LEU F 126 8.69 62.38 -35.98
CA LEU F 126 9.85 62.95 -36.67
C LEU F 126 10.66 61.91 -37.45
N LEU F 127 10.71 60.68 -36.93
CA LEU F 127 11.52 59.61 -37.51
C LEU F 127 10.94 59.00 -38.79
N LEU F 128 9.63 58.71 -38.79
CA LEU F 128 9.02 57.93 -39.87
C LEU F 128 9.06 58.60 -41.25
N GLN F 129 9.16 59.93 -41.28
CA GLN F 129 9.26 60.61 -42.58
C GLN F 129 10.58 60.28 -43.31
N PRO F 130 11.72 60.51 -42.66
CA PRO F 130 13.00 60.11 -43.25
C PRO F 130 13.15 58.58 -43.32
N LEU F 131 12.36 57.88 -42.52
CA LEU F 131 12.34 56.43 -42.55
C LEU F 131 11.73 55.96 -43.87
N GLN F 132 10.66 56.62 -44.29
CA GLN F 132 9.97 56.27 -45.52
C GLN F 132 10.91 56.30 -46.72
N THR F 133 11.63 57.39 -46.90
CA THR F 133 12.49 57.56 -48.07
C THR F 133 13.62 56.53 -48.16
N VAL F 134 14.12 56.07 -47.02
CA VAL F 134 15.18 55.06 -47.02
C VAL F 134 14.68 53.73 -47.54
N ILE F 135 13.52 53.31 -47.05
CA ILE F 135 12.88 52.09 -47.53
C ILE F 135 12.62 52.14 -49.04
N GLN F 136 12.54 53.34 -49.59
CA GLN F 136 12.48 53.52 -51.04
C GLN F 136 13.87 53.27 -51.63
N LYS F 137 14.87 53.78 -50.93
CA LYS F 137 16.25 53.80 -51.43
C LYS F 137 16.66 52.43 -51.94
N LEU F 138 16.18 51.38 -51.27
CA LEU F 138 16.26 50.02 -51.82
C LEU F 138 14.91 49.59 -52.37
N HIS F 139 14.90 49.09 -53.59
CA HIS F 139 13.68 48.70 -54.28
C HIS F 139 13.07 47.39 -53.77
N ASN F 140 13.91 46.35 -53.77
CA ASN F 140 13.47 44.97 -53.77
C ASN F 140 12.73 44.46 -52.53
N LYS F 141 13.21 44.85 -51.34
CA LYS F 141 12.73 44.23 -50.10
C LYS F 141 11.41 44.78 -49.53
N ALA F 142 10.49 43.85 -49.27
CA ALA F 142 9.32 44.07 -48.44
C ALA F 142 9.56 43.64 -47.00
N TYR F 143 10.68 42.96 -46.76
CA TYR F 143 11.05 42.54 -45.42
C TYR F 143 11.38 43.74 -44.56
N SER F 144 12.07 44.71 -45.15
CA SER F 144 12.24 46.02 -44.52
C SER F 144 10.88 46.54 -44.04
N ILE F 145 9.97 46.75 -44.99
CA ILE F 145 8.61 47.20 -44.68
C ILE F 145 7.98 46.43 -43.52
N GLY F 146 7.80 45.13 -43.69
CA GLY F 146 7.20 44.33 -42.65
C GLY F 146 7.87 44.61 -41.33
N LEU F 147 9.20 44.73 -41.35
CA LEU F 147 9.99 44.94 -40.15
C LEU F 147 9.59 46.24 -39.46
N ALA F 148 9.58 47.31 -40.24
CA ALA F 148 9.14 48.62 -39.77
C ALA F 148 7.69 48.64 -39.26
N LEU F 149 6.79 47.96 -39.96
CA LEU F 149 5.38 47.99 -39.57
C LEU F 149 5.19 47.25 -38.26
N SER F 150 5.82 46.09 -38.15
CA SER F 150 5.88 45.34 -36.90
C SER F 150 6.45 46.20 -35.76
N THR F 151 7.46 47.02 -36.08
CA THR F 151 8.15 47.87 -35.08
C THR F 151 7.23 49.00 -34.61
N LEU F 152 6.87 49.90 -35.51
CA LEU F 152 5.97 50.99 -35.19
C LEU F 152 4.71 50.49 -34.49
N TRP F 153 4.11 49.45 -35.05
CA TRP F 153 2.88 48.92 -34.46
C TRP F 153 3.15 48.45 -33.06
N ASN F 154 4.27 47.77 -32.85
CA ASN F 154 4.66 47.35 -31.52
C ASN F 154 4.79 48.54 -30.57
N GLN F 155 5.22 49.68 -31.10
CA GLN F 155 5.38 50.88 -30.27
C GLN F 155 4.06 51.57 -29.91
N LEU F 156 3.14 51.70 -30.86
CA LEU F 156 1.87 52.36 -30.57
C LEU F 156 0.87 51.43 -29.91
N SER F 157 1.08 50.12 -30.06
CA SER F 157 0.27 49.14 -29.37
C SER F 157 0.42 49.31 -27.87
N LEU F 158 1.43 50.07 -27.46
CA LEU F 158 1.62 50.41 -26.05
C LEU F 158 0.63 51.49 -25.61
N LEU F 159 0.73 52.67 -26.23
CA LEU F 159 -0.04 53.86 -25.87
C LEU F 159 -1.54 53.58 -25.75
N PRO F 160 -2.16 54.04 -24.65
CA PRO F 160 -3.59 53.85 -24.38
C PRO F 160 -4.47 54.72 -25.26
N VAL F 161 -5.56 54.18 -25.77
CA VAL F 161 -6.57 54.97 -26.46
C VAL F 161 -7.19 55.97 -25.46
N PRO F 162 -7.09 57.27 -25.76
CA PRO F 162 -7.65 58.28 -24.86
C PRO F 162 -9.17 58.26 -24.85
N TYR F 163 -9.78 57.71 -25.90
CA TYR F 163 -11.24 57.61 -26.01
C TYR F 163 -11.97 58.79 -25.36
N GLN F 167 -13.58 61.95 -22.85
CA GLN F 167 -12.76 61.74 -24.02
C GLN F 167 -11.71 62.84 -24.18
N ILE F 168 -10.58 62.47 -24.75
CA ILE F 168 -9.60 63.44 -25.20
C ILE F 168 -9.12 63.04 -26.59
N GLN F 169 -9.39 63.89 -27.58
CA GLN F 169 -8.69 63.80 -28.87
C GLN F 169 -7.55 64.77 -28.87
N MET F 170 -7.30 65.35 -27.70
CA MET F 170 -6.53 66.59 -27.60
C MET F 170 -5.14 66.62 -28.28
N ASP F 171 -4.29 65.58 -28.19
CA ASP F 171 -4.41 64.42 -27.33
C ASP F 171 -2.95 64.34 -26.85
N ASP F 172 -2.72 64.09 -25.56
CA ASP F 172 -1.40 64.35 -24.96
C ASP F 172 -0.31 63.30 -25.23
N TYR F 173 -0.75 62.07 -25.46
CA TYR F 173 0.16 60.95 -25.71
C TYR F 173 0.65 60.90 -27.16
N GLY F 174 -0.18 61.42 -28.06
CA GLY F 174 0.19 61.53 -29.46
C GLY F 174 -0.22 60.34 -30.30
N LEU F 175 -1.08 59.49 -29.76
CA LEU F 175 -1.51 58.30 -30.48
C LEU F 175 -2.23 58.64 -31.78
N CYS F 176 -3.34 59.38 -31.68
CA CYS F 176 -4.17 59.70 -32.85
C CYS F 176 -3.34 60.36 -33.94
N GLN F 177 -2.46 61.26 -33.52
CA GLN F 177 -1.55 61.95 -34.42
C GLN F 177 -0.64 60.94 -35.15
N CYS F 178 -0.22 59.92 -34.41
CA CYS F 178 0.64 58.85 -34.93
C CYS F 178 -0.09 58.02 -35.97
N CYS F 179 -1.25 57.49 -35.60
CA CYS F 179 -2.09 56.77 -36.56
C CYS F 179 -2.34 57.60 -37.81
N LYS F 180 -2.61 58.89 -37.61
CA LYS F 180 -2.81 59.77 -38.76
C LYS F 180 -1.60 59.66 -39.67
N ALA F 181 -0.44 60.06 -39.15
CA ALA F 181 0.79 60.09 -39.94
C ALA F 181 1.12 58.73 -40.60
N LEU F 182 0.73 57.65 -39.92
CA LEU F 182 1.03 56.29 -40.36
C LEU F 182 0.49 55.97 -41.73
N ILE F 183 -0.68 56.52 -42.03
CA ILE F 183 -1.26 56.28 -43.32
C ILE F 183 -0.47 57.06 -44.38
N GLU F 184 -0.02 58.25 -44.03
CA GLU F 184 0.84 59.04 -44.91
C GLU F 184 2.13 58.25 -45.22
N PHE F 185 2.70 57.63 -44.20
CA PHE F 185 3.86 56.77 -44.34
C PHE F 185 3.58 55.57 -45.25
N THR F 186 2.44 54.93 -45.00
CA THR F 186 2.09 53.65 -45.62
C THR F 186 1.65 53.74 -47.07
N LYS F 187 0.83 54.74 -47.40
CA LYS F 187 0.19 54.80 -48.71
C LYS F 187 1.15 54.52 -49.85
N PRO F 188 2.23 55.32 -49.96
CA PRO F 188 3.03 55.23 -51.18
C PRO F 188 3.51 53.81 -51.43
N PHE F 189 3.62 53.03 -50.37
CA PHE F 189 4.03 51.64 -50.54
C PHE F 189 2.86 50.80 -51.02
N VAL F 190 1.66 51.12 -50.54
CA VAL F 190 0.48 50.42 -51.03
C VAL F 190 0.21 50.79 -52.49
N GLU F 191 0.73 51.94 -52.92
CA GLU F 191 0.66 52.33 -54.32
C GLU F 191 1.55 51.43 -55.17
N GLU F 192 2.68 51.05 -54.59
CA GLU F 192 3.69 50.24 -55.26
C GLU F 192 3.18 48.85 -55.66
N VAL F 193 2.28 48.29 -54.86
CA VAL F 193 1.79 46.94 -55.11
C VAL F 193 0.76 46.85 -56.24
N ILE F 194 -0.10 47.86 -56.37
CA ILE F 194 -1.04 47.91 -57.49
C ILE F 194 -0.33 48.32 -58.78
N ASP F 195 0.82 48.97 -58.66
CA ASP F 195 1.65 49.33 -59.81
C ASP F 195 2.67 48.23 -60.16
N ASN F 203 8.14 40.60 -53.66
CA ASN F 203 6.87 40.56 -54.40
C ASN F 203 5.65 40.53 -53.48
N GLU F 204 4.82 39.50 -53.60
CA GLU F 204 3.59 39.40 -52.82
C GLU F 204 3.85 39.28 -51.32
N LYS F 205 5.11 39.07 -50.95
CA LYS F 205 5.52 39.13 -49.56
C LYS F 205 5.13 40.48 -48.97
N LEU F 206 5.28 41.53 -49.78
CA LEU F 206 4.82 42.86 -49.42
C LEU F 206 3.31 42.83 -49.17
N LYS F 207 2.58 42.25 -50.12
CA LYS F 207 1.13 42.09 -49.96
C LYS F 207 0.79 41.52 -48.59
N ASP F 208 1.27 40.31 -48.30
CA ASP F 208 1.01 39.69 -47.00
C ASP F 208 1.48 40.51 -45.79
N GLU F 209 2.58 41.25 -45.95
CA GLU F 209 3.08 42.09 -44.85
C GLU F 209 2.10 43.21 -44.52
N LEU F 210 1.70 43.96 -45.55
CA LEU F 210 0.66 44.98 -45.41
C LEU F 210 -0.65 44.38 -44.89
N LEU F 211 -1.02 43.23 -45.41
CA LEU F 211 -2.21 42.49 -44.98
C LEU F 211 -2.21 42.21 -43.47
N LYS F 212 -1.15 41.60 -42.97
CA LYS F 212 -1.12 41.35 -41.53
C LYS F 212 -1.08 42.68 -40.77
N PHE F 213 -0.41 43.68 -41.33
CA PHE F 213 -0.38 44.99 -40.68
C PHE F 213 -1.78 45.59 -40.50
N CYS F 214 -2.61 45.45 -41.51
CA CYS F 214 -4.01 45.84 -41.40
C CYS F 214 -4.68 45.08 -40.25
N PHE F 215 -4.26 43.83 -40.03
CA PHE F 215 -4.88 43.01 -38.99
C PHE F 215 -4.45 43.42 -37.59
N LYS F 216 -3.22 43.92 -37.48
CA LYS F 216 -2.72 44.46 -36.22
C LYS F 216 -3.42 45.78 -35.90
N SER F 217 -3.38 46.71 -36.85
CA SER F 217 -4.11 47.98 -36.74
C SER F 217 -5.59 47.78 -36.42
N LEU F 218 -6.22 46.80 -37.06
CA LEU F 218 -7.59 46.42 -36.76
C LEU F 218 -7.68 45.91 -35.33
N LYS F 219 -6.64 45.19 -34.90
CA LYS F 219 -6.68 44.47 -33.63
C LYS F 219 -6.45 45.36 -32.41
N CYS F 220 -5.21 45.82 -32.20
CA CYS F 220 -4.96 46.61 -30.99
C CYS F 220 -5.77 47.92 -30.91
N PRO F 221 -5.52 48.86 -31.85
CA PRO F 221 -6.22 50.14 -31.77
C PRO F 221 -7.73 50.02 -31.97
N LEU F 222 -8.16 49.32 -33.01
CA LEU F 222 -9.54 49.49 -33.50
C LEU F 222 -10.61 48.73 -32.71
N LEU F 223 -10.16 47.99 -31.69
CA LEU F 223 -11.07 47.29 -30.80
C LEU F 223 -11.57 48.22 -29.70
N THR F 224 -10.61 48.76 -28.94
CA THR F 224 -10.87 49.77 -27.92
C THR F 224 -11.70 50.95 -28.44
N ALA F 225 -11.41 51.41 -29.66
CA ALA F 225 -12.40 52.18 -30.47
C ALA F 225 -13.09 53.38 -29.80
N GLN F 226 -14.41 53.25 -29.62
CA GLN F 226 -15.29 54.29 -29.08
C GLN F 226 -15.33 55.57 -29.93
N PHE F 227 -16.00 55.51 -31.07
CA PHE F 227 -16.18 56.67 -31.96
C PHE F 227 -17.15 57.71 -31.41
N PHE F 228 -16.93 58.97 -31.79
CA PHE F 228 -18.01 59.97 -31.78
C PHE F 228 -18.43 60.33 -30.35
N ASN F 236 -9.58 65.79 -35.40
CA ASN F 236 -10.99 65.65 -35.78
C ASN F 236 -11.37 64.26 -36.28
N ASP F 237 -12.10 63.52 -35.44
CA ASP F 237 -12.59 62.18 -35.77
C ASP F 237 -11.54 61.29 -36.44
N PRO F 238 -10.36 61.13 -35.81
CA PRO F 238 -9.21 60.46 -36.43
C PRO F 238 -9.48 58.99 -36.74
N PHE F 239 -10.13 58.30 -35.81
CA PHE F 239 -10.37 56.86 -35.98
C PHE F 239 -11.22 56.51 -37.20
N ARG F 240 -12.24 57.33 -37.50
CA ARG F 240 -12.97 57.16 -38.76
C ARG F 240 -11.99 57.08 -39.93
N TYR F 241 -11.10 58.08 -39.99
CA TYR F 241 -10.10 58.11 -41.02
C TYR F 241 -9.29 56.82 -40.97
N PHE F 242 -8.71 56.51 -39.82
CA PHE F 242 -7.78 55.39 -39.66
C PHE F 242 -8.38 54.04 -40.10
N ALA F 243 -9.52 53.73 -39.53
CA ALA F 243 -10.26 52.50 -39.80
C ALA F 243 -10.64 52.42 -41.27
N SER F 244 -11.39 53.44 -41.71
CA SER F 244 -11.85 53.53 -43.09
C SER F 244 -10.71 53.34 -44.08
N GLU F 245 -9.61 54.06 -43.84
CA GLU F 245 -8.49 54.10 -44.78
C GLU F 245 -7.73 52.79 -44.78
N ILE F 246 -7.61 52.15 -43.62
CA ILE F 246 -6.97 50.82 -43.53
C ILE F 246 -7.80 49.75 -44.26
N ILE F 247 -9.07 49.64 -43.88
CA ILE F 247 -10.01 48.81 -44.62
C ILE F 247 -9.89 49.08 -46.13
N GLY F 248 -9.68 50.35 -46.48
CA GLY F 248 -9.33 50.78 -47.83
C GLY F 248 -8.08 50.12 -48.41
N PHE F 249 -7.05 50.00 -47.59
CA PHE F 249 -5.83 49.27 -47.94
C PHE F 249 -6.07 47.79 -48.22
N LEU F 250 -6.86 47.14 -47.36
CA LEU F 250 -7.02 45.69 -47.49
C LEU F 250 -7.99 45.38 -48.62
N SER F 251 -8.79 46.38 -48.98
CA SER F 251 -9.64 46.30 -50.15
C SER F 251 -8.85 46.59 -51.43
N ALA F 252 -7.77 47.36 -51.30
CA ALA F 252 -6.88 47.64 -52.42
C ALA F 252 -5.89 46.49 -52.70
N ILE F 253 -5.52 45.76 -51.66
CA ILE F 253 -4.53 44.70 -51.74
C ILE F 253 -5.00 43.48 -52.53
N GLY F 254 -6.32 43.32 -52.60
CA GLY F 254 -6.91 42.06 -53.03
C GLY F 254 -7.52 41.37 -51.81
N HIS F 255 -8.41 40.42 -52.05
CA HIS F 255 -9.22 39.83 -50.98
C HIS F 255 -9.70 40.86 -49.95
N PRO F 256 -10.59 41.78 -50.37
CA PRO F 256 -11.16 42.77 -49.45
C PRO F 256 -11.98 42.08 -48.37
N PHE F 257 -12.55 42.84 -47.44
CA PHE F 257 -13.36 42.24 -46.37
C PHE F 257 -14.56 41.44 -46.89
N PRO F 258 -15.18 41.88 -48.01
CA PRO F 258 -16.13 40.99 -48.66
C PRO F 258 -15.41 39.74 -49.14
N LYS F 259 -16.07 38.59 -49.07
CA LYS F 259 -15.43 37.31 -49.40
C LYS F 259 -14.55 36.86 -48.24
N MET F 260 -14.30 37.78 -47.31
CA MET F 260 -13.71 37.43 -46.02
C MET F 260 -14.85 37.06 -45.10
N ILE F 261 -16.06 37.10 -45.68
CA ILE F 261 -17.19 36.32 -45.20
C ILE F 261 -16.95 34.89 -45.66
N ASN F 281 -5.38 31.07 -36.59
CA ASN F 281 -6.56 31.85 -36.21
C ASN F 281 -6.31 32.68 -34.94
N LYS F 282 -5.25 32.34 -34.22
CA LYS F 282 -4.90 33.05 -33.00
C LYS F 282 -4.54 34.50 -33.28
N GLN F 283 -4.96 35.40 -32.39
CA GLN F 283 -4.68 36.82 -32.54
C GLN F 283 -5.22 37.35 -33.86
N LEU F 284 -6.28 36.72 -34.36
CA LEU F 284 -6.84 37.09 -35.66
C LEU F 284 -8.33 37.40 -35.62
N ALA F 285 -9.07 36.70 -34.76
CA ALA F 285 -10.51 36.88 -34.67
C ALA F 285 -10.81 38.31 -34.23
N ASP F 286 -10.00 38.78 -33.28
CA ASP F 286 -10.12 40.14 -32.74
C ASP F 286 -10.19 41.15 -33.89
N SER F 287 -9.21 41.05 -34.78
CA SER F 287 -9.20 41.85 -36.00
C SER F 287 -10.54 41.69 -36.72
N MET F 288 -10.95 40.45 -36.95
CA MET F 288 -12.22 40.18 -37.64
C MET F 288 -13.42 40.84 -36.93
N ALA F 289 -13.41 40.90 -35.59
CA ALA F 289 -14.54 41.50 -34.90
C ALA F 289 -14.54 43.03 -34.99
N SER F 290 -13.34 43.60 -34.93
CA SER F 290 -13.27 45.06 -34.98
C SER F 290 -13.81 45.41 -36.33
N LEU F 291 -13.34 44.69 -37.34
CA LEU F 291 -13.79 44.82 -38.73
C LEU F 291 -15.31 44.73 -38.85
N ALA F 292 -15.88 43.59 -38.47
CA ALA F 292 -17.34 43.41 -38.54
C ALA F 292 -18.11 44.59 -37.92
N TYR F 293 -17.70 45.00 -36.72
CA TYR F 293 -18.35 46.15 -36.08
C TYR F 293 -18.19 47.46 -36.87
N LEU F 294 -16.96 47.79 -37.24
CA LEU F 294 -16.66 48.94 -38.07
C LEU F 294 -17.53 49.00 -39.32
N VAL F 295 -17.73 47.86 -39.97
CA VAL F 295 -18.53 47.81 -41.18
C VAL F 295 -20.04 47.92 -40.91
N PHE F 296 -20.56 47.03 -40.08
CA PHE F 296 -22.00 46.97 -39.88
C PHE F 296 -22.59 47.96 -38.87
N VAL F 297 -21.85 48.26 -37.82
CA VAL F 297 -22.33 49.28 -36.90
C VAL F 297 -22.01 50.72 -37.34
N GLN F 298 -20.75 50.94 -37.71
CA GLN F 298 -20.21 52.28 -37.90
C GLN F 298 -20.29 52.68 -39.36
N GLY F 299 -20.93 51.83 -40.16
CA GLY F 299 -21.12 52.09 -41.59
C GLY F 299 -19.90 52.51 -42.40
N ILE F 300 -18.81 51.75 -42.34
CA ILE F 300 -17.62 52.07 -43.16
C ILE F 300 -17.39 51.13 -44.37
N HIS F 301 -17.25 51.72 -45.55
CA HIS F 301 -17.06 50.98 -46.81
C HIS F 301 -18.06 49.85 -47.02
N ILE F 302 -19.30 50.04 -46.56
CA ILE F 302 -20.36 49.13 -46.89
C ILE F 302 -20.68 49.25 -48.37
N ASP F 303 -20.08 50.25 -49.00
CA ASP F 303 -20.17 50.43 -50.44
C ASP F 303 -19.63 49.19 -51.15
N GLN F 304 -18.60 48.60 -50.55
CA GLN F 304 -17.94 47.42 -51.10
C GLN F 304 -18.83 46.18 -51.01
N LEU F 305 -19.85 46.26 -50.18
CA LEU F 305 -20.75 45.14 -49.97
C LEU F 305 -21.77 45.05 -51.09
N PRO F 306 -22.21 43.82 -51.40
CA PRO F 306 -23.38 43.63 -52.27
C PRO F 306 -24.58 44.36 -51.66
N MET F 307 -25.43 44.98 -52.49
CA MET F 307 -26.49 45.84 -51.96
C MET F 307 -27.69 45.07 -51.42
N VAL F 308 -27.74 43.77 -51.65
CA VAL F 308 -28.64 42.91 -50.89
C VAL F 308 -27.92 41.63 -50.47
N LEU F 309 -27.89 41.35 -49.15
CA LEU F 309 -27.48 40.03 -48.68
C LEU F 309 -28.43 39.52 -47.59
N SER F 310 -28.22 38.29 -47.12
CA SER F 310 -29.22 37.64 -46.25
C SER F 310 -29.07 37.98 -44.77
N PRO F 311 -30.17 38.42 -44.15
CA PRO F 311 -30.08 38.93 -42.78
C PRO F 311 -29.70 37.81 -41.81
N LEU F 312 -30.17 36.60 -42.13
CA LEU F 312 -29.93 35.44 -41.29
C LEU F 312 -28.51 34.90 -41.51
N TYR F 313 -28.06 34.93 -42.76
CA TYR F 313 -26.69 34.59 -43.08
C TYR F 313 -25.71 35.50 -42.34
N LEU F 314 -25.93 36.80 -42.48
CA LEU F 314 -25.08 37.79 -41.81
C LEU F 314 -25.15 37.64 -40.28
N LEU F 315 -26.33 37.31 -39.76
CA LEU F 315 -26.48 37.02 -38.34
C LEU F 315 -25.54 35.87 -37.93
N GLN F 316 -25.58 34.77 -38.67
CA GLN F 316 -24.64 33.69 -38.41
C GLN F 316 -23.20 34.22 -38.39
N PHE F 317 -22.86 35.05 -39.36
CA PHE F 317 -21.49 35.60 -39.43
C PHE F 317 -21.09 36.39 -38.18
N ASN F 318 -21.91 37.37 -37.83
CA ASN F 318 -21.61 38.29 -36.73
C ASN F 318 -21.76 37.70 -35.34
N MET F 319 -22.68 36.75 -35.17
CA MET F 319 -22.89 36.19 -33.83
C MET F 319 -21.55 35.83 -33.20
N GLY F 320 -20.65 35.27 -33.99
CA GLY F 320 -19.31 34.91 -33.52
C GLY F 320 -18.55 36.09 -32.94
N HIS F 321 -18.41 37.14 -33.74
CA HIS F 321 -17.77 38.40 -33.34
C HIS F 321 -18.40 39.05 -32.11
N ILE F 322 -19.74 39.01 -32.03
CA ILE F 322 -20.43 39.53 -30.86
C ILE F 322 -19.98 38.73 -29.65
N GLU F 323 -19.91 37.41 -29.83
CA GLU F 323 -19.48 36.49 -28.79
C GLU F 323 -18.07 36.84 -28.31
N VAL F 324 -17.22 37.24 -29.24
CA VAL F 324 -15.88 37.69 -28.90
C VAL F 324 -15.97 38.94 -28.03
N PHE F 325 -16.77 39.90 -28.47
CA PHE F 325 -16.94 41.14 -27.71
C PHE F 325 -17.40 40.92 -26.27
N LEU F 326 -18.44 40.11 -26.08
CA LEU F 326 -19.03 39.91 -24.76
C LEU F 326 -18.05 39.36 -23.72
N GLN F 327 -17.06 38.62 -24.21
CA GLN F 327 -16.07 38.02 -23.34
C GLN F 327 -15.01 39.04 -22.97
N ARG F 328 -15.05 40.21 -23.58
CA ARG F 328 -14.09 41.25 -23.18
C ARG F 328 -14.62 42.19 -22.07
N THR F 329 -13.76 43.11 -21.67
CA THR F 329 -13.88 43.73 -20.35
C THR F 329 -14.28 45.19 -20.45
N GLU F 330 -13.42 45.98 -21.08
CA GLU F 330 -13.63 47.41 -21.17
C GLU F 330 -15.01 47.71 -21.73
N GLU F 331 -15.71 48.59 -21.03
CA GLU F 331 -17.07 48.94 -21.42
C GLU F 331 -17.13 49.17 -22.92
N SER F 332 -16.11 49.80 -23.48
CA SER F 332 -16.12 50.03 -24.92
C SER F 332 -16.39 48.73 -25.67
N VAL F 333 -15.45 47.80 -25.58
CA VAL F 333 -15.52 46.58 -26.36
C VAL F 333 -16.92 45.91 -26.26
N ILE F 334 -17.41 45.78 -25.04
CA ILE F 334 -18.67 45.08 -24.83
C ILE F 334 -19.89 45.86 -25.34
N SER F 335 -19.77 47.19 -25.31
CA SER F 335 -20.77 48.07 -25.91
C SER F 335 -20.82 47.75 -27.40
N LYS F 336 -19.66 47.82 -28.06
CA LYS F 336 -19.57 47.44 -29.47
C LYS F 336 -20.26 46.09 -29.77
N GLY F 337 -19.93 45.06 -29.01
CA GLY F 337 -20.61 43.79 -29.19
C GLY F 337 -22.12 43.86 -29.02
N LEU F 338 -22.59 44.72 -28.15
CA LEU F 338 -24.02 44.94 -28.00
C LEU F 338 -24.67 45.67 -29.20
N GLU F 339 -24.02 46.72 -29.68
CA GLU F 339 -24.52 47.47 -30.83
C GLU F 339 -24.61 46.51 -32.00
N LEU F 340 -23.47 45.91 -32.32
CA LEU F 340 -23.40 44.91 -33.37
C LEU F 340 -24.50 43.87 -33.18
N LEU F 341 -24.67 43.38 -31.98
CA LEU F 341 -25.71 42.37 -31.80
C LEU F 341 -27.08 42.89 -32.27
N GLU F 342 -27.52 44.02 -31.72
CA GLU F 342 -28.79 44.66 -32.13
C GLU F 342 -28.94 44.91 -33.63
N ASN F 343 -27.96 45.62 -34.20
CA ASN F 343 -27.88 45.85 -35.63
C ASN F 343 -28.12 44.52 -36.36
N SER F 344 -27.52 43.46 -35.83
CA SER F 344 -27.60 42.11 -36.39
C SER F 344 -29.00 41.50 -36.28
N LEU F 345 -29.65 41.78 -35.18
CA LEU F 345 -30.92 41.14 -34.83
C LEU F 345 -32.18 41.74 -35.42
N LEU F 346 -32.19 43.05 -35.60
CA LEU F 346 -33.47 43.68 -35.86
C LEU F 346 -33.94 43.34 -37.26
N ARG F 347 -33.05 42.79 -38.09
CA ARG F 347 -33.47 42.38 -39.43
C ARG F 347 -34.01 40.94 -39.56
N ILE F 348 -34.17 40.25 -38.43
CA ILE F 348 -34.78 38.93 -38.43
C ILE F 348 -36.24 39.05 -38.02
N GLU F 349 -37.14 38.37 -38.74
CA GLU F 349 -38.55 38.36 -38.33
C GLU F 349 -38.73 37.73 -36.95
N ASP F 350 -39.70 38.23 -36.19
CA ASP F 350 -40.08 37.69 -34.87
C ASP F 350 -40.51 36.22 -34.90
N ASN F 351 -40.05 35.45 -33.91
CA ASN F 351 -40.42 34.02 -33.78
C ASN F 351 -39.91 33.19 -34.97
N SER F 352 -39.28 33.85 -35.92
CA SER F 352 -38.76 33.14 -37.07
C SER F 352 -37.39 32.44 -36.85
N LEU F 353 -36.62 32.87 -35.85
CA LEU F 353 -35.26 32.31 -35.64
C LEU F 353 -35.26 30.83 -35.18
N LEU F 354 -34.51 29.99 -35.90
CA LEU F 354 -34.75 28.55 -35.96
C LEU F 354 -33.83 27.68 -35.11
N TYR F 355 -34.39 26.65 -34.47
CA TYR F 355 -33.67 25.88 -33.45
C TYR F 355 -32.25 25.53 -33.86
N GLN F 356 -32.12 25.00 -35.07
CA GLN F 356 -30.83 24.51 -35.53
C GLN F 356 -29.72 25.53 -35.21
N TYR F 357 -30.04 26.82 -35.22
CA TYR F 357 -29.00 27.84 -35.17
C TYR F 357 -28.28 27.89 -33.83
N LEU F 358 -28.97 27.47 -32.77
CA LEU F 358 -28.38 27.47 -31.43
C LEU F 358 -27.65 26.14 -31.14
N GLU F 359 -27.55 25.30 -32.18
CA GLU F 359 -26.62 24.18 -32.20
C GLU F 359 -25.22 24.71 -32.52
N ILE F 360 -25.15 25.99 -32.87
CA ILE F 360 -23.88 26.70 -33.04
C ILE F 360 -23.48 27.40 -31.74
N LYS F 361 -22.25 27.15 -31.30
CA LYS F 361 -21.80 27.59 -29.98
C LYS F 361 -22.15 29.06 -29.73
N SER F 362 -21.84 29.90 -30.72
CA SER F 362 -22.12 31.33 -30.61
C SER F 362 -23.52 31.48 -30.06
N PHE F 363 -24.45 30.75 -30.67
CA PHE F 363 -25.84 30.97 -30.37
C PHE F 363 -26.30 30.70 -28.96
N LEU F 364 -25.81 29.65 -28.30
CA LEU F 364 -26.16 29.53 -26.88
C LEU F 364 -25.25 30.29 -25.90
N THR F 365 -24.03 30.59 -26.33
CA THR F 365 -23.08 31.32 -25.50
C THR F 365 -23.40 32.80 -25.34
N VAL F 366 -23.77 33.45 -26.45
CA VAL F 366 -24.07 34.88 -26.42
C VAL F 366 -25.18 35.25 -25.42
N PRO F 367 -26.28 34.48 -25.38
CA PRO F 367 -27.29 34.74 -24.34
C PRO F 367 -26.62 34.68 -22.99
N GLN F 368 -25.78 33.67 -22.81
CA GLN F 368 -25.03 33.49 -21.59
C GLN F 368 -24.15 34.72 -21.31
N GLY F 369 -23.33 35.12 -22.28
CA GLY F 369 -22.59 36.37 -22.16
C GLY F 369 -23.47 37.58 -21.80
N LEU F 370 -24.69 37.59 -22.32
CA LEU F 370 -25.59 38.67 -21.97
C LEU F 370 -25.94 38.65 -20.49
N VAL F 371 -26.06 37.45 -19.90
CA VAL F 371 -26.34 37.39 -18.45
C VAL F 371 -25.13 37.75 -17.60
N LYS F 372 -23.93 37.45 -18.09
CA LYS F 372 -22.71 37.87 -17.41
C LYS F 372 -22.66 39.39 -17.28
N VAL F 373 -22.72 40.08 -18.43
CA VAL F 373 -22.82 41.54 -18.50
C VAL F 373 -23.94 42.15 -17.66
N MET F 374 -25.14 41.60 -17.79
CA MET F 374 -26.28 42.16 -17.08
C MET F 374 -26.17 42.00 -15.58
N THR F 375 -25.23 41.16 -15.14
CA THR F 375 -25.01 40.81 -13.72
C THR F 375 -23.66 41.35 -13.23
N LEU F 376 -22.60 41.04 -13.98
CA LEU F 376 -21.25 41.47 -13.62
C LEU F 376 -20.80 42.90 -13.98
N CYS F 377 -21.23 43.40 -15.13
CA CYS F 377 -20.81 44.74 -15.59
C CYS F 377 -21.28 45.87 -14.67
N PRO F 378 -20.34 46.78 -14.34
CA PRO F 378 -20.50 47.96 -13.47
C PRO F 378 -21.55 48.93 -14.00
N ILE F 379 -21.65 49.05 -15.32
CA ILE F 379 -22.41 50.12 -15.94
C ILE F 379 -23.88 49.77 -16.13
N GLU F 380 -24.73 50.53 -15.41
CA GLU F 380 -26.17 50.30 -15.39
C GLU F 380 -26.64 50.28 -16.83
N THR F 381 -26.19 51.26 -17.59
CA THR F 381 -26.68 51.39 -18.96
C THR F 381 -26.41 50.08 -19.71
N LEU F 382 -25.14 49.66 -19.75
CA LEU F 382 -24.75 48.38 -20.33
C LEU F 382 -25.64 47.23 -19.84
N ARG F 383 -25.85 47.13 -18.52
CA ARG F 383 -26.70 46.07 -17.97
C ARG F 383 -28.12 46.06 -18.57
N LYS F 384 -28.74 47.24 -18.60
CA LYS F 384 -30.14 47.37 -19.01
C LYS F 384 -30.27 47.05 -20.49
N LYS F 385 -29.28 47.52 -21.26
CA LYS F 385 -29.21 47.18 -22.66
C LYS F 385 -29.10 45.67 -22.85
N SER F 386 -28.08 45.06 -22.26
CA SER F 386 -27.91 43.62 -22.35
C SER F 386 -29.17 42.83 -21.96
N LEU F 387 -29.94 43.32 -20.98
CA LEU F 387 -31.24 42.67 -20.65
C LEU F 387 -32.24 42.83 -21.79
N ALA F 388 -32.26 44.03 -22.38
CA ALA F 388 -33.07 44.32 -23.55
C ALA F 388 -32.79 43.38 -24.71
N MET F 389 -31.52 43.38 -25.12
CA MET F 389 -30.99 42.47 -26.13
C MET F 389 -31.37 41.02 -25.87
N LEU F 390 -31.26 40.56 -24.63
CA LEU F 390 -31.72 39.22 -24.33
C LEU F 390 -33.20 39.01 -24.64
N GLN F 391 -34.06 39.90 -24.15
CA GLN F 391 -35.47 39.85 -24.54
C GLN F 391 -35.66 39.83 -26.07
N LEU F 392 -34.75 40.49 -26.75
CA LEU F 392 -34.83 40.66 -28.19
C LEU F 392 -34.59 39.33 -28.92
N TYR F 393 -33.46 38.73 -28.55
CA TYR F 393 -33.07 37.39 -28.95
C TYR F 393 -34.16 36.35 -28.70
N ILE F 394 -34.62 36.29 -27.45
CA ILE F 394 -35.74 35.44 -27.14
C ILE F 394 -36.86 35.68 -28.15
N ASN F 395 -37.21 36.94 -28.37
CA ASN F 395 -38.30 37.29 -29.29
C ASN F 395 -38.16 36.71 -30.70
N LYS F 396 -36.95 36.69 -31.22
CA LYS F 396 -36.74 36.09 -32.54
C LYS F 396 -36.84 34.54 -32.61
N LEU F 397 -36.51 33.85 -31.53
CA LEU F 397 -36.40 32.40 -31.58
C LEU F 397 -37.69 31.63 -31.85
N ASP F 398 -37.50 30.43 -32.43
CA ASP F 398 -38.54 29.41 -32.55
C ASP F 398 -39.16 29.13 -31.20
N SER F 399 -40.44 28.76 -31.21
CA SER F 399 -41.06 28.27 -30.00
C SER F 399 -40.13 27.26 -29.33
N GLN F 400 -39.65 26.28 -30.12
CA GLN F 400 -38.68 25.29 -29.64
C GLN F 400 -37.40 25.93 -29.11
N GLY F 401 -36.90 26.92 -29.86
CA GLY F 401 -35.71 27.65 -29.45
C GLY F 401 -35.95 28.37 -28.14
N LYS F 402 -37.16 28.90 -27.97
CA LYS F 402 -37.51 29.57 -26.72
C LYS F 402 -37.40 28.59 -25.58
N TYR F 403 -38.01 27.42 -25.77
CA TYR F 403 -37.91 26.30 -24.81
C TYR F 403 -36.46 25.98 -24.42
N THR F 404 -35.65 25.73 -25.44
CA THR F 404 -34.25 25.36 -25.28
C THR F 404 -33.40 26.40 -24.57
N LEU F 405 -33.49 27.66 -25.02
CA LEU F 405 -32.81 28.75 -24.34
C LEU F 405 -33.24 28.80 -22.89
N PHE F 406 -34.56 28.74 -22.67
CA PHE F 406 -35.08 28.73 -21.31
C PHE F 406 -34.47 27.67 -20.41
N ARG F 407 -34.39 26.42 -20.86
CA ARG F 407 -33.72 25.36 -20.08
C ARG F 407 -32.30 25.79 -19.78
N CYS F 408 -31.59 26.09 -20.86
CA CYS F 408 -30.18 26.43 -20.80
C CYS F 408 -29.85 27.52 -19.76
N LEU F 409 -30.55 28.64 -19.84
CA LEU F 409 -30.35 29.75 -18.91
C LEU F 409 -30.98 29.45 -17.54
N LEU F 410 -32.01 28.60 -17.51
CA LEU F 410 -32.58 28.16 -16.24
C LEU F 410 -31.59 27.29 -15.45
N ASN F 411 -30.55 26.82 -16.13
CA ASN F 411 -29.46 26.13 -15.44
C ASN F 411 -28.22 27.00 -15.25
N THR F 412 -27.57 27.37 -16.35
CA THR F 412 -26.32 28.13 -16.29
C THR F 412 -26.32 29.38 -15.38
N SER F 413 -27.49 29.96 -15.13
CA SER F 413 -27.57 31.34 -14.64
C SER F 413 -27.29 31.54 -13.16
N ASN F 414 -27.90 30.74 -12.30
CA ASN F 414 -27.63 30.84 -10.86
C ASN F 414 -27.86 32.23 -10.32
N HIS F 415 -28.86 32.86 -10.90
CA HIS F 415 -29.28 34.15 -10.46
C HIS F 415 -30.78 34.11 -10.44
N SER F 416 -31.36 34.18 -9.25
CA SER F 416 -32.80 34.02 -9.08
C SER F 416 -33.52 35.05 -9.93
N GLY F 417 -32.93 36.23 -10.04
CA GLY F 417 -33.62 37.30 -10.74
C GLY F 417 -33.81 36.93 -12.19
N VAL F 418 -32.69 36.73 -12.88
CA VAL F 418 -32.71 36.25 -14.25
C VAL F 418 -33.69 35.07 -14.42
N GLU F 419 -33.67 34.14 -13.46
CA GLU F 419 -34.58 33.03 -13.58
C GLU F 419 -36.04 33.47 -13.62
N ALA F 420 -36.48 34.19 -12.60
CA ALA F 420 -37.86 34.72 -12.61
C ALA F 420 -38.22 35.36 -13.97
N PHE F 421 -37.31 36.16 -14.54
CA PHE F 421 -37.51 36.71 -15.90
C PHE F 421 -37.88 35.59 -16.90
N ILE F 422 -36.96 34.64 -17.04
CA ILE F 422 -37.19 33.48 -17.89
C ILE F 422 -38.58 32.87 -17.66
N ILE F 423 -38.91 32.65 -16.39
CA ILE F 423 -40.20 32.10 -16.01
C ILE F 423 -41.36 32.91 -16.59
N GLN F 424 -41.30 34.24 -16.44
CA GLN F 424 -42.31 35.14 -17.01
C GLN F 424 -42.48 34.91 -18.51
N ASN F 425 -41.38 35.04 -19.25
CA ASN F 425 -41.37 34.70 -20.67
C ASN F 425 -42.07 33.38 -20.96
N ILE F 426 -41.83 32.39 -20.10
CA ILE F 426 -42.45 31.07 -20.25
C ILE F 426 -43.97 31.11 -20.17
N LYS F 427 -44.47 31.75 -19.10
CA LYS F 427 -45.90 32.01 -18.97
C LYS F 427 -46.42 32.62 -20.27
N ASN F 428 -45.72 33.66 -20.73
CA ASN F 428 -46.06 34.33 -21.96
C ASN F 428 -46.22 33.33 -23.09
N GLN F 429 -45.23 32.45 -23.22
CA GLN F 429 -45.24 31.44 -24.27
C GLN F 429 -46.39 30.46 -24.16
N ILE F 430 -46.85 30.22 -22.94
CA ILE F 430 -47.96 29.29 -22.70
C ILE F 430 -49.27 29.93 -23.10
N ASP F 431 -49.37 31.23 -22.83
CA ASP F 431 -50.54 32.02 -23.19
C ASP F 431 -50.63 32.10 -24.72
N MET F 432 -49.50 32.38 -25.37
CA MET F 432 -49.47 32.44 -26.84
C MET F 432 -49.62 31.07 -27.51
N SER F 433 -49.62 30.02 -26.70
CA SER F 433 -49.74 28.65 -27.21
C SER F 433 -51.18 28.22 -27.23
N LEU F 434 -52.08 29.15 -26.94
CA LEU F 434 -53.51 28.89 -26.97
C LEU F 434 -54.26 29.96 -27.78
N LYS F 441 -47.45 21.53 -29.96
CA LYS F 441 -46.79 22.71 -29.38
C LYS F 441 -45.92 22.35 -28.17
N TRP F 442 -44.84 23.10 -27.99
CA TRP F 442 -43.82 22.83 -26.96
C TRP F 442 -44.19 23.31 -25.56
N PHE F 443 -44.91 24.43 -25.47
CA PHE F 443 -45.25 25.04 -24.18
C PHE F 443 -46.59 24.58 -23.59
N THR F 444 -47.20 23.54 -24.17
CA THR F 444 -48.49 23.05 -23.69
C THR F 444 -48.43 21.72 -22.94
N GLY F 445 -48.20 20.63 -23.66
CA GLY F 445 -48.29 19.29 -23.09
C GLY F 445 -47.10 19.00 -22.21
N PRO F 446 -46.81 17.70 -22.03
CA PRO F 446 -45.80 17.15 -21.12
C PRO F 446 -44.41 17.75 -21.32
N GLN F 447 -44.18 18.21 -22.54
CA GLN F 447 -43.03 19.09 -22.76
C GLN F 447 -43.13 20.35 -21.88
N LEU F 448 -44.32 20.69 -21.39
CA LEU F 448 -44.42 21.73 -20.38
C LEU F 448 -43.91 21.20 -19.05
N ILE F 449 -44.33 19.99 -18.70
CA ILE F 449 -43.93 19.33 -17.45
C ILE F 449 -42.41 19.26 -17.32
N SER F 450 -41.75 18.79 -18.36
CA SER F 450 -40.31 18.72 -18.32
C SER F 450 -39.73 20.07 -17.85
N LEU F 451 -40.27 21.17 -18.37
CA LEU F 451 -39.79 22.49 -17.98
C LEU F 451 -40.18 22.87 -16.55
N LEU F 452 -41.46 22.70 -16.25
CA LEU F 452 -41.99 23.03 -14.93
C LEU F 452 -41.17 22.41 -13.81
N ASP F 453 -40.88 21.12 -13.93
CA ASP F 453 -40.12 20.45 -12.89
C ASP F 453 -38.73 21.10 -12.72
N LEU F 454 -38.30 21.85 -13.73
CA LEU F 454 -37.13 22.72 -13.64
C LEU F 454 -37.49 24.06 -12.97
N VAL F 455 -38.77 24.43 -13.09
CA VAL F 455 -39.25 25.70 -12.55
C VAL F 455 -39.51 25.67 -11.05
N LEU F 456 -40.21 24.63 -10.61
CA LEU F 456 -40.59 24.53 -9.20
C LEU F 456 -39.65 23.68 -8.36
N PHE F 457 -38.53 23.24 -8.95
CA PHE F 457 -37.51 22.55 -8.16
C PHE F 457 -37.10 23.48 -7.03
N LEU F 458 -37.16 22.97 -5.80
CA LEU F 458 -37.07 23.82 -4.60
C LEU F 458 -35.74 24.57 -4.40
N PRO F 459 -34.60 23.86 -4.43
CA PRO F 459 -34.38 22.43 -4.24
C PRO F 459 -34.43 22.04 -2.77
N GLU F 460 -34.06 22.98 -1.92
CA GLU F 460 -33.74 22.69 -0.53
C GLU F 460 -34.99 22.52 0.34
N GLY F 461 -36.15 22.74 -0.25
CA GLY F 461 -37.42 22.56 0.46
C GLY F 461 -37.50 23.51 1.63
N ALA F 462 -37.98 23.03 2.77
CA ALA F 462 -38.02 23.88 3.94
C ALA F 462 -36.63 24.50 4.12
N GLU F 463 -36.60 25.81 4.40
CA GLU F 463 -35.36 26.59 4.44
C GLU F 463 -34.56 26.48 3.14
N THR F 464 -35.16 26.98 2.07
CA THR F 464 -34.50 27.10 0.79
C THR F 464 -33.89 28.50 0.67
N ASP F 465 -33.91 29.23 1.78
CA ASP F 465 -33.55 30.64 1.81
C ASP F 465 -34.53 31.44 0.97
N LEU F 466 -35.76 31.49 1.45
CA LEU F 466 -36.88 32.09 0.75
C LEU F 466 -36.68 33.59 0.47
N LEU F 467 -35.81 34.25 1.25
CA LEU F 467 -35.45 35.65 0.97
C LEU F 467 -34.74 35.81 -0.37
N GLN F 468 -33.61 35.13 -0.55
CA GLN F 468 -33.11 34.89 -1.90
C GLN F 468 -34.15 33.98 -2.57
N ASN F 469 -34.19 33.93 -3.89
CA ASN F 469 -35.16 33.07 -4.54
C ASN F 469 -36.60 33.55 -4.44
N SER F 470 -36.84 34.60 -3.66
CA SER F 470 -38.20 35.13 -3.51
C SER F 470 -38.81 35.51 -4.85
N ASP F 471 -37.98 36.03 -5.74
CA ASP F 471 -38.47 36.52 -7.01
C ASP F 471 -38.76 35.38 -7.96
N ARG F 472 -37.93 34.34 -7.86
CA ARG F 472 -38.15 33.12 -8.63
C ARG F 472 -39.38 32.46 -8.05
N ILE F 473 -39.51 32.51 -6.73
CA ILE F 473 -40.65 31.88 -6.07
C ILE F 473 -41.97 32.51 -6.49
N MET F 474 -42.03 33.83 -6.43
CA MET F 474 -43.20 34.61 -6.83
C MET F 474 -43.48 34.42 -8.30
N ALA F 475 -42.42 34.45 -9.10
CA ALA F 475 -42.56 34.17 -10.51
C ALA F 475 -43.36 32.88 -10.64
N SER F 476 -42.90 31.82 -9.97
CA SER F 476 -43.44 30.49 -10.14
C SER F 476 -44.88 30.36 -9.64
N LEU F 477 -45.13 30.96 -8.48
CA LEU F 477 -46.46 30.94 -7.90
C LEU F 477 -47.45 31.62 -8.83
N ASN F 478 -47.02 32.69 -9.48
CA ASN F 478 -47.91 33.36 -10.40
C ASN F 478 -48.16 32.58 -11.70
N LEU F 479 -47.09 32.04 -12.28
CA LEU F 479 -47.24 31.02 -13.35
C LEU F 479 -48.28 29.94 -12.95
N LEU F 480 -48.17 29.49 -11.71
CA LEU F 480 -49.11 28.56 -11.14
C LEU F 480 -50.55 29.09 -11.22
N ARG F 481 -50.74 30.32 -10.75
CA ARG F 481 -52.06 30.95 -10.69
C ARG F 481 -52.70 30.97 -12.07
N TYR F 482 -51.93 31.43 -13.04
CA TYR F 482 -52.38 31.50 -14.42
C TYR F 482 -52.82 30.13 -14.91
N LEU F 483 -51.95 29.13 -14.73
CA LEU F 483 -52.23 27.77 -15.17
C LEU F 483 -53.53 27.23 -14.56
N VAL F 484 -53.74 27.54 -13.28
CA VAL F 484 -54.93 27.08 -12.59
C VAL F 484 -56.20 27.74 -13.14
N ILE F 485 -56.13 29.04 -13.41
CA ILE F 485 -57.34 29.74 -13.87
C ILE F 485 -57.67 29.43 -15.34
N LYS F 486 -56.64 29.48 -16.18
CA LYS F 486 -56.71 29.24 -17.63
C LYS F 486 -57.17 27.83 -18.07
N ASP F 487 -56.59 26.80 -17.47
CA ASP F 487 -56.85 25.41 -17.89
C ASP F 487 -57.96 24.77 -17.05
N ASN F 488 -58.81 23.96 -17.68
CA ASN F 488 -59.92 23.34 -16.95
C ASN F 488 -59.74 21.86 -16.68
N GLU F 489 -60.27 21.40 -15.55
CA GLU F 489 -60.34 19.97 -15.28
C GLU F 489 -61.06 19.31 -16.44
N ASN F 490 -62.22 19.86 -16.79
CA ASN F 490 -63.02 19.36 -17.90
C ASN F 490 -62.20 19.19 -19.18
N ASP F 491 -61.81 20.30 -19.81
CA ASP F 491 -60.88 20.21 -20.93
C ASP F 491 -59.48 20.51 -20.41
N ASN F 492 -58.62 19.50 -20.42
CA ASN F 492 -57.27 19.70 -19.94
C ASN F 492 -56.22 19.67 -21.04
N GLN F 493 -55.35 20.69 -21.04
CA GLN F 493 -54.33 20.87 -22.07
C GLN F 493 -52.90 20.87 -21.51
N THR F 494 -52.62 21.85 -20.65
CA THR F 494 -51.34 22.00 -19.96
C THR F 494 -51.10 20.90 -18.93
N GLY F 495 -49.84 20.72 -18.53
CA GLY F 495 -49.51 20.61 -17.11
C GLY F 495 -50.41 19.73 -16.28
N LEU F 496 -50.99 20.38 -15.28
CA LEU F 496 -51.95 19.78 -14.36
C LEU F 496 -53.14 19.41 -15.22
N TRP F 497 -54.16 18.78 -14.67
CA TRP F 497 -54.25 18.41 -13.27
C TRP F 497 -53.65 17.02 -13.06
N THR F 498 -53.04 16.48 -14.12
CA THR F 498 -52.28 15.24 -14.02
C THR F 498 -51.16 15.43 -12.99
N GLU F 499 -50.46 16.54 -13.12
CA GLU F 499 -49.28 16.84 -12.31
C GLU F 499 -49.61 17.61 -11.03
N LEU F 500 -50.89 17.80 -10.77
CA LEU F 500 -51.34 18.59 -9.63
C LEU F 500 -50.77 18.14 -8.29
N GLY F 501 -51.21 16.97 -7.81
CA GLY F 501 -50.75 16.47 -6.54
C GLY F 501 -49.24 16.47 -6.39
N ASN F 502 -48.55 16.17 -7.49
CA ASN F 502 -47.10 16.16 -7.51
C ASN F 502 -46.54 17.53 -7.14
N ILE F 503 -47.19 18.56 -7.67
CA ILE F 503 -46.82 19.94 -7.42
C ILE F 503 -47.20 20.37 -5.99
N GLU F 504 -48.38 19.94 -5.54
CA GLU F 504 -48.84 20.23 -4.19
C GLU F 504 -47.83 19.72 -3.18
N ASN F 505 -47.38 18.49 -3.36
CA ASN F 505 -46.46 17.90 -2.40
C ASN F 505 -45.02 18.39 -2.55
N ASN F 506 -44.55 18.52 -3.79
CA ASN F 506 -43.13 18.84 -3.99
C ASN F 506 -42.82 20.33 -4.05
N PHE F 507 -43.85 21.17 -4.03
CA PHE F 507 -43.68 22.62 -4.04
C PHE F 507 -44.48 23.35 -2.94
N LEU F 508 -45.79 23.21 -2.99
CA LEU F 508 -46.70 23.99 -2.13
C LEU F 508 -46.53 23.72 -0.64
N LYS F 509 -46.61 22.45 -0.24
CA LYS F 509 -46.51 22.08 1.17
C LYS F 509 -45.12 22.35 1.77
N PRO F 510 -44.05 21.97 1.04
CA PRO F 510 -42.74 22.37 1.53
C PRO F 510 -42.62 23.88 1.55
N LEU F 511 -43.33 24.56 0.66
CA LEU F 511 -43.24 26.02 0.60
C LEU F 511 -43.85 26.63 1.86
N HIS F 512 -45.01 26.08 2.24
CA HIS F 512 -45.66 26.44 3.49
C HIS F 512 -44.71 26.20 4.67
N ILE F 513 -44.22 24.97 4.81
CA ILE F 513 -43.30 24.62 5.89
C ILE F 513 -42.13 25.62 5.96
N GLY F 514 -41.47 25.81 4.82
CA GLY F 514 -40.39 26.79 4.71
C GLY F 514 -40.79 28.15 5.25
N LEU F 515 -41.97 28.64 4.83
CA LEU F 515 -42.51 29.88 5.38
C LEU F 515 -42.64 29.87 6.91
N ASN F 516 -43.39 28.93 7.48
CA ASN F 516 -43.55 28.90 8.94
C ASN F 516 -42.23 28.88 9.70
N MET F 517 -41.27 28.16 9.13
CA MET F 517 -39.94 28.10 9.72
C MET F 517 -39.23 29.44 9.69
N SER F 518 -39.00 29.98 8.50
CA SER F 518 -38.35 31.29 8.38
C SER F 518 -39.06 32.38 9.21
N LYS F 519 -40.38 32.47 9.07
CA LYS F 519 -41.13 33.42 9.87
C LYS F 519 -40.84 33.22 11.37
N ALA F 520 -41.23 32.09 11.94
CA ALA F 520 -41.04 31.91 13.40
C ALA F 520 -39.58 32.12 13.84
N HIS F 521 -38.65 31.86 12.92
CA HIS F 521 -37.23 32.08 13.13
C HIS F 521 -36.91 33.57 13.23
N TYR F 522 -37.27 34.34 12.22
CA TYR F 522 -37.04 35.77 12.27
C TYR F 522 -37.74 36.46 13.44
N GLU F 523 -39.03 36.22 13.61
CA GLU F 523 -39.73 36.79 14.73
C GLU F 523 -39.11 36.36 16.07
N ALA F 524 -38.61 35.14 16.15
CA ALA F 524 -37.93 34.70 17.36
C ALA F 524 -36.61 35.47 17.58
N GLU F 525 -35.95 35.81 16.49
CA GLU F 525 -34.70 36.55 16.56
C GLU F 525 -34.95 37.99 17.02
N ILE F 526 -36.06 38.58 16.57
CA ILE F 526 -36.53 39.88 17.07
C ILE F 526 -36.86 39.81 18.56
N LYS F 527 -37.58 38.77 18.96
CA LYS F 527 -37.97 38.60 20.36
C LYS F 527 -36.74 38.57 21.24
N ASN F 528 -35.77 37.74 20.87
CA ASN F 528 -34.57 37.61 21.68
C ASN F 528 -33.70 38.86 21.62
N SER F 529 -33.71 39.53 20.46
CA SER F 529 -32.96 40.76 20.28
C SER F 529 -33.50 41.85 21.20
N GLN F 530 -34.81 41.85 21.41
CA GLN F 530 -35.42 42.86 22.26
C GLN F 530 -35.06 42.66 23.72
N GLU F 531 -35.22 41.43 24.20
CA GLU F 531 -34.92 41.14 25.61
C GLU F 531 -33.42 41.15 25.86
N ALA F 532 -32.67 41.20 24.77
CA ALA F 532 -31.21 41.17 24.83
C ALA F 532 -30.60 42.55 24.96
N GLN F 533 -31.43 43.59 24.96
CA GLN F 533 -30.93 44.94 25.21
C GLN F 533 -31.38 45.46 26.56
N LYS F 534 -30.42 45.54 27.49
CA LYS F 534 -30.63 46.13 28.81
C LYS F 534 -29.36 46.03 29.68
N PRO F 552 -29.65 53.76 17.94
CA PRO F 552 -30.99 53.30 18.33
C PRO F 552 -31.32 51.95 17.70
N PRO F 553 -31.34 50.88 18.52
CA PRO F 553 -31.43 49.49 18.06
C PRO F 553 -32.72 49.17 17.33
N GLU F 554 -33.82 49.76 17.81
CA GLU F 554 -35.11 49.57 17.18
C GLU F 554 -34.96 49.78 15.67
N MET F 555 -34.12 50.74 15.28
CA MET F 555 -33.78 50.98 13.88
C MET F 555 -33.10 49.77 13.25
N GLN F 556 -32.10 49.23 13.94
CA GLN F 556 -31.33 48.09 13.43
C GLN F 556 -32.16 46.83 13.18
N LEU F 557 -33.07 46.53 14.10
CA LEU F 557 -34.00 45.43 13.90
C LEU F 557 -34.84 45.45 12.61
N LYS F 558 -35.12 46.62 12.04
CA LYS F 558 -36.00 46.70 10.85
C LYS F 558 -35.60 45.73 9.71
N VAL F 559 -34.30 45.45 9.61
CA VAL F 559 -33.77 44.53 8.59
C VAL F 559 -34.47 43.17 8.64
N LEU F 560 -34.90 42.80 9.84
CA LEU F 560 -35.65 41.58 10.09
C LEU F 560 -37.10 41.70 9.64
N HIS F 561 -37.70 42.85 9.95
CA HIS F 561 -39.07 43.17 9.54
C HIS F 561 -39.26 43.10 8.03
N SER F 562 -38.28 43.58 7.26
CA SER F 562 -38.40 43.46 5.81
C SER F 562 -38.59 42.00 5.34
N ALA F 563 -37.74 41.13 5.86
CA ALA F 563 -37.78 39.72 5.52
C ALA F 563 -39.15 39.18 5.90
N LEU F 564 -39.57 39.52 7.11
CA LEU F 564 -40.89 39.12 7.57
C LEU F 564 -41.98 39.50 6.57
N PHE F 565 -41.93 40.74 6.08
CA PHE F 565 -42.87 41.17 5.04
C PHE F 565 -42.77 40.24 3.82
N THR F 566 -41.58 40.09 3.26
CA THR F 566 -41.41 39.24 2.07
C THR F 566 -42.11 37.88 2.23
N PHE F 567 -41.88 37.26 3.38
CA PHE F 567 -42.59 36.04 3.73
C PHE F 567 -44.09 36.25 3.68
N ASP F 568 -44.56 37.37 4.22
CA ASP F 568 -46.01 37.67 4.23
C ASP F 568 -46.59 37.67 2.82
N LEU F 569 -45.88 38.34 1.92
CA LEU F 569 -46.32 38.48 0.54
C LEU F 569 -46.43 37.12 -0.11
N ILE F 570 -45.31 36.39 -0.11
CA ILE F 570 -45.31 35.04 -0.69
C ILE F 570 -46.42 34.16 -0.06
N GLU F 571 -46.64 34.34 1.23
CA GLU F 571 -47.73 33.65 1.91
C GLU F 571 -49.05 34.02 1.23
N SER F 572 -49.21 35.28 0.86
CA SER F 572 -50.47 35.77 0.30
C SER F 572 -50.75 35.20 -1.08
N VAL F 573 -49.75 35.24 -1.95
CA VAL F 573 -49.84 34.63 -3.28
C VAL F 573 -50.09 33.11 -3.20
N LEU F 574 -49.46 32.49 -2.22
CA LEU F 574 -49.65 31.06 -1.97
C LEU F 574 -51.11 30.77 -1.66
N ALA F 575 -51.57 31.30 -0.53
CA ALA F 575 -52.93 31.06 -0.10
C ALA F 575 -53.89 31.44 -1.22
N ARG F 576 -53.47 32.37 -2.08
CA ARG F 576 -54.29 32.72 -3.23
C ARG F 576 -54.44 31.51 -4.14
N VAL F 577 -53.30 30.99 -4.60
CA VAL F 577 -53.29 29.78 -5.43
C VAL F 577 -54.13 28.65 -4.84
N GLU F 578 -53.86 28.32 -3.58
CA GLU F 578 -54.56 27.25 -2.90
C GLU F 578 -56.08 27.49 -2.85
N GLU F 579 -56.47 28.73 -2.60
CA GLU F 579 -57.88 29.09 -2.61
C GLU F 579 -58.48 28.79 -3.98
N LEU F 580 -57.79 29.24 -5.02
CA LEU F 580 -58.25 29.01 -6.39
C LEU F 580 -58.47 27.54 -6.67
N ILE F 581 -57.44 26.73 -6.38
CA ILE F 581 -57.49 25.28 -6.57
C ILE F 581 -58.65 24.64 -5.81
N GLU F 582 -58.82 25.05 -4.55
CA GLU F 582 -59.98 24.63 -3.78
C GLU F 582 -61.26 24.97 -4.53
N ILE F 583 -61.28 26.14 -5.16
CA ILE F 583 -62.47 26.62 -5.86
C ILE F 583 -62.81 25.78 -7.08
N LYS F 584 -61.80 25.48 -7.89
CA LYS F 584 -61.98 24.83 -9.19
C LYS F 584 -62.37 23.37 -8.93
N THR F 585 -61.46 22.62 -8.30
CA THR F 585 -61.81 21.38 -7.56
C THR F 585 -60.53 20.77 -6.99
ZN ZN G . 48.46 -29.21 22.70
ZN ZN H . 41.50 -22.51 32.45
ZN ZN I . 55.42 -31.00 22.37
ZN ZN J . -50.24 42.58 -10.41
ZN ZN K . -45.29 51.13 -0.61
ZN ZN L . -56.71 42.49 -13.58
#